data_8ILZ
# 
_entry.id   8ILZ 
# 
_audit_conform.dict_name       mmcif_pdbx.dic 
_audit_conform.dict_version    5.392 
_audit_conform.dict_location   http://mmcif.pdb.org/dictionaries/ascii/mmcif_pdbx.dic 
# 
loop_
_database_2.database_id 
_database_2.database_code 
_database_2.pdbx_database_accession 
_database_2.pdbx_DOI 
PDB   8ILZ         pdb_00008ilz 10.2210/pdb8ilz/pdb 
WWPDB D_1300036015 ?            ?                   
# 
loop_
_pdbx_audit_revision_history.ordinal 
_pdbx_audit_revision_history.data_content_type 
_pdbx_audit_revision_history.major_revision 
_pdbx_audit_revision_history.minor_revision 
_pdbx_audit_revision_history.revision_date 
1 'Structure model' 1 0 2023-04-26 
2 'Structure model' 1 1 2024-05-29 
# 
_pdbx_audit_revision_details.ordinal             1 
_pdbx_audit_revision_details.revision_ordinal    1 
_pdbx_audit_revision_details.data_content_type   'Structure model' 
_pdbx_audit_revision_details.provider            repository 
_pdbx_audit_revision_details.type                'Initial release' 
_pdbx_audit_revision_details.description         ? 
_pdbx_audit_revision_details.details             ? 
# 
_pdbx_audit_revision_group.ordinal             1 
_pdbx_audit_revision_group.revision_ordinal    2 
_pdbx_audit_revision_group.data_content_type   'Structure model' 
_pdbx_audit_revision_group.group               'Data collection' 
# 
loop_
_pdbx_audit_revision_category.ordinal 
_pdbx_audit_revision_category.revision_ordinal 
_pdbx_audit_revision_category.data_content_type 
_pdbx_audit_revision_category.category 
1 2 'Structure model' chem_comp_atom 
2 2 'Structure model' chem_comp_bond 
# 
_pdbx_database_status.status_code                     REL 
_pdbx_database_status.status_code_sf                  REL 
_pdbx_database_status.status_code_mr                  ? 
_pdbx_database_status.entry_id                        8ILZ 
_pdbx_database_status.recvd_initial_deposition_date   2023-03-05 
_pdbx_database_status.SG_entry                        N 
_pdbx_database_status.deposit_site                    PDBJ 
_pdbx_database_status.process_site                    PDBJ 
_pdbx_database_status.status_code_cs                  ? 
_pdbx_database_status.status_code_nmr_data            ? 
_pdbx_database_status.methods_development_category    ? 
_pdbx_database_status.pdb_format_compatible           Y 
# 
_pdbx_contact_author.id                 1 
_pdbx_contact_author.email              xuchaor@ustc.edu.cn 
_pdbx_contact_author.name_first         Chao 
_pdbx_contact_author.name_last          Xu 
_pdbx_contact_author.name_mi            ? 
_pdbx_contact_author.role               'principal investigator/group leader' 
_pdbx_contact_author.identifier_ORCID   0000-0003-0444-7080 
# 
loop_
_audit_author.name 
_audit_author.pdbx_ordinal 
_audit_author.identifier_ORCID 
'Bao, S.' 1 0009-0000-8203-8149 
'Xu, C.'  2 0000-0003-0444-7080 
# 
_citation.abstract                  ? 
_citation.abstract_id_CAS           ? 
_citation.book_id_ISBN              ? 
_citation.book_publisher            ? 
_citation.book_publisher_city       ? 
_citation.book_title                ? 
_citation.coordinate_linkage        ? 
_citation.country                   US 
_citation.database_id_Medline       ? 
_citation.details                   ? 
_citation.id                        primary 
_citation.journal_abbrev            Biochem.Biophys.Res.Commun. 
_citation.journal_id_ASTM           BBRCA9 
_citation.journal_id_CSD            0146 
_citation.journal_id_ISSN           1090-2104 
_citation.journal_full              ? 
_citation.journal_issue             ? 
_citation.journal_volume            658 
_citation.language                  ? 
_citation.page_first                136 
_citation.page_last                 140 
_citation.title                     'Molecular insight into the SETD1A/B N-terminal region and its interaction with WDR82.' 
_citation.year                      2023 
_citation.database_id_CSD           ? 
_citation.pdbx_database_id_DOI      10.1016/j.bbrc.2023.03.064 
_citation.pdbx_database_id_PubMed   37030068 
_citation.pdbx_database_id_patent   ? 
_citation.unpublished_flag          ? 
# 
loop_
_citation_author.citation_id 
_citation_author.name 
_citation_author.ordinal 
_citation_author.identifier_ORCID 
primary 'Bao, S.' 1 ? 
primary 'Xu, C.'  2 ? 
# 
loop_
_entity.id 
_entity.type 
_entity.src_method 
_entity.pdbx_description 
_entity.formula_weight 
_entity.pdbx_number_of_molecules 
_entity.pdbx_ec 
_entity.pdbx_mutation 
_entity.pdbx_fragment 
_entity.details 
1 polymer man 'Histone-lysine N-methyltransferase SETD1B' 11836.742 1   2.1.1.364 ? ? ? 
2 water   nat water                                       18.015    104 ?         ? ? ? 
# 
_entity_name_com.entity_id   1 
_entity_name_com.name        'Lysine N-methyltransferase 2G,SET domain-containing protein 1B,hSET1B' 
# 
_entity_poly.entity_id                      1 
_entity_poly.type                           'polypeptide(L)' 
_entity_poly.nstd_linkage                   no 
_entity_poly.nstd_monomer                   no 
_entity_poly.pdbx_seq_one_letter_code       
;PKQVTFAKLNDNIRENFLRDMCKKYGEVEEVEILYNPKTKKHLGIAKVVFATVRGAKDAVQHLHSTSVMGNIIHVELDTK
GETRMRFYELLVTGRYTPQTLPV
;
_entity_poly.pdbx_seq_one_letter_code_can   
;PKQVTFAKLNDNIRENFLRDMCKKYGEVEEVEILYNPKTKKHLGIAKVVFATVRGAKDAVQHLHSTSVMGNIIHVELDTK
GETRMRFYELLVTGRYTPQTLPV
;
_entity_poly.pdbx_strand_id                 A 
_entity_poly.pdbx_target_identifier         ? 
# 
_pdbx_entity_nonpoly.entity_id   2 
_pdbx_entity_nonpoly.name        water 
_pdbx_entity_nonpoly.comp_id     HOH 
# 
loop_
_entity_poly_seq.entity_id 
_entity_poly_seq.num 
_entity_poly_seq.mon_id 
_entity_poly_seq.hetero 
1 1   PRO n 
1 2   LYS n 
1 3   GLN n 
1 4   VAL n 
1 5   THR n 
1 6   PHE n 
1 7   ALA n 
1 8   LYS n 
1 9   LEU n 
1 10  ASN n 
1 11  ASP n 
1 12  ASN n 
1 13  ILE n 
1 14  ARG n 
1 15  GLU n 
1 16  ASN n 
1 17  PHE n 
1 18  LEU n 
1 19  ARG n 
1 20  ASP n 
1 21  MET n 
1 22  CYS n 
1 23  LYS n 
1 24  LYS n 
1 25  TYR n 
1 26  GLY n 
1 27  GLU n 
1 28  VAL n 
1 29  GLU n 
1 30  GLU n 
1 31  VAL n 
1 32  GLU n 
1 33  ILE n 
1 34  LEU n 
1 35  TYR n 
1 36  ASN n 
1 37  PRO n 
1 38  LYS n 
1 39  THR n 
1 40  LYS n 
1 41  LYS n 
1 42  HIS n 
1 43  LEU n 
1 44  GLY n 
1 45  ILE n 
1 46  ALA n 
1 47  LYS n 
1 48  VAL n 
1 49  VAL n 
1 50  PHE n 
1 51  ALA n 
1 52  THR n 
1 53  VAL n 
1 54  ARG n 
1 55  GLY n 
1 56  ALA n 
1 57  LYS n 
1 58  ASP n 
1 59  ALA n 
1 60  VAL n 
1 61  GLN n 
1 62  HIS n 
1 63  LEU n 
1 64  HIS n 
1 65  SER n 
1 66  THR n 
1 67  SER n 
1 68  VAL n 
1 69  MET n 
1 70  GLY n 
1 71  ASN n 
1 72  ILE n 
1 73  ILE n 
1 74  HIS n 
1 75  VAL n 
1 76  GLU n 
1 77  LEU n 
1 78  ASP n 
1 79  THR n 
1 80  LYS n 
1 81  GLY n 
1 82  GLU n 
1 83  THR n 
1 84  ARG n 
1 85  MET n 
1 86  ARG n 
1 87  PHE n 
1 88  TYR n 
1 89  GLU n 
1 90  LEU n 
1 91  LEU n 
1 92  VAL n 
1 93  THR n 
1 94  GLY n 
1 95  ARG n 
1 96  TYR n 
1 97  THR n 
1 98  PRO n 
1 99  GLN n 
1 100 THR n 
1 101 LEU n 
1 102 PRO n 
1 103 VAL n 
# 
_entity_src_gen.entity_id                          1 
_entity_src_gen.pdbx_src_id                        1 
_entity_src_gen.pdbx_alt_source_flag               sample 
_entity_src_gen.pdbx_seq_type                      'Biological sequence' 
_entity_src_gen.pdbx_beg_seq_num                   1 
_entity_src_gen.pdbx_end_seq_num                   103 
_entity_src_gen.gene_src_common_name               human 
_entity_src_gen.gene_src_genus                     ? 
_entity_src_gen.pdbx_gene_src_gene                 'SETD1B, KIAA1076, KMT2G, SET1B' 
_entity_src_gen.gene_src_species                   ? 
_entity_src_gen.gene_src_strain                    ? 
_entity_src_gen.gene_src_tissue                    ? 
_entity_src_gen.gene_src_tissue_fraction           ? 
_entity_src_gen.gene_src_details                   ? 
_entity_src_gen.pdbx_gene_src_fragment             ? 
_entity_src_gen.pdbx_gene_src_scientific_name      'Homo sapiens' 
_entity_src_gen.pdbx_gene_src_ncbi_taxonomy_id     9606 
_entity_src_gen.pdbx_gene_src_variant              ? 
_entity_src_gen.pdbx_gene_src_cell_line            ? 
_entity_src_gen.pdbx_gene_src_atcc                 ? 
_entity_src_gen.pdbx_gene_src_organ                ? 
_entity_src_gen.pdbx_gene_src_organelle            ? 
_entity_src_gen.pdbx_gene_src_cell                 ? 
_entity_src_gen.pdbx_gene_src_cellular_location    ? 
_entity_src_gen.host_org_common_name               ? 
_entity_src_gen.pdbx_host_org_scientific_name      'Escherichia coli' 
_entity_src_gen.pdbx_host_org_ncbi_taxonomy_id     562 
_entity_src_gen.host_org_genus                     ? 
_entity_src_gen.pdbx_host_org_gene                 ? 
_entity_src_gen.pdbx_host_org_organ                ? 
_entity_src_gen.host_org_species                   ? 
_entity_src_gen.pdbx_host_org_tissue               ? 
_entity_src_gen.pdbx_host_org_tissue_fraction      ? 
_entity_src_gen.pdbx_host_org_strain               ? 
_entity_src_gen.pdbx_host_org_variant              ? 
_entity_src_gen.pdbx_host_org_cell_line            ? 
_entity_src_gen.pdbx_host_org_atcc                 ? 
_entity_src_gen.pdbx_host_org_culture_collection   ? 
_entity_src_gen.pdbx_host_org_cell                 ? 
_entity_src_gen.pdbx_host_org_organelle            ? 
_entity_src_gen.pdbx_host_org_cellular_location    ? 
_entity_src_gen.pdbx_host_org_vector_type          ? 
_entity_src_gen.pdbx_host_org_vector               ? 
_entity_src_gen.host_org_details                   ? 
_entity_src_gen.expression_system_id               ? 
_entity_src_gen.plasmid_name                       ? 
_entity_src_gen.plasmid_details                    ? 
_entity_src_gen.pdbx_description                   ? 
# 
loop_
_chem_comp.id 
_chem_comp.type 
_chem_comp.mon_nstd_flag 
_chem_comp.name 
_chem_comp.pdbx_synonyms 
_chem_comp.formula 
_chem_comp.formula_weight 
ALA 'L-peptide linking' y ALANINE         ? 'C3 H7 N O2'     89.093  
ARG 'L-peptide linking' y ARGININE        ? 'C6 H15 N4 O2 1' 175.209 
ASN 'L-peptide linking' y ASPARAGINE      ? 'C4 H8 N2 O3'    132.118 
ASP 'L-peptide linking' y 'ASPARTIC ACID' ? 'C4 H7 N O4'     133.103 
CYS 'L-peptide linking' y CYSTEINE        ? 'C3 H7 N O2 S'   121.158 
GLN 'L-peptide linking' y GLUTAMINE       ? 'C5 H10 N2 O3'   146.144 
GLU 'L-peptide linking' y 'GLUTAMIC ACID' ? 'C5 H9 N O4'     147.129 
GLY 'peptide linking'   y GLYCINE         ? 'C2 H5 N O2'     75.067  
HIS 'L-peptide linking' y HISTIDINE       ? 'C6 H10 N3 O2 1' 156.162 
HOH non-polymer         . WATER           ? 'H2 O'           18.015  
ILE 'L-peptide linking' y ISOLEUCINE      ? 'C6 H13 N O2'    131.173 
LEU 'L-peptide linking' y LEUCINE         ? 'C6 H13 N O2'    131.173 
LYS 'L-peptide linking' y LYSINE          ? 'C6 H15 N2 O2 1' 147.195 
MET 'L-peptide linking' y METHIONINE      ? 'C5 H11 N O2 S'  149.211 
PHE 'L-peptide linking' y PHENYLALANINE   ? 'C9 H11 N O2'    165.189 
PRO 'L-peptide linking' y PROLINE         ? 'C5 H9 N O2'     115.130 
SER 'L-peptide linking' y SERINE          ? 'C3 H7 N O3'     105.093 
THR 'L-peptide linking' y THREONINE       ? 'C4 H9 N O3'     119.119 
TYR 'L-peptide linking' y TYROSINE        ? 'C9 H11 N O3'    181.189 
VAL 'L-peptide linking' y VALINE          ? 'C5 H11 N O2'    117.146 
# 
loop_
_pdbx_poly_seq_scheme.asym_id 
_pdbx_poly_seq_scheme.entity_id 
_pdbx_poly_seq_scheme.seq_id 
_pdbx_poly_seq_scheme.mon_id 
_pdbx_poly_seq_scheme.ndb_seq_num 
_pdbx_poly_seq_scheme.pdb_seq_num 
_pdbx_poly_seq_scheme.auth_seq_num 
_pdbx_poly_seq_scheme.pdb_mon_id 
_pdbx_poly_seq_scheme.auth_mon_id 
_pdbx_poly_seq_scheme.pdb_strand_id 
_pdbx_poly_seq_scheme.pdb_ins_code 
_pdbx_poly_seq_scheme.hetero 
A 1 1   PRO 1   102 102 PRO PRO A . n 
A 1 2   LYS 2   103 103 LYS LYS A . n 
A 1 3   GLN 3   104 104 GLN GLN A . n 
A 1 4   VAL 4   105 105 VAL VAL A . n 
A 1 5   THR 5   106 106 THR THR A . n 
A 1 6   PHE 6   107 107 PHE PHE A . n 
A 1 7   ALA 7   108 108 ALA ALA A . n 
A 1 8   LYS 8   109 109 LYS LYS A . n 
A 1 9   LEU 9   110 110 LEU LEU A . n 
A 1 10  ASN 10  111 111 ASN ASN A . n 
A 1 11  ASP 11  112 112 ASP ASP A . n 
A 1 12  ASN 12  113 113 ASN ASN A . n 
A 1 13  ILE 13  114 114 ILE ILE A . n 
A 1 14  ARG 14  115 115 ARG ARG A . n 
A 1 15  GLU 15  116 116 GLU GLU A . n 
A 1 16  ASN 16  117 117 ASN ASN A . n 
A 1 17  PHE 17  118 118 PHE PHE A . n 
A 1 18  LEU 18  119 119 LEU LEU A . n 
A 1 19  ARG 19  120 120 ARG ARG A . n 
A 1 20  ASP 20  121 121 ASP ASP A . n 
A 1 21  MET 21  122 122 MET MET A . n 
A 1 22  CYS 22  123 123 CYS CYS A . n 
A 1 23  LYS 23  124 124 LYS LYS A . n 
A 1 24  LYS 24  125 125 LYS LYS A . n 
A 1 25  TYR 25  126 126 TYR TYR A . n 
A 1 26  GLY 26  127 127 GLY GLY A . n 
A 1 27  GLU 27  128 128 GLU GLU A . n 
A 1 28  VAL 28  129 129 VAL VAL A . n 
A 1 29  GLU 29  130 130 GLU GLU A . n 
A 1 30  GLU 30  131 131 GLU GLU A . n 
A 1 31  VAL 31  132 132 VAL VAL A . n 
A 1 32  GLU 32  133 133 GLU GLU A . n 
A 1 33  ILE 33  134 134 ILE ILE A . n 
A 1 34  LEU 34  135 135 LEU LEU A . n 
A 1 35  TYR 35  136 136 TYR TYR A . n 
A 1 36  ASN 36  137 137 ASN ASN A . n 
A 1 37  PRO 37  138 138 PRO PRO A . n 
A 1 38  LYS 38  139 139 LYS LYS A . n 
A 1 39  THR 39  140 140 THR THR A . n 
A 1 40  LYS 40  141 141 LYS LYS A . n 
A 1 41  LYS 41  142 142 LYS LYS A . n 
A 1 42  HIS 42  143 143 HIS HIS A . n 
A 1 43  LEU 43  144 144 LEU LEU A . n 
A 1 44  GLY 44  145 145 GLY GLY A . n 
A 1 45  ILE 45  146 146 ILE ILE A . n 
A 1 46  ALA 46  147 147 ALA ALA A . n 
A 1 47  LYS 47  148 148 LYS LYS A . n 
A 1 48  VAL 48  149 149 VAL VAL A . n 
A 1 49  VAL 49  150 150 VAL VAL A . n 
A 1 50  PHE 50  151 151 PHE PHE A . n 
A 1 51  ALA 51  152 152 ALA ALA A . n 
A 1 52  THR 52  153 153 THR THR A . n 
A 1 53  VAL 53  154 154 VAL VAL A . n 
A 1 54  ARG 54  155 155 ARG ARG A . n 
A 1 55  GLY 55  156 156 GLY GLY A . n 
A 1 56  ALA 56  157 157 ALA ALA A . n 
A 1 57  LYS 57  158 158 LYS LYS A . n 
A 1 58  ASP 58  159 159 ASP ASP A . n 
A 1 59  ALA 59  160 160 ALA ALA A . n 
A 1 60  VAL 60  161 161 VAL VAL A . n 
A 1 61  GLN 61  162 162 GLN GLN A . n 
A 1 62  HIS 62  163 163 HIS HIS A . n 
A 1 63  LEU 63  164 164 LEU LEU A . n 
A 1 64  HIS 64  165 165 HIS HIS A . n 
A 1 65  SER 65  166 166 SER SER A . n 
A 1 66  THR 66  167 167 THR THR A . n 
A 1 67  SER 67  168 168 SER SER A . n 
A 1 68  VAL 68  169 169 VAL VAL A . n 
A 1 69  MET 69  170 170 MET MET A . n 
A 1 70  GLY 70  171 171 GLY GLY A . n 
A 1 71  ASN 71  172 172 ASN ASN A . n 
A 1 72  ILE 72  173 173 ILE ILE A . n 
A 1 73  ILE 73  174 174 ILE ILE A . n 
A 1 74  HIS 74  175 175 HIS HIS A . n 
A 1 75  VAL 75  176 176 VAL VAL A . n 
A 1 76  GLU 76  177 177 GLU GLU A . n 
A 1 77  LEU 77  178 178 LEU LEU A . n 
A 1 78  ASP 78  179 179 ASP ASP A . n 
A 1 79  THR 79  180 180 THR THR A . n 
A 1 80  LYS 80  181 181 LYS LYS A . n 
A 1 81  GLY 81  182 182 GLY GLY A . n 
A 1 82  GLU 82  183 183 GLU GLU A . n 
A 1 83  THR 83  184 184 THR THR A . n 
A 1 84  ARG 84  185 185 ARG ARG A . n 
A 1 85  MET 85  186 186 MET MET A . n 
A 1 86  ARG 86  187 187 ARG ARG A . n 
A 1 87  PHE 87  188 188 PHE PHE A . n 
A 1 88  TYR 88  189 189 TYR TYR A . n 
A 1 89  GLU 89  190 190 GLU GLU A . n 
A 1 90  LEU 90  191 191 LEU LEU A . n 
A 1 91  LEU 91  192 192 LEU LEU A . n 
A 1 92  VAL 92  193 193 VAL VAL A . n 
A 1 93  THR 93  194 194 THR THR A . n 
A 1 94  GLY 94  195 195 GLY GLY A . n 
A 1 95  ARG 95  196 196 ARG ARG A . n 
A 1 96  TYR 96  197 197 TYR TYR A . n 
A 1 97  THR 97  198 198 THR THR A . n 
A 1 98  PRO 98  199 199 PRO PRO A . n 
A 1 99  GLN 99  200 200 GLN GLN A . n 
A 1 100 THR 100 201 201 THR THR A . n 
A 1 101 LEU 101 202 202 LEU LEU A . n 
A 1 102 PRO 102 203 203 PRO PRO A . n 
A 1 103 VAL 103 204 204 VAL VAL A . n 
# 
loop_
_pdbx_nonpoly_scheme.asym_id 
_pdbx_nonpoly_scheme.entity_id 
_pdbx_nonpoly_scheme.mon_id 
_pdbx_nonpoly_scheme.ndb_seq_num 
_pdbx_nonpoly_scheme.pdb_seq_num 
_pdbx_nonpoly_scheme.auth_seq_num 
_pdbx_nonpoly_scheme.pdb_mon_id 
_pdbx_nonpoly_scheme.auth_mon_id 
_pdbx_nonpoly_scheme.pdb_strand_id 
_pdbx_nonpoly_scheme.pdb_ins_code 
B 2 HOH 1   301 71  HOH HOH A . 
B 2 HOH 2   302 98  HOH HOH A . 
B 2 HOH 3   303 72  HOH HOH A . 
B 2 HOH 4   304 92  HOH HOH A . 
B 2 HOH 5   305 61  HOH HOH A . 
B 2 HOH 6   306 29  HOH HOH A . 
B 2 HOH 7   307 21  HOH HOH A . 
B 2 HOH 8   308 64  HOH HOH A . 
B 2 HOH 9   309 45  HOH HOH A . 
B 2 HOH 10  310 49  HOH HOH A . 
B 2 HOH 11  311 93  HOH HOH A . 
B 2 HOH 12  312 90  HOH HOH A . 
B 2 HOH 13  313 84  HOH HOH A . 
B 2 HOH 14  314 77  HOH HOH A . 
B 2 HOH 15  315 12  HOH HOH A . 
B 2 HOH 16  316 104 HOH HOH A . 
B 2 HOH 17  317 30  HOH HOH A . 
B 2 HOH 18  318 86  HOH HOH A . 
B 2 HOH 19  319 4   HOH HOH A . 
B 2 HOH 20  320 79  HOH HOH A . 
B 2 HOH 21  321 19  HOH HOH A . 
B 2 HOH 22  322 78  HOH HOH A . 
B 2 HOH 23  323 17  HOH HOH A . 
B 2 HOH 24  324 18  HOH HOH A . 
B 2 HOH 25  325 69  HOH HOH A . 
B 2 HOH 26  326 11  HOH HOH A . 
B 2 HOH 27  327 82  HOH HOH A . 
B 2 HOH 28  328 80  HOH HOH A . 
B 2 HOH 29  329 50  HOH HOH A . 
B 2 HOH 30  330 10  HOH HOH A . 
B 2 HOH 31  331 42  HOH HOH A . 
B 2 HOH 32  332 28  HOH HOH A . 
B 2 HOH 33  333 68  HOH HOH A . 
B 2 HOH 34  334 22  HOH HOH A . 
B 2 HOH 35  335 8   HOH HOH A . 
B 2 HOH 36  336 91  HOH HOH A . 
B 2 HOH 37  337 5   HOH HOH A . 
B 2 HOH 38  338 13  HOH HOH A . 
B 2 HOH 39  339 59  HOH HOH A . 
B 2 HOH 40  340 81  HOH HOH A . 
B 2 HOH 41  341 38  HOH HOH A . 
B 2 HOH 42  342 66  HOH HOH A . 
B 2 HOH 43  343 14  HOH HOH A . 
B 2 HOH 44  344 32  HOH HOH A . 
B 2 HOH 45  345 58  HOH HOH A . 
B 2 HOH 46  346 23  HOH HOH A . 
B 2 HOH 47  347 52  HOH HOH A . 
B 2 HOH 48  348 35  HOH HOH A . 
B 2 HOH 49  349 27  HOH HOH A . 
B 2 HOH 50  350 9   HOH HOH A . 
B 2 HOH 51  351 37  HOH HOH A . 
B 2 HOH 52  352 36  HOH HOH A . 
B 2 HOH 53  353 75  HOH HOH A . 
B 2 HOH 54  354 44  HOH HOH A . 
B 2 HOH 55  355 57  HOH HOH A . 
B 2 HOH 56  356 83  HOH HOH A . 
B 2 HOH 57  357 85  HOH HOH A . 
B 2 HOH 58  358 53  HOH HOH A . 
B 2 HOH 59  359 24  HOH HOH A . 
B 2 HOH 60  360 3   HOH HOH A . 
B 2 HOH 61  361 7   HOH HOH A . 
B 2 HOH 62  362 87  HOH HOH A . 
B 2 HOH 63  363 47  HOH HOH A . 
B 2 HOH 64  364 6   HOH HOH A . 
B 2 HOH 65  365 2   HOH HOH A . 
B 2 HOH 66  366 54  HOH HOH A . 
B 2 HOH 67  367 70  HOH HOH A . 
B 2 HOH 68  368 65  HOH HOH A . 
B 2 HOH 69  369 74  HOH HOH A . 
B 2 HOH 70  370 40  HOH HOH A . 
B 2 HOH 71  371 55  HOH HOH A . 
B 2 HOH 72  372 99  HOH HOH A . 
B 2 HOH 73  373 56  HOH HOH A . 
B 2 HOH 74  374 15  HOH HOH A . 
B 2 HOH 75  375 88  HOH HOH A . 
B 2 HOH 76  376 51  HOH HOH A . 
B 2 HOH 77  377 48  HOH HOH A . 
B 2 HOH 78  378 20  HOH HOH A . 
B 2 HOH 79  379 67  HOH HOH A . 
B 2 HOH 80  380 43  HOH HOH A . 
B 2 HOH 81  381 60  HOH HOH A . 
B 2 HOH 82  382 97  HOH HOH A . 
B 2 HOH 83  383 100 HOH HOH A . 
B 2 HOH 84  384 16  HOH HOH A . 
B 2 HOH 85  385 1   HOH HOH A . 
B 2 HOH 86  386 46  HOH HOH A . 
B 2 HOH 87  387 26  HOH HOH A . 
B 2 HOH 88  388 76  HOH HOH A . 
B 2 HOH 89  389 39  HOH HOH A . 
B 2 HOH 90  390 25  HOH HOH A . 
B 2 HOH 91  391 105 HOH HOH A . 
B 2 HOH 92  392 62  HOH HOH A . 
B 2 HOH 93  393 89  HOH HOH A . 
B 2 HOH 94  394 102 HOH HOH A . 
B 2 HOH 95  395 94  HOH HOH A . 
B 2 HOH 96  396 34  HOH HOH A . 
B 2 HOH 97  397 63  HOH HOH A . 
B 2 HOH 98  398 73  HOH HOH A . 
B 2 HOH 99  399 41  HOH HOH A . 
B 2 HOH 100 400 31  HOH HOH A . 
B 2 HOH 101 401 33  HOH HOH A . 
B 2 HOH 102 402 101 HOH HOH A . 
B 2 HOH 103 403 96  HOH HOH A . 
B 2 HOH 104 404 103 HOH HOH A . 
# 
loop_
_pdbx_unobs_or_zero_occ_atoms.id 
_pdbx_unobs_or_zero_occ_atoms.PDB_model_num 
_pdbx_unobs_or_zero_occ_atoms.polymer_flag 
_pdbx_unobs_or_zero_occ_atoms.occupancy_flag 
_pdbx_unobs_or_zero_occ_atoms.auth_asym_id 
_pdbx_unobs_or_zero_occ_atoms.auth_comp_id 
_pdbx_unobs_or_zero_occ_atoms.auth_seq_id 
_pdbx_unobs_or_zero_occ_atoms.PDB_ins_code 
_pdbx_unobs_or_zero_occ_atoms.auth_atom_id 
_pdbx_unobs_or_zero_occ_atoms.label_alt_id 
_pdbx_unobs_or_zero_occ_atoms.label_asym_id 
_pdbx_unobs_or_zero_occ_atoms.label_comp_id 
_pdbx_unobs_or_zero_occ_atoms.label_seq_id 
_pdbx_unobs_or_zero_occ_atoms.label_atom_id 
1 1 Y 1 A GLU 128 ? CG  ? A GLU 27 CG  
2 1 Y 1 A GLU 128 ? CD  ? A GLU 27 CD  
3 1 Y 1 A GLU 128 ? OE1 ? A GLU 27 OE1 
4 1 Y 1 A GLU 128 ? OE2 ? A GLU 27 OE2 
# 
loop_
_software.citation_id 
_software.classification 
_software.compiler_name 
_software.compiler_version 
_software.contact_author 
_software.contact_author_email 
_software.date 
_software.description 
_software.dependencies 
_software.hardware 
_software.language 
_software.location 
_software.mods 
_software.name 
_software.os 
_software.os_version 
_software.type 
_software.version 
_software.pdbx_ordinal 
? refinement        ? ? ? ? ? ? ? ? ? ? ? PHENIX      ? ? ? 1.20.1_4487 1 
? 'data extraction' ? ? ? ? ? ? ? ? ? ? ? PDB_EXTRACT ? ? ? 1.20.1_4487 2 
? 'data reduction'  ? ? ? ? ? ? ? ? ? ? ? XDS         ? ? ? .           3 
? 'data scaling'    ? ? ? ? ? ? ? ? ? ? ? Aimless     ? ? ? .           4 
? phasing           ? ? ? ? ? ? ? ? ? ? ? PHASER      ? ? ? .           5 
# 
_cell.angle_alpha                  90.000 
_cell.angle_alpha_esd              ? 
_cell.angle_beta                   90.000 
_cell.angle_beta_esd               ? 
_cell.angle_gamma                  120.000 
_cell.angle_gamma_esd              ? 
_cell.entry_id                     8ILZ 
_cell.details                      ? 
_cell.formula_units_Z              ? 
_cell.length_a                     70.575 
_cell.length_a_esd                 ? 
_cell.length_b                     70.575 
_cell.length_b_esd                 ? 
_cell.length_c                     37.573 
_cell.length_c_esd                 ? 
_cell.volume                       162072.107 
_cell.volume_esd                   ? 
_cell.Z_PDB                        6 
_cell.reciprocal_angle_alpha       ? 
_cell.reciprocal_angle_beta        ? 
_cell.reciprocal_angle_gamma       ? 
_cell.reciprocal_angle_alpha_esd   ? 
_cell.reciprocal_angle_beta_esd    ? 
_cell.reciprocal_angle_gamma_esd   ? 
_cell.reciprocal_length_a          ? 
_cell.reciprocal_length_b          ? 
_cell.reciprocal_length_c          ? 
_cell.reciprocal_length_a_esd      ? 
_cell.reciprocal_length_b_esd      ? 
_cell.reciprocal_length_c_esd      ? 
_cell.pdbx_unique_axis             ? 
_cell.pdbx_esd_method              ? 
# 
_symmetry.entry_id                         8ILZ 
_symmetry.cell_setting                     ? 
_symmetry.Int_Tables_number                170 
_symmetry.space_group_name_Hall            'P 65' 
_symmetry.space_group_name_H-M             'P 65' 
_symmetry.pdbx_full_space_group_name_H-M   ? 
# 
_exptl.absorpt_coefficient_mu     ? 
_exptl.absorpt_correction_T_max   ? 
_exptl.absorpt_correction_T_min   ? 
_exptl.absorpt_correction_type    ? 
_exptl.absorpt_process_details    ? 
_exptl.entry_id                   8ILZ 
_exptl.crystals_number            1 
_exptl.details                    ? 
_exptl.method                     'X-RAY DIFFRACTION' 
_exptl.method_details             ? 
# 
_exptl_crystal.colour                       ? 
_exptl_crystal.density_diffrn               ? 
_exptl_crystal.density_Matthews             2.28 
_exptl_crystal.density_method               ? 
_exptl_crystal.density_percent_sol          46.10 
_exptl_crystal.description                  ? 
_exptl_crystal.F_000                        ? 
_exptl_crystal.id                           1 
_exptl_crystal.preparation                  ? 
_exptl_crystal.size_max                     ? 
_exptl_crystal.size_mid                     ? 
_exptl_crystal.size_min                     ? 
_exptl_crystal.size_rad                     ? 
_exptl_crystal.colour_lustre                ? 
_exptl_crystal.colour_modifier              ? 
_exptl_crystal.colour_primary               ? 
_exptl_crystal.density_meas                 ? 
_exptl_crystal.density_meas_esd             ? 
_exptl_crystal.density_meas_gt              ? 
_exptl_crystal.density_meas_lt              ? 
_exptl_crystal.density_meas_temp            ? 
_exptl_crystal.density_meas_temp_esd        ? 
_exptl_crystal.density_meas_temp_gt         ? 
_exptl_crystal.density_meas_temp_lt         ? 
_exptl_crystal.pdbx_crystal_image_url       ? 
_exptl_crystal.pdbx_crystal_image_format    ? 
_exptl_crystal.pdbx_mosaicity               ? 
_exptl_crystal.pdbx_mosaicity_esd           ? 
_exptl_crystal.pdbx_mosaic_method           ? 
_exptl_crystal.pdbx_mosaic_block_size       ? 
_exptl_crystal.pdbx_mosaic_block_size_esd   ? 
# 
_exptl_crystal_grow.apparatus       ? 
_exptl_crystal_grow.atmosphere      ? 
_exptl_crystal_grow.crystal_id      1 
_exptl_crystal_grow.details         ? 
_exptl_crystal_grow.method          'VAPOR DIFFUSION, SITTING DROP' 
_exptl_crystal_grow.method_ref      ? 
_exptl_crystal_grow.pH              ? 
_exptl_crystal_grow.pressure        ? 
_exptl_crystal_grow.pressure_esd    ? 
_exptl_crystal_grow.seeding         ? 
_exptl_crystal_grow.seeding_ref     ? 
_exptl_crystal_grow.temp_details    ? 
_exptl_crystal_grow.temp_esd        ? 
_exptl_crystal_grow.time            ? 
_exptl_crystal_grow.pdbx_details    '0.2 M Sodium acetate trihydrate, 0.1 M TRIS hydrochloride pH 9.0, 27% PEG 4000, 9% glycerol' 
_exptl_crystal_grow.pdbx_pH_range   ? 
_exptl_crystal_grow.temp            291 
# 
_diffrn.ambient_environment              ? 
_diffrn.ambient_temp                     100 
_diffrn.ambient_temp_details             ? 
_diffrn.ambient_temp_esd                 ? 
_diffrn.crystal_id                       1 
_diffrn.crystal_support                  ? 
_diffrn.crystal_treatment                ? 
_diffrn.details                          ? 
_diffrn.id                               1 
_diffrn.ambient_pressure                 ? 
_diffrn.ambient_pressure_esd             ? 
_diffrn.ambient_pressure_gt              ? 
_diffrn.ambient_pressure_lt              ? 
_diffrn.ambient_temp_gt                  ? 
_diffrn.ambient_temp_lt                  ? 
_diffrn.pdbx_serial_crystal_experiment   N 
# 
_diffrn_detector.details                      ? 
_diffrn_detector.detector                     PIXEL 
_diffrn_detector.diffrn_id                    1 
_diffrn_detector.type                         'DECTRIS PILATUS 2M' 
_diffrn_detector.area_resol_mean              ? 
_diffrn_detector.dtime                        ? 
_diffrn_detector.pdbx_frames_total            ? 
_diffrn_detector.pdbx_collection_time_total   ? 
_diffrn_detector.pdbx_collection_date         2022-11-25 
_diffrn_detector.pdbx_frequency               ? 
_diffrn_detector.id                           ? 
_diffrn_detector.number_of_axes               ? 
# 
_diffrn_radiation.collimation                      ? 
_diffrn_radiation.diffrn_id                        1 
_diffrn_radiation.filter_edge                      ? 
_diffrn_radiation.inhomogeneity                    ? 
_diffrn_radiation.monochromator                    ? 
_diffrn_radiation.polarisn_norm                    ? 
_diffrn_radiation.polarisn_ratio                   ? 
_diffrn_radiation.probe                            ? 
_diffrn_radiation.type                             ? 
_diffrn_radiation.xray_symbol                      ? 
_diffrn_radiation.wavelength_id                    1 
_diffrn_radiation.pdbx_monochromatic_or_laue_m_l   M 
_diffrn_radiation.pdbx_wavelength_list             ? 
_diffrn_radiation.pdbx_wavelength                  ? 
_diffrn_radiation.pdbx_diffrn_protocol             'SINGLE WAVELENGTH' 
_diffrn_radiation.pdbx_analyzer                    ? 
_diffrn_radiation.pdbx_scattering_type             x-ray 
# 
_diffrn_radiation_wavelength.id           1 
_diffrn_radiation_wavelength.wavelength   0.97915 
_diffrn_radiation_wavelength.wt           1.0 
# 
_diffrn_source.current                     ? 
_diffrn_source.details                     ? 
_diffrn_source.diffrn_id                   1 
_diffrn_source.power                       ? 
_diffrn_source.size                        ? 
_diffrn_source.source                      SYNCHROTRON 
_diffrn_source.target                      ? 
_diffrn_source.type                        'SSRF BEAMLINE BL18U1' 
_diffrn_source.voltage                     ? 
_diffrn_source.take-off_angle              ? 
_diffrn_source.pdbx_wavelength_list        0.97915 
_diffrn_source.pdbx_wavelength             ? 
_diffrn_source.pdbx_synchrotron_beamline   BL18U1 
_diffrn_source.pdbx_synchrotron_site       SSRF 
# 
_reflns.B_iso_Wilson_estimate                          21.22 
_reflns.entry_id                                       8ILZ 
_reflns.data_reduction_details                         ? 
_reflns.data_reduction_method                          ? 
_reflns.d_resolution_high                              1.77 
_reflns.d_resolution_low                               35.29 
_reflns.details                                        ? 
_reflns.limit_h_max                                    ? 
_reflns.limit_h_min                                    ? 
_reflns.limit_k_max                                    ? 
_reflns.limit_k_min                                    ? 
_reflns.limit_l_max                                    ? 
_reflns.limit_l_min                                    ? 
_reflns.number_all                                     ? 
_reflns.number_obs                                     10501 
_reflns.observed_criterion                             ? 
_reflns.observed_criterion_F_max                       ? 
_reflns.observed_criterion_F_min                       ? 
_reflns.observed_criterion_I_max                       ? 
_reflns.observed_criterion_I_min                       ? 
_reflns.observed_criterion_sigma_F                     ? 
_reflns.observed_criterion_sigma_I                     ? 
_reflns.percent_possible_obs                           99.46 
_reflns.R_free_details                                 ? 
_reflns.Rmerge_F_all                                   ? 
_reflns.Rmerge_F_obs                                   ? 
_reflns.Friedel_coverage                               ? 
_reflns.number_gt                                      ? 
_reflns.threshold_expression                           ? 
_reflns.pdbx_redundancy                                18.8 
_reflns.pdbx_netI_over_av_sigmaI                       ? 
_reflns.pdbx_netI_over_sigmaI                          35.29 
_reflns.pdbx_res_netI_over_av_sigmaI_2                 ? 
_reflns.pdbx_res_netI_over_sigmaI_2                    ? 
_reflns.pdbx_chi_squared                               ? 
_reflns.pdbx_scaling_rejects                           ? 
_reflns.pdbx_d_res_high_opt                            ? 
_reflns.pdbx_d_res_low_opt                             ? 
_reflns.pdbx_d_res_opt_method                          ? 
_reflns.phase_calculation_details                      ? 
_reflns.pdbx_Rrim_I_all                                ? 
_reflns.pdbx_Rpim_I_all                                ? 
_reflns.pdbx_d_opt                                     ? 
_reflns.pdbx_number_measured_all                       ? 
_reflns.pdbx_diffrn_id                                 1 
_reflns.pdbx_ordinal                                   1 
_reflns.pdbx_CC_half                                   1 
_reflns.pdbx_CC_star                                   ? 
_reflns.pdbx_R_split                                   ? 
_reflns.pdbx_Rmerge_I_obs                              0.05294 
_reflns.pdbx_Rmerge_I_all                              ? 
_reflns.pdbx_Rsym_value                                ? 
_reflns.pdbx_CC_split_method                           ? 
_reflns.pdbx_aniso_diffraction_limit_axis_1_ortho[1]   ? 
_reflns.pdbx_aniso_diffraction_limit_axis_1_ortho[2]   ? 
_reflns.pdbx_aniso_diffraction_limit_axis_1_ortho[3]   ? 
_reflns.pdbx_aniso_diffraction_limit_axis_2_ortho[1]   ? 
_reflns.pdbx_aniso_diffraction_limit_axis_2_ortho[2]   ? 
_reflns.pdbx_aniso_diffraction_limit_axis_2_ortho[3]   ? 
_reflns.pdbx_aniso_diffraction_limit_axis_3_ortho[1]   ? 
_reflns.pdbx_aniso_diffraction_limit_axis_3_ortho[2]   ? 
_reflns.pdbx_aniso_diffraction_limit_axis_3_ortho[3]   ? 
_reflns.pdbx_aniso_diffraction_limit_1                 ? 
_reflns.pdbx_aniso_diffraction_limit_2                 ? 
_reflns.pdbx_aniso_diffraction_limit_3                 ? 
_reflns.pdbx_aniso_B_tensor_eigenvector_1_ortho[1]     ? 
_reflns.pdbx_aniso_B_tensor_eigenvector_1_ortho[2]     ? 
_reflns.pdbx_aniso_B_tensor_eigenvector_1_ortho[3]     ? 
_reflns.pdbx_aniso_B_tensor_eigenvector_2_ortho[1]     ? 
_reflns.pdbx_aniso_B_tensor_eigenvector_2_ortho[2]     ? 
_reflns.pdbx_aniso_B_tensor_eigenvector_2_ortho[3]     ? 
_reflns.pdbx_aniso_B_tensor_eigenvector_3_ortho[1]     ? 
_reflns.pdbx_aniso_B_tensor_eigenvector_3_ortho[2]     ? 
_reflns.pdbx_aniso_B_tensor_eigenvector_3_ortho[3]     ? 
_reflns.pdbx_aniso_B_tensor_eigenvalue_1               ? 
_reflns.pdbx_aniso_B_tensor_eigenvalue_2               ? 
_reflns.pdbx_aniso_B_tensor_eigenvalue_3               ? 
_reflns.pdbx_orthogonalization_convention              ? 
_reflns.pdbx_percent_possible_ellipsoidal              ? 
_reflns.pdbx_percent_possible_spherical                ? 
_reflns.pdbx_percent_possible_ellipsoidal_anomalous    ? 
_reflns.pdbx_percent_possible_spherical_anomalous      ? 
_reflns.pdbx_redundancy_anomalous                      ? 
_reflns.pdbx_CC_half_anomalous                         ? 
_reflns.pdbx_absDiff_over_sigma_anomalous              ? 
_reflns.pdbx_percent_possible_anomalous                ? 
_reflns.pdbx_observed_signal_threshold                 ? 
_reflns.pdbx_signal_type                               ? 
_reflns.pdbx_signal_details                            ? 
_reflns.pdbx_signal_software_id                        ? 
# 
_reflns_shell.d_res_high                                    1.77 
_reflns_shell.d_res_low                                     1.81 
_reflns_shell.meanI_over_sigI_all                           ? 
_reflns_shell.meanI_over_sigI_obs                           ? 
_reflns_shell.number_measured_all                           ? 
_reflns_shell.number_measured_obs                           ? 
_reflns_shell.number_possible                               ? 
_reflns_shell.number_unique_all                             ? 
_reflns_shell.number_unique_obs                             10501 
_reflns_shell.percent_possible_obs                          ? 
_reflns_shell.Rmerge_F_all                                  ? 
_reflns_shell.Rmerge_F_obs                                  ? 
_reflns_shell.meanI_over_sigI_gt                            ? 
_reflns_shell.meanI_over_uI_all                             ? 
_reflns_shell.meanI_over_uI_gt                              ? 
_reflns_shell.number_measured_gt                            ? 
_reflns_shell.number_unique_gt                              ? 
_reflns_shell.percent_possible_gt                           ? 
_reflns_shell.Rmerge_F_gt                                   ? 
_reflns_shell.Rmerge_I_gt                                   ? 
_reflns_shell.pdbx_redundancy                               ? 
_reflns_shell.pdbx_chi_squared                              ? 
_reflns_shell.pdbx_netI_over_sigmaI_all                     ? 
_reflns_shell.pdbx_netI_over_sigmaI_obs                     ? 
_reflns_shell.pdbx_Rrim_I_all                               ? 
_reflns_shell.pdbx_Rpim_I_all                               ? 
_reflns_shell.pdbx_rejects                                  ? 
_reflns_shell.pdbx_ordinal                                  1 
_reflns_shell.pdbx_diffrn_id                                1 
_reflns_shell.pdbx_CC_half                                  0.813 
_reflns_shell.pdbx_CC_star                                  ? 
_reflns_shell.pdbx_R_split                                  ? 
_reflns_shell.percent_possible_all                          ? 
_reflns_shell.Rmerge_I_all                                  ? 
_reflns_shell.Rmerge_I_obs                                  0.4609 
_reflns_shell.pdbx_Rsym_value                               ? 
_reflns_shell.pdbx_percent_possible_ellipsoidal             ? 
_reflns_shell.pdbx_percent_possible_spherical               ? 
_reflns_shell.pdbx_percent_possible_ellipsoidal_anomalous   ? 
_reflns_shell.pdbx_percent_possible_spherical_anomalous     ? 
_reflns_shell.pdbx_redundancy_anomalous                     ? 
_reflns_shell.pdbx_CC_half_anomalous                        ? 
_reflns_shell.pdbx_absDiff_over_sigma_anomalous             ? 
_reflns_shell.pdbx_percent_possible_anomalous               ? 
# 
_refine.aniso_B[1][1]                            ? 
_refine.aniso_B[1][2]                            ? 
_refine.aniso_B[1][3]                            ? 
_refine.aniso_B[2][2]                            ? 
_refine.aniso_B[2][3]                            ? 
_refine.aniso_B[3][3]                            ? 
_refine.B_iso_max                                ? 
_refine.B_iso_mean                               22.72 
_refine.B_iso_min                                ? 
_refine.correlation_coeff_Fo_to_Fc               ? 
_refine.correlation_coeff_Fo_to_Fc_free          ? 
_refine.details                                  ? 
_refine.diff_density_max                         ? 
_refine.diff_density_max_esd                     ? 
_refine.diff_density_min                         ? 
_refine.diff_density_min_esd                     ? 
_refine.diff_density_rms                         ? 
_refine.diff_density_rms_esd                     ? 
_refine.entry_id                                 8ILZ 
_refine.pdbx_refine_id                           'X-RAY DIFFRACTION' 
_refine.ls_abs_structure_details                 ? 
_refine.ls_abs_structure_Flack                   ? 
_refine.ls_abs_structure_Flack_esd               ? 
_refine.ls_abs_structure_Rogers                  ? 
_refine.ls_abs_structure_Rogers_esd              ? 
_refine.ls_d_res_high                            1.77 
_refine.ls_d_res_low                             35.29 
_refine.ls_extinction_coef                       ? 
_refine.ls_extinction_coef_esd                   ? 
_refine.ls_extinction_expression                 ? 
_refine.ls_extinction_method                     ? 
_refine.ls_goodness_of_fit_all                   ? 
_refine.ls_goodness_of_fit_all_esd               ? 
_refine.ls_goodness_of_fit_obs                   ? 
_refine.ls_goodness_of_fit_obs_esd               ? 
_refine.ls_hydrogen_treatment                    ? 
_refine.ls_matrix_type                           ? 
_refine.ls_number_constraints                    ? 
_refine.ls_number_parameters                     ? 
_refine.ls_number_reflns_all                     ? 
_refine.ls_number_reflns_obs                     10501 
_refine.ls_number_reflns_R_free                  478 
_refine.ls_number_reflns_R_work                  10023 
_refine.ls_number_restraints                     ? 
_refine.ls_percent_reflns_obs                    99.47 
_refine.ls_percent_reflns_R_free                 4.55 
_refine.ls_R_factor_all                          ? 
_refine.ls_R_factor_obs                          0.1786 
_refine.ls_R_factor_R_free                       0.2138 
_refine.ls_R_factor_R_free_error                 ? 
_refine.ls_R_factor_R_free_error_details         ? 
_refine.ls_R_factor_R_work                       0.1768 
_refine.ls_R_Fsqd_factor_obs                     ? 
_refine.ls_R_I_factor_obs                        ? 
_refine.ls_redundancy_reflns_all                 ? 
_refine.ls_redundancy_reflns_obs                 ? 
_refine.ls_restrained_S_all                      ? 
_refine.ls_restrained_S_obs                      ? 
_refine.ls_shift_over_esd_max                    ? 
_refine.ls_shift_over_esd_mean                   ? 
_refine.ls_structure_factor_coef                 ? 
_refine.ls_weighting_details                     ? 
_refine.ls_weighting_scheme                      ? 
_refine.ls_wR_factor_all                         ? 
_refine.ls_wR_factor_obs                         ? 
_refine.ls_wR_factor_R_free                      ? 
_refine.ls_wR_factor_R_work                      ? 
_refine.occupancy_max                            ? 
_refine.occupancy_min                            ? 
_refine.solvent_model_details                    'FLAT BULK SOLVENT MODEL' 
_refine.solvent_model_param_bsol                 ? 
_refine.solvent_model_param_ksol                 ? 
_refine.pdbx_R_complete                          ? 
_refine.ls_R_factor_gt                           ? 
_refine.ls_goodness_of_fit_gt                    ? 
_refine.ls_goodness_of_fit_ref                   ? 
_refine.ls_shift_over_su_max                     ? 
_refine.ls_shift_over_su_max_lt                  ? 
_refine.ls_shift_over_su_mean                    ? 
_refine.ls_shift_over_su_mean_lt                 ? 
_refine.pdbx_ls_sigma_I                          ? 
_refine.pdbx_ls_sigma_F                          1.35 
_refine.pdbx_ls_sigma_Fsqd                       ? 
_refine.pdbx_data_cutoff_high_absF               ? 
_refine.pdbx_data_cutoff_high_rms_absF           ? 
_refine.pdbx_data_cutoff_low_absF                ? 
_refine.pdbx_isotropic_thermal_model             ? 
_refine.pdbx_ls_cross_valid_method               'FREE R-VALUE' 
_refine.pdbx_method_to_determine_struct          'MOLECULAR REPLACEMENT' 
_refine.pdbx_starting_model                      ? 
_refine.pdbx_stereochemistry_target_values       'GeoStd + Monomer Library + CDL v1.2' 
_refine.pdbx_R_Free_selection_details            ? 
_refine.pdbx_stereochem_target_val_spec_case     ? 
_refine.pdbx_overall_ESU_R                       ? 
_refine.pdbx_overall_ESU_R_Free                  ? 
_refine.pdbx_solvent_vdw_probe_radii             1.1000 
_refine.pdbx_solvent_ion_probe_radii             ? 
_refine.pdbx_solvent_shrinkage_radii             0.9000 
_refine.pdbx_real_space_R                        ? 
_refine.pdbx_density_correlation                 ? 
_refine.pdbx_pd_number_of_powder_patterns        ? 
_refine.pdbx_pd_number_of_points                 ? 
_refine.pdbx_pd_meas_number_of_points            ? 
_refine.pdbx_pd_proc_ls_prof_R_factor            ? 
_refine.pdbx_pd_proc_ls_prof_wR_factor           ? 
_refine.pdbx_pd_Marquardt_correlation_coeff      ? 
_refine.pdbx_pd_Fsqrd_R_factor                   ? 
_refine.pdbx_pd_ls_matrix_band_width             ? 
_refine.pdbx_overall_phase_error                 25.1679 
_refine.pdbx_overall_SU_R_free_Cruickshank_DPI   ? 
_refine.pdbx_overall_SU_R_free_Blow_DPI          ? 
_refine.pdbx_overall_SU_R_Blow_DPI               ? 
_refine.pdbx_TLS_residual_ADP_flag               ? 
_refine.pdbx_diffrn_id                           1 
_refine.overall_SU_B                             ? 
_refine.overall_SU_ML                            0.1697 
_refine.overall_SU_R_Cruickshank_DPI             ? 
_refine.overall_SU_R_free                        ? 
_refine.overall_FOM_free_R_set                   ? 
_refine.overall_FOM_work_R_set                   ? 
_refine.pdbx_average_fsc_overall                 ? 
_refine.pdbx_average_fsc_work                    ? 
_refine.pdbx_average_fsc_free                    ? 
# 
_refine_hist.pdbx_refine_id                   'X-RAY DIFFRACTION' 
_refine_hist.cycle_id                         LAST 
_refine_hist.details                          ? 
_refine_hist.d_res_high                       1.77 
_refine_hist.d_res_low                        35.29 
_refine_hist.number_atoms_solvent             104 
_refine_hist.number_atoms_total               930 
_refine_hist.number_reflns_all                ? 
_refine_hist.number_reflns_obs                ? 
_refine_hist.number_reflns_R_free             ? 
_refine_hist.number_reflns_R_work             ? 
_refine_hist.R_factor_all                     ? 
_refine_hist.R_factor_obs                     ? 
_refine_hist.R_factor_R_free                  ? 
_refine_hist.R_factor_R_work                  ? 
_refine_hist.pdbx_number_residues_total       ? 
_refine_hist.pdbx_B_iso_mean_ligand           ? 
_refine_hist.pdbx_B_iso_mean_solvent          ? 
_refine_hist.pdbx_number_atoms_protein        826 
_refine_hist.pdbx_number_atoms_nucleic_acid   0 
_refine_hist.pdbx_number_atoms_ligand         0 
_refine_hist.pdbx_number_atoms_lipid          ? 
_refine_hist.pdbx_number_atoms_carb           ? 
_refine_hist.pdbx_pseudo_atom_details         ? 
# 
loop_
_refine_ls_restr.pdbx_refine_id 
_refine_ls_restr.criterion 
_refine_ls_restr.dev_ideal 
_refine_ls_restr.dev_ideal_target 
_refine_ls_restr.number 
_refine_ls_restr.rejects 
_refine_ls_restr.type 
_refine_ls_restr.weight 
_refine_ls_restr.pdbx_restraint_function 
'X-RAY DIFFRACTION' ? 0.0060 ? 841  ? f_bond_d           ? ? 
'X-RAY DIFFRACTION' ? 0.8694 ? 1133 ? f_angle_d          ? ? 
'X-RAY DIFFRACTION' ? 0.0641 ? 131  ? f_chiral_restr     ? ? 
'X-RAY DIFFRACTION' ? 0.0064 ? 142  ? f_plane_restr      ? ? 
'X-RAY DIFFRACTION' ? 5.3270 ? 112  ? f_dihedral_angle_d ? ? 
# 
loop_
_refine_ls_shell.pdbx_refine_id 
_refine_ls_shell.d_res_high 
_refine_ls_shell.d_res_low 
_refine_ls_shell.number_reflns_all 
_refine_ls_shell.number_reflns_obs 
_refine_ls_shell.number_reflns_R_free 
_refine_ls_shell.number_reflns_R_work 
_refine_ls_shell.percent_reflns_obs 
_refine_ls_shell.percent_reflns_R_free 
_refine_ls_shell.R_factor_all 
_refine_ls_shell.R_factor_obs 
_refine_ls_shell.R_factor_R_free_error 
_refine_ls_shell.R_factor_R_work 
_refine_ls_shell.redundancy_reflns_all 
_refine_ls_shell.redundancy_reflns_obs 
_refine_ls_shell.wR_factor_all 
_refine_ls_shell.wR_factor_obs 
_refine_ls_shell.wR_factor_R_free 
_refine_ls_shell.wR_factor_R_work 
_refine_ls_shell.pdbx_R_complete 
_refine_ls_shell.pdbx_total_number_of_bins_used 
_refine_ls_shell.pdbx_phase_error 
_refine_ls_shell.pdbx_fsc_work 
_refine_ls_shell.pdbx_fsc_free 
_refine_ls_shell.R_factor_R_free 
'X-RAY DIFFRACTION' 1.77 2.03  . . 159 3276 98.57 . . . . 0.1977 . . . . . . . . . . . 0.2597 
'X-RAY DIFFRACTION' 2.03 2.55  . . 154 3342 99.94 . . . . 0.1909 . . . . . . . . . . . 0.2282 
'X-RAY DIFFRACTION' 2.55 35.29 . . 165 3405 99.92 . . . . 0.1664 . . . . . . . . . . . 0.1992 
# 
_struct.entry_id                     8ILZ 
_struct.title                        'Crystal structure of the RRM domain of human SETD1B' 
_struct.pdbx_model_details           ? 
_struct.pdbx_formula_weight          ? 
_struct.pdbx_formula_weight_method   ? 
_struct.pdbx_model_type_details      ? 
_struct.pdbx_CASP_flag               N 
# 
_struct_keywords.entry_id        8ILZ 
_struct_keywords.text            'SETD1B, RRM domain, STRUCTURAL PROTEIN' 
_struct_keywords.pdbx_keywords   'STRUCTURAL PROTEIN' 
# 
loop_
_struct_asym.id 
_struct_asym.pdbx_blank_PDB_chainid_flag 
_struct_asym.pdbx_modified 
_struct_asym.entity_id 
_struct_asym.details 
A N N 1 ? 
B N N 2 ? 
# 
_struct_ref.id                         1 
_struct_ref.db_name                    UNP 
_struct_ref.db_code                    SET1B_HUMAN 
_struct_ref.pdbx_db_accession          Q9UPS6 
_struct_ref.pdbx_db_isoform            ? 
_struct_ref.entity_id                  1 
_struct_ref.pdbx_seq_one_letter_code   
;PKQVTFAKLNDNIRENFLRDMCKKYGEVEEVEILYNPKTKKHLGIAKVVFATVRGAKDAVQHLHSTSVMGNIIHVELDTK
GETRMRFYELLVTGRYTPQTLPV
;
_struct_ref.pdbx_align_begin           102 
# 
_struct_ref_seq.align_id                      1 
_struct_ref_seq.ref_id                        1 
_struct_ref_seq.pdbx_PDB_id_code              8ILZ 
_struct_ref_seq.pdbx_strand_id                A 
_struct_ref_seq.seq_align_beg                 1 
_struct_ref_seq.pdbx_seq_align_beg_ins_code   ? 
_struct_ref_seq.seq_align_end                 103 
_struct_ref_seq.pdbx_seq_align_end_ins_code   ? 
_struct_ref_seq.pdbx_db_accession             Q9UPS6 
_struct_ref_seq.db_align_beg                  102 
_struct_ref_seq.pdbx_db_align_beg_ins_code    ? 
_struct_ref_seq.db_align_end                  204 
_struct_ref_seq.pdbx_db_align_end_ins_code    ? 
_struct_ref_seq.pdbx_auth_seq_align_beg       102 
_struct_ref_seq.pdbx_auth_seq_align_end       204 
# 
_pdbx_struct_assembly.id                   1 
_pdbx_struct_assembly.details              author_defined_assembly 
_pdbx_struct_assembly.method_details       ? 
_pdbx_struct_assembly.oligomeric_details   monomeric 
_pdbx_struct_assembly.oligomeric_count     1 
# 
_pdbx_struct_assembly_gen.assembly_id       1 
_pdbx_struct_assembly_gen.oper_expression   1 
_pdbx_struct_assembly_gen.asym_id_list      A,B 
# 
_pdbx_struct_assembly_auth_evidence.id                     1 
_pdbx_struct_assembly_auth_evidence.assembly_id            1 
_pdbx_struct_assembly_auth_evidence.experimental_support   'gel filtration' 
_pdbx_struct_assembly_auth_evidence.details                ? 
# 
_pdbx_struct_oper_list.id                   1 
_pdbx_struct_oper_list.type                 'identity operation' 
_pdbx_struct_oper_list.name                 1_555 
_pdbx_struct_oper_list.symmetry_operation   x,y,z 
_pdbx_struct_oper_list.matrix[1][1]         1.0000000000 
_pdbx_struct_oper_list.matrix[1][2]         0.0000000000 
_pdbx_struct_oper_list.matrix[1][3]         0.0000000000 
_pdbx_struct_oper_list.vector[1]            0.0000000000 
_pdbx_struct_oper_list.matrix[2][1]         0.0000000000 
_pdbx_struct_oper_list.matrix[2][2]         1.0000000000 
_pdbx_struct_oper_list.matrix[2][3]         0.0000000000 
_pdbx_struct_oper_list.vector[2]            0.0000000000 
_pdbx_struct_oper_list.matrix[3][1]         0.0000000000 
_pdbx_struct_oper_list.matrix[3][2]         0.0000000000 
_pdbx_struct_oper_list.matrix[3][3]         1.0000000000 
_pdbx_struct_oper_list.vector[3]            0.0000000000 
# 
loop_
_struct_conf.conf_type_id 
_struct_conf.id 
_struct_conf.pdbx_PDB_helix_id 
_struct_conf.beg_label_comp_id 
_struct_conf.beg_label_asym_id 
_struct_conf.beg_label_seq_id 
_struct_conf.pdbx_beg_PDB_ins_code 
_struct_conf.end_label_comp_id 
_struct_conf.end_label_asym_id 
_struct_conf.end_label_seq_id 
_struct_conf.pdbx_end_PDB_ins_code 
_struct_conf.beg_auth_comp_id 
_struct_conf.beg_auth_asym_id 
_struct_conf.beg_auth_seq_id 
_struct_conf.end_auth_comp_id 
_struct_conf.end_auth_asym_id 
_struct_conf.end_auth_seq_id 
_struct_conf.pdbx_PDB_helix_class 
_struct_conf.details 
_struct_conf.pdbx_PDB_helix_length 
HELX_P HELX_P1 AA1 ARG A 14 ? LYS A 24 ? ARG A 115 LYS A 125 1 ? 11 
HELX_P HELX_P2 AA2 THR A 52 ? HIS A 64 ? THR A 153 HIS A 165 1 ? 13 
HELX_P HELX_P3 AA3 GLY A 81 ? THR A 93 ? GLY A 182 THR A 194 1 ? 13 
# 
_struct_conf_type.id          HELX_P 
_struct_conf_type.criteria    ? 
_struct_conf_type.reference   ? 
# 
loop_
_struct_sheet.id 
_struct_sheet.type 
_struct_sheet.number_strands 
_struct_sheet.details 
AA1 ? 4 ? 
AA2 ? 2 ? 
# 
loop_
_struct_sheet_order.sheet_id 
_struct_sheet_order.range_id_1 
_struct_sheet_order.range_id_2 
_struct_sheet_order.offset 
_struct_sheet_order.sense 
AA1 1 2 ? anti-parallel 
AA1 2 3 ? anti-parallel 
AA1 3 4 ? anti-parallel 
AA2 1 2 ? anti-parallel 
# 
loop_
_struct_sheet_range.sheet_id 
_struct_sheet_range.id 
_struct_sheet_range.beg_label_comp_id 
_struct_sheet_range.beg_label_asym_id 
_struct_sheet_range.beg_label_seq_id 
_struct_sheet_range.pdbx_beg_PDB_ins_code 
_struct_sheet_range.end_label_comp_id 
_struct_sheet_range.end_label_asym_id 
_struct_sheet_range.end_label_seq_id 
_struct_sheet_range.pdbx_end_PDB_ins_code 
_struct_sheet_range.beg_auth_comp_id 
_struct_sheet_range.beg_auth_asym_id 
_struct_sheet_range.beg_auth_seq_id 
_struct_sheet_range.end_auth_comp_id 
_struct_sheet_range.end_auth_asym_id 
_struct_sheet_range.end_auth_seq_id 
AA1 1 VAL A 28 ? TYR A 35 ? VAL A 129 TYR A 136 
AA1 2 HIS A 42 ? PHE A 50 ? HIS A 143 PHE A 151 
AA1 3 GLN A 3  ? ALA A 7  ? GLN A 104 ALA A 108 
AA1 4 HIS A 74 ? LEU A 77 ? HIS A 175 LEU A 178 
AA2 1 SER A 67 ? VAL A 68 ? SER A 168 VAL A 169 
AA2 2 ASN A 71 ? ILE A 72 ? ASN A 172 ILE A 173 
# 
loop_
_pdbx_struct_sheet_hbond.sheet_id 
_pdbx_struct_sheet_hbond.range_id_1 
_pdbx_struct_sheet_hbond.range_id_2 
_pdbx_struct_sheet_hbond.range_1_label_atom_id 
_pdbx_struct_sheet_hbond.range_1_label_comp_id 
_pdbx_struct_sheet_hbond.range_1_label_asym_id 
_pdbx_struct_sheet_hbond.range_1_label_seq_id 
_pdbx_struct_sheet_hbond.range_1_PDB_ins_code 
_pdbx_struct_sheet_hbond.range_1_auth_atom_id 
_pdbx_struct_sheet_hbond.range_1_auth_comp_id 
_pdbx_struct_sheet_hbond.range_1_auth_asym_id 
_pdbx_struct_sheet_hbond.range_1_auth_seq_id 
_pdbx_struct_sheet_hbond.range_2_label_atom_id 
_pdbx_struct_sheet_hbond.range_2_label_comp_id 
_pdbx_struct_sheet_hbond.range_2_label_asym_id 
_pdbx_struct_sheet_hbond.range_2_label_seq_id 
_pdbx_struct_sheet_hbond.range_2_PDB_ins_code 
_pdbx_struct_sheet_hbond.range_2_auth_atom_id 
_pdbx_struct_sheet_hbond.range_2_auth_comp_id 
_pdbx_struct_sheet_hbond.range_2_auth_asym_id 
_pdbx_struct_sheet_hbond.range_2_auth_seq_id 
AA1 1 2 N GLU A 29 ? N GLU A 130 O VAL A 49 ? O VAL A 150 
AA1 2 3 O VAL A 48 ? O VAL A 149 N VAL A 4  ? N VAL A 105 
AA1 3 4 N THR A 5  ? N THR A 106 O GLU A 76 ? O GLU A 177 
AA2 1 2 N VAL A 68 ? N VAL A 169 O ASN A 71 ? O ASN A 172 
# 
_pdbx_validate_torsion.id              1 
_pdbx_validate_torsion.PDB_model_num   1 
_pdbx_validate_torsion.auth_comp_id    ARG 
_pdbx_validate_torsion.auth_asym_id    A 
_pdbx_validate_torsion.auth_seq_id     115 
_pdbx_validate_torsion.PDB_ins_code    ? 
_pdbx_validate_torsion.label_alt_id    ? 
_pdbx_validate_torsion.phi             -115.98 
_pdbx_validate_torsion.psi             -154.08 
# 
loop_
_space_group_symop.id 
_space_group_symop.operation_xyz 
1 x,y,z         
2 x-y,x,z+5/6   
3 y,-x+y,z+1/6  
4 -y,x-y,z+2/3  
5 -x+y,-x,z+1/3 
6 -x,-y,z+1/2   
# 
loop_
_chem_comp_atom.comp_id 
_chem_comp_atom.atom_id 
_chem_comp_atom.type_symbol 
_chem_comp_atom.pdbx_aromatic_flag 
_chem_comp_atom.pdbx_stereo_config 
_chem_comp_atom.pdbx_ordinal 
ALA N    N N N 1   
ALA CA   C N S 2   
ALA C    C N N 3   
ALA O    O N N 4   
ALA CB   C N N 5   
ALA OXT  O N N 6   
ALA H    H N N 7   
ALA H2   H N N 8   
ALA HA   H N N 9   
ALA HB1  H N N 10  
ALA HB2  H N N 11  
ALA HB3  H N N 12  
ALA HXT  H N N 13  
ARG N    N N N 14  
ARG CA   C N S 15  
ARG C    C N N 16  
ARG O    O N N 17  
ARG CB   C N N 18  
ARG CG   C N N 19  
ARG CD   C N N 20  
ARG NE   N N N 21  
ARG CZ   C N N 22  
ARG NH1  N N N 23  
ARG NH2  N N N 24  
ARG OXT  O N N 25  
ARG H    H N N 26  
ARG H2   H N N 27  
ARG HA   H N N 28  
ARG HB2  H N N 29  
ARG HB3  H N N 30  
ARG HG2  H N N 31  
ARG HG3  H N N 32  
ARG HD2  H N N 33  
ARG HD3  H N N 34  
ARG HE   H N N 35  
ARG HH11 H N N 36  
ARG HH12 H N N 37  
ARG HH21 H N N 38  
ARG HH22 H N N 39  
ARG HXT  H N N 40  
ASN N    N N N 41  
ASN CA   C N S 42  
ASN C    C N N 43  
ASN O    O N N 44  
ASN CB   C N N 45  
ASN CG   C N N 46  
ASN OD1  O N N 47  
ASN ND2  N N N 48  
ASN OXT  O N N 49  
ASN H    H N N 50  
ASN H2   H N N 51  
ASN HA   H N N 52  
ASN HB2  H N N 53  
ASN HB3  H N N 54  
ASN HD21 H N N 55  
ASN HD22 H N N 56  
ASN HXT  H N N 57  
ASP N    N N N 58  
ASP CA   C N S 59  
ASP C    C N N 60  
ASP O    O N N 61  
ASP CB   C N N 62  
ASP CG   C N N 63  
ASP OD1  O N N 64  
ASP OD2  O N N 65  
ASP OXT  O N N 66  
ASP H    H N N 67  
ASP H2   H N N 68  
ASP HA   H N N 69  
ASP HB2  H N N 70  
ASP HB3  H N N 71  
ASP HD2  H N N 72  
ASP HXT  H N N 73  
CYS N    N N N 74  
CYS CA   C N R 75  
CYS C    C N N 76  
CYS O    O N N 77  
CYS CB   C N N 78  
CYS SG   S N N 79  
CYS OXT  O N N 80  
CYS H    H N N 81  
CYS H2   H N N 82  
CYS HA   H N N 83  
CYS HB2  H N N 84  
CYS HB3  H N N 85  
CYS HG   H N N 86  
CYS HXT  H N N 87  
GLN N    N N N 88  
GLN CA   C N S 89  
GLN C    C N N 90  
GLN O    O N N 91  
GLN CB   C N N 92  
GLN CG   C N N 93  
GLN CD   C N N 94  
GLN OE1  O N N 95  
GLN NE2  N N N 96  
GLN OXT  O N N 97  
GLN H    H N N 98  
GLN H2   H N N 99  
GLN HA   H N N 100 
GLN HB2  H N N 101 
GLN HB3  H N N 102 
GLN HG2  H N N 103 
GLN HG3  H N N 104 
GLN HE21 H N N 105 
GLN HE22 H N N 106 
GLN HXT  H N N 107 
GLU N    N N N 108 
GLU CA   C N S 109 
GLU C    C N N 110 
GLU O    O N N 111 
GLU CB   C N N 112 
GLU CG   C N N 113 
GLU CD   C N N 114 
GLU OE1  O N N 115 
GLU OE2  O N N 116 
GLU OXT  O N N 117 
GLU H    H N N 118 
GLU H2   H N N 119 
GLU HA   H N N 120 
GLU HB2  H N N 121 
GLU HB3  H N N 122 
GLU HG2  H N N 123 
GLU HG3  H N N 124 
GLU HE2  H N N 125 
GLU HXT  H N N 126 
GLY N    N N N 127 
GLY CA   C N N 128 
GLY C    C N N 129 
GLY O    O N N 130 
GLY OXT  O N N 131 
GLY H    H N N 132 
GLY H2   H N N 133 
GLY HA2  H N N 134 
GLY HA3  H N N 135 
GLY HXT  H N N 136 
HIS N    N N N 137 
HIS CA   C N S 138 
HIS C    C N N 139 
HIS O    O N N 140 
HIS CB   C N N 141 
HIS CG   C Y N 142 
HIS ND1  N Y N 143 
HIS CD2  C Y N 144 
HIS CE1  C Y N 145 
HIS NE2  N Y N 146 
HIS OXT  O N N 147 
HIS H    H N N 148 
HIS H2   H N N 149 
HIS HA   H N N 150 
HIS HB2  H N N 151 
HIS HB3  H N N 152 
HIS HD1  H N N 153 
HIS HD2  H N N 154 
HIS HE1  H N N 155 
HIS HE2  H N N 156 
HIS HXT  H N N 157 
HOH O    O N N 158 
HOH H1   H N N 159 
HOH H2   H N N 160 
ILE N    N N N 161 
ILE CA   C N S 162 
ILE C    C N N 163 
ILE O    O N N 164 
ILE CB   C N S 165 
ILE CG1  C N N 166 
ILE CG2  C N N 167 
ILE CD1  C N N 168 
ILE OXT  O N N 169 
ILE H    H N N 170 
ILE H2   H N N 171 
ILE HA   H N N 172 
ILE HB   H N N 173 
ILE HG12 H N N 174 
ILE HG13 H N N 175 
ILE HG21 H N N 176 
ILE HG22 H N N 177 
ILE HG23 H N N 178 
ILE HD11 H N N 179 
ILE HD12 H N N 180 
ILE HD13 H N N 181 
ILE HXT  H N N 182 
LEU N    N N N 183 
LEU CA   C N S 184 
LEU C    C N N 185 
LEU O    O N N 186 
LEU CB   C N N 187 
LEU CG   C N N 188 
LEU CD1  C N N 189 
LEU CD2  C N N 190 
LEU OXT  O N N 191 
LEU H    H N N 192 
LEU H2   H N N 193 
LEU HA   H N N 194 
LEU HB2  H N N 195 
LEU HB3  H N N 196 
LEU HG   H N N 197 
LEU HD11 H N N 198 
LEU HD12 H N N 199 
LEU HD13 H N N 200 
LEU HD21 H N N 201 
LEU HD22 H N N 202 
LEU HD23 H N N 203 
LEU HXT  H N N 204 
LYS N    N N N 205 
LYS CA   C N S 206 
LYS C    C N N 207 
LYS O    O N N 208 
LYS CB   C N N 209 
LYS CG   C N N 210 
LYS CD   C N N 211 
LYS CE   C N N 212 
LYS NZ   N N N 213 
LYS OXT  O N N 214 
LYS H    H N N 215 
LYS H2   H N N 216 
LYS HA   H N N 217 
LYS HB2  H N N 218 
LYS HB3  H N N 219 
LYS HG2  H N N 220 
LYS HG3  H N N 221 
LYS HD2  H N N 222 
LYS HD3  H N N 223 
LYS HE2  H N N 224 
LYS HE3  H N N 225 
LYS HZ1  H N N 226 
LYS HZ2  H N N 227 
LYS HZ3  H N N 228 
LYS HXT  H N N 229 
MET N    N N N 230 
MET CA   C N S 231 
MET C    C N N 232 
MET O    O N N 233 
MET CB   C N N 234 
MET CG   C N N 235 
MET SD   S N N 236 
MET CE   C N N 237 
MET OXT  O N N 238 
MET H    H N N 239 
MET H2   H N N 240 
MET HA   H N N 241 
MET HB2  H N N 242 
MET HB3  H N N 243 
MET HG2  H N N 244 
MET HG3  H N N 245 
MET HE1  H N N 246 
MET HE2  H N N 247 
MET HE3  H N N 248 
MET HXT  H N N 249 
PHE N    N N N 250 
PHE CA   C N S 251 
PHE C    C N N 252 
PHE O    O N N 253 
PHE CB   C N N 254 
PHE CG   C Y N 255 
PHE CD1  C Y N 256 
PHE CD2  C Y N 257 
PHE CE1  C Y N 258 
PHE CE2  C Y N 259 
PHE CZ   C Y N 260 
PHE OXT  O N N 261 
PHE H    H N N 262 
PHE H2   H N N 263 
PHE HA   H N N 264 
PHE HB2  H N N 265 
PHE HB3  H N N 266 
PHE HD1  H N N 267 
PHE HD2  H N N 268 
PHE HE1  H N N 269 
PHE HE2  H N N 270 
PHE HZ   H N N 271 
PHE HXT  H N N 272 
PRO N    N N N 273 
PRO CA   C N S 274 
PRO C    C N N 275 
PRO O    O N N 276 
PRO CB   C N N 277 
PRO CG   C N N 278 
PRO CD   C N N 279 
PRO OXT  O N N 280 
PRO H    H N N 281 
PRO HA   H N N 282 
PRO HB2  H N N 283 
PRO HB3  H N N 284 
PRO HG2  H N N 285 
PRO HG3  H N N 286 
PRO HD2  H N N 287 
PRO HD3  H N N 288 
PRO HXT  H N N 289 
SER N    N N N 290 
SER CA   C N S 291 
SER C    C N N 292 
SER O    O N N 293 
SER CB   C N N 294 
SER OG   O N N 295 
SER OXT  O N N 296 
SER H    H N N 297 
SER H2   H N N 298 
SER HA   H N N 299 
SER HB2  H N N 300 
SER HB3  H N N 301 
SER HG   H N N 302 
SER HXT  H N N 303 
THR N    N N N 304 
THR CA   C N S 305 
THR C    C N N 306 
THR O    O N N 307 
THR CB   C N R 308 
THR OG1  O N N 309 
THR CG2  C N N 310 
THR OXT  O N N 311 
THR H    H N N 312 
THR H2   H N N 313 
THR HA   H N N 314 
THR HB   H N N 315 
THR HG1  H N N 316 
THR HG21 H N N 317 
THR HG22 H N N 318 
THR HG23 H N N 319 
THR HXT  H N N 320 
TYR N    N N N 321 
TYR CA   C N S 322 
TYR C    C N N 323 
TYR O    O N N 324 
TYR CB   C N N 325 
TYR CG   C Y N 326 
TYR CD1  C Y N 327 
TYR CD2  C Y N 328 
TYR CE1  C Y N 329 
TYR CE2  C Y N 330 
TYR CZ   C Y N 331 
TYR OH   O N N 332 
TYR OXT  O N N 333 
TYR H    H N N 334 
TYR H2   H N N 335 
TYR HA   H N N 336 
TYR HB2  H N N 337 
TYR HB3  H N N 338 
TYR HD1  H N N 339 
TYR HD2  H N N 340 
TYR HE1  H N N 341 
TYR HE2  H N N 342 
TYR HH   H N N 343 
TYR HXT  H N N 344 
VAL N    N N N 345 
VAL CA   C N S 346 
VAL C    C N N 347 
VAL O    O N N 348 
VAL CB   C N N 349 
VAL CG1  C N N 350 
VAL CG2  C N N 351 
VAL OXT  O N N 352 
VAL H    H N N 353 
VAL H2   H N N 354 
VAL HA   H N N 355 
VAL HB   H N N 356 
VAL HG11 H N N 357 
VAL HG12 H N N 358 
VAL HG13 H N N 359 
VAL HG21 H N N 360 
VAL HG22 H N N 361 
VAL HG23 H N N 362 
VAL HXT  H N N 363 
# 
loop_
_chem_comp_bond.comp_id 
_chem_comp_bond.atom_id_1 
_chem_comp_bond.atom_id_2 
_chem_comp_bond.value_order 
_chem_comp_bond.pdbx_aromatic_flag 
_chem_comp_bond.pdbx_stereo_config 
_chem_comp_bond.pdbx_ordinal 
ALA N   CA   sing N N 1   
ALA N   H    sing N N 2   
ALA N   H2   sing N N 3   
ALA CA  C    sing N N 4   
ALA CA  CB   sing N N 5   
ALA CA  HA   sing N N 6   
ALA C   O    doub N N 7   
ALA C   OXT  sing N N 8   
ALA CB  HB1  sing N N 9   
ALA CB  HB2  sing N N 10  
ALA CB  HB3  sing N N 11  
ALA OXT HXT  sing N N 12  
ARG N   CA   sing N N 13  
ARG N   H    sing N N 14  
ARG N   H2   sing N N 15  
ARG CA  C    sing N N 16  
ARG CA  CB   sing N N 17  
ARG CA  HA   sing N N 18  
ARG C   O    doub N N 19  
ARG C   OXT  sing N N 20  
ARG CB  CG   sing N N 21  
ARG CB  HB2  sing N N 22  
ARG CB  HB3  sing N N 23  
ARG CG  CD   sing N N 24  
ARG CG  HG2  sing N N 25  
ARG CG  HG3  sing N N 26  
ARG CD  NE   sing N N 27  
ARG CD  HD2  sing N N 28  
ARG CD  HD3  sing N N 29  
ARG NE  CZ   sing N N 30  
ARG NE  HE   sing N N 31  
ARG CZ  NH1  sing N N 32  
ARG CZ  NH2  doub N N 33  
ARG NH1 HH11 sing N N 34  
ARG NH1 HH12 sing N N 35  
ARG NH2 HH21 sing N N 36  
ARG NH2 HH22 sing N N 37  
ARG OXT HXT  sing N N 38  
ASN N   CA   sing N N 39  
ASN N   H    sing N N 40  
ASN N   H2   sing N N 41  
ASN CA  C    sing N N 42  
ASN CA  CB   sing N N 43  
ASN CA  HA   sing N N 44  
ASN C   O    doub N N 45  
ASN C   OXT  sing N N 46  
ASN CB  CG   sing N N 47  
ASN CB  HB2  sing N N 48  
ASN CB  HB3  sing N N 49  
ASN CG  OD1  doub N N 50  
ASN CG  ND2  sing N N 51  
ASN ND2 HD21 sing N N 52  
ASN ND2 HD22 sing N N 53  
ASN OXT HXT  sing N N 54  
ASP N   CA   sing N N 55  
ASP N   H    sing N N 56  
ASP N   H2   sing N N 57  
ASP CA  C    sing N N 58  
ASP CA  CB   sing N N 59  
ASP CA  HA   sing N N 60  
ASP C   O    doub N N 61  
ASP C   OXT  sing N N 62  
ASP CB  CG   sing N N 63  
ASP CB  HB2  sing N N 64  
ASP CB  HB3  sing N N 65  
ASP CG  OD1  doub N N 66  
ASP CG  OD2  sing N N 67  
ASP OD2 HD2  sing N N 68  
ASP OXT HXT  sing N N 69  
CYS N   CA   sing N N 70  
CYS N   H    sing N N 71  
CYS N   H2   sing N N 72  
CYS CA  C    sing N N 73  
CYS CA  CB   sing N N 74  
CYS CA  HA   sing N N 75  
CYS C   O    doub N N 76  
CYS C   OXT  sing N N 77  
CYS CB  SG   sing N N 78  
CYS CB  HB2  sing N N 79  
CYS CB  HB3  sing N N 80  
CYS SG  HG   sing N N 81  
CYS OXT HXT  sing N N 82  
GLN N   CA   sing N N 83  
GLN N   H    sing N N 84  
GLN N   H2   sing N N 85  
GLN CA  C    sing N N 86  
GLN CA  CB   sing N N 87  
GLN CA  HA   sing N N 88  
GLN C   O    doub N N 89  
GLN C   OXT  sing N N 90  
GLN CB  CG   sing N N 91  
GLN CB  HB2  sing N N 92  
GLN CB  HB3  sing N N 93  
GLN CG  CD   sing N N 94  
GLN CG  HG2  sing N N 95  
GLN CG  HG3  sing N N 96  
GLN CD  OE1  doub N N 97  
GLN CD  NE2  sing N N 98  
GLN NE2 HE21 sing N N 99  
GLN NE2 HE22 sing N N 100 
GLN OXT HXT  sing N N 101 
GLU N   CA   sing N N 102 
GLU N   H    sing N N 103 
GLU N   H2   sing N N 104 
GLU CA  C    sing N N 105 
GLU CA  CB   sing N N 106 
GLU CA  HA   sing N N 107 
GLU C   O    doub N N 108 
GLU C   OXT  sing N N 109 
GLU CB  CG   sing N N 110 
GLU CB  HB2  sing N N 111 
GLU CB  HB3  sing N N 112 
GLU CG  CD   sing N N 113 
GLU CG  HG2  sing N N 114 
GLU CG  HG3  sing N N 115 
GLU CD  OE1  doub N N 116 
GLU CD  OE2  sing N N 117 
GLU OE2 HE2  sing N N 118 
GLU OXT HXT  sing N N 119 
GLY N   CA   sing N N 120 
GLY N   H    sing N N 121 
GLY N   H2   sing N N 122 
GLY CA  C    sing N N 123 
GLY CA  HA2  sing N N 124 
GLY CA  HA3  sing N N 125 
GLY C   O    doub N N 126 
GLY C   OXT  sing N N 127 
GLY OXT HXT  sing N N 128 
HIS N   CA   sing N N 129 
HIS N   H    sing N N 130 
HIS N   H2   sing N N 131 
HIS CA  C    sing N N 132 
HIS CA  CB   sing N N 133 
HIS CA  HA   sing N N 134 
HIS C   O    doub N N 135 
HIS C   OXT  sing N N 136 
HIS CB  CG   sing N N 137 
HIS CB  HB2  sing N N 138 
HIS CB  HB3  sing N N 139 
HIS CG  ND1  sing Y N 140 
HIS CG  CD2  doub Y N 141 
HIS ND1 CE1  doub Y N 142 
HIS ND1 HD1  sing N N 143 
HIS CD2 NE2  sing Y N 144 
HIS CD2 HD2  sing N N 145 
HIS CE1 NE2  sing Y N 146 
HIS CE1 HE1  sing N N 147 
HIS NE2 HE2  sing N N 148 
HIS OXT HXT  sing N N 149 
HOH O   H1   sing N N 150 
HOH O   H2   sing N N 151 
ILE N   CA   sing N N 152 
ILE N   H    sing N N 153 
ILE N   H2   sing N N 154 
ILE CA  C    sing N N 155 
ILE CA  CB   sing N N 156 
ILE CA  HA   sing N N 157 
ILE C   O    doub N N 158 
ILE C   OXT  sing N N 159 
ILE CB  CG1  sing N N 160 
ILE CB  CG2  sing N N 161 
ILE CB  HB   sing N N 162 
ILE CG1 CD1  sing N N 163 
ILE CG1 HG12 sing N N 164 
ILE CG1 HG13 sing N N 165 
ILE CG2 HG21 sing N N 166 
ILE CG2 HG22 sing N N 167 
ILE CG2 HG23 sing N N 168 
ILE CD1 HD11 sing N N 169 
ILE CD1 HD12 sing N N 170 
ILE CD1 HD13 sing N N 171 
ILE OXT HXT  sing N N 172 
LEU N   CA   sing N N 173 
LEU N   H    sing N N 174 
LEU N   H2   sing N N 175 
LEU CA  C    sing N N 176 
LEU CA  CB   sing N N 177 
LEU CA  HA   sing N N 178 
LEU C   O    doub N N 179 
LEU C   OXT  sing N N 180 
LEU CB  CG   sing N N 181 
LEU CB  HB2  sing N N 182 
LEU CB  HB3  sing N N 183 
LEU CG  CD1  sing N N 184 
LEU CG  CD2  sing N N 185 
LEU CG  HG   sing N N 186 
LEU CD1 HD11 sing N N 187 
LEU CD1 HD12 sing N N 188 
LEU CD1 HD13 sing N N 189 
LEU CD2 HD21 sing N N 190 
LEU CD2 HD22 sing N N 191 
LEU CD2 HD23 sing N N 192 
LEU OXT HXT  sing N N 193 
LYS N   CA   sing N N 194 
LYS N   H    sing N N 195 
LYS N   H2   sing N N 196 
LYS CA  C    sing N N 197 
LYS CA  CB   sing N N 198 
LYS CA  HA   sing N N 199 
LYS C   O    doub N N 200 
LYS C   OXT  sing N N 201 
LYS CB  CG   sing N N 202 
LYS CB  HB2  sing N N 203 
LYS CB  HB3  sing N N 204 
LYS CG  CD   sing N N 205 
LYS CG  HG2  sing N N 206 
LYS CG  HG3  sing N N 207 
LYS CD  CE   sing N N 208 
LYS CD  HD2  sing N N 209 
LYS CD  HD3  sing N N 210 
LYS CE  NZ   sing N N 211 
LYS CE  HE2  sing N N 212 
LYS CE  HE3  sing N N 213 
LYS NZ  HZ1  sing N N 214 
LYS NZ  HZ2  sing N N 215 
LYS NZ  HZ3  sing N N 216 
LYS OXT HXT  sing N N 217 
MET N   CA   sing N N 218 
MET N   H    sing N N 219 
MET N   H2   sing N N 220 
MET CA  C    sing N N 221 
MET CA  CB   sing N N 222 
MET CA  HA   sing N N 223 
MET C   O    doub N N 224 
MET C   OXT  sing N N 225 
MET CB  CG   sing N N 226 
MET CB  HB2  sing N N 227 
MET CB  HB3  sing N N 228 
MET CG  SD   sing N N 229 
MET CG  HG2  sing N N 230 
MET CG  HG3  sing N N 231 
MET SD  CE   sing N N 232 
MET CE  HE1  sing N N 233 
MET CE  HE2  sing N N 234 
MET CE  HE3  sing N N 235 
MET OXT HXT  sing N N 236 
PHE N   CA   sing N N 237 
PHE N   H    sing N N 238 
PHE N   H2   sing N N 239 
PHE CA  C    sing N N 240 
PHE CA  CB   sing N N 241 
PHE CA  HA   sing N N 242 
PHE C   O    doub N N 243 
PHE C   OXT  sing N N 244 
PHE CB  CG   sing N N 245 
PHE CB  HB2  sing N N 246 
PHE CB  HB3  sing N N 247 
PHE CG  CD1  doub Y N 248 
PHE CG  CD2  sing Y N 249 
PHE CD1 CE1  sing Y N 250 
PHE CD1 HD1  sing N N 251 
PHE CD2 CE2  doub Y N 252 
PHE CD2 HD2  sing N N 253 
PHE CE1 CZ   doub Y N 254 
PHE CE1 HE1  sing N N 255 
PHE CE2 CZ   sing Y N 256 
PHE CE2 HE2  sing N N 257 
PHE CZ  HZ   sing N N 258 
PHE OXT HXT  sing N N 259 
PRO N   CA   sing N N 260 
PRO N   CD   sing N N 261 
PRO N   H    sing N N 262 
PRO CA  C    sing N N 263 
PRO CA  CB   sing N N 264 
PRO CA  HA   sing N N 265 
PRO C   O    doub N N 266 
PRO C   OXT  sing N N 267 
PRO CB  CG   sing N N 268 
PRO CB  HB2  sing N N 269 
PRO CB  HB3  sing N N 270 
PRO CG  CD   sing N N 271 
PRO CG  HG2  sing N N 272 
PRO CG  HG3  sing N N 273 
PRO CD  HD2  sing N N 274 
PRO CD  HD3  sing N N 275 
PRO OXT HXT  sing N N 276 
SER N   CA   sing N N 277 
SER N   H    sing N N 278 
SER N   H2   sing N N 279 
SER CA  C    sing N N 280 
SER CA  CB   sing N N 281 
SER CA  HA   sing N N 282 
SER C   O    doub N N 283 
SER C   OXT  sing N N 284 
SER CB  OG   sing N N 285 
SER CB  HB2  sing N N 286 
SER CB  HB3  sing N N 287 
SER OG  HG   sing N N 288 
SER OXT HXT  sing N N 289 
THR N   CA   sing N N 290 
THR N   H    sing N N 291 
THR N   H2   sing N N 292 
THR CA  C    sing N N 293 
THR CA  CB   sing N N 294 
THR CA  HA   sing N N 295 
THR C   O    doub N N 296 
THR C   OXT  sing N N 297 
THR CB  OG1  sing N N 298 
THR CB  CG2  sing N N 299 
THR CB  HB   sing N N 300 
THR OG1 HG1  sing N N 301 
THR CG2 HG21 sing N N 302 
THR CG2 HG22 sing N N 303 
THR CG2 HG23 sing N N 304 
THR OXT HXT  sing N N 305 
TYR N   CA   sing N N 306 
TYR N   H    sing N N 307 
TYR N   H2   sing N N 308 
TYR CA  C    sing N N 309 
TYR CA  CB   sing N N 310 
TYR CA  HA   sing N N 311 
TYR C   O    doub N N 312 
TYR C   OXT  sing N N 313 
TYR CB  CG   sing N N 314 
TYR CB  HB2  sing N N 315 
TYR CB  HB3  sing N N 316 
TYR CG  CD1  doub Y N 317 
TYR CG  CD2  sing Y N 318 
TYR CD1 CE1  sing Y N 319 
TYR CD1 HD1  sing N N 320 
TYR CD2 CE2  doub Y N 321 
TYR CD2 HD2  sing N N 322 
TYR CE1 CZ   doub Y N 323 
TYR CE1 HE1  sing N N 324 
TYR CE2 CZ   sing Y N 325 
TYR CE2 HE2  sing N N 326 
TYR CZ  OH   sing N N 327 
TYR OH  HH   sing N N 328 
TYR OXT HXT  sing N N 329 
VAL N   CA   sing N N 330 
VAL N   H    sing N N 331 
VAL N   H2   sing N N 332 
VAL CA  C    sing N N 333 
VAL CA  CB   sing N N 334 
VAL CA  HA   sing N N 335 
VAL C   O    doub N N 336 
VAL C   OXT  sing N N 337 
VAL CB  CG1  sing N N 338 
VAL CB  CG2  sing N N 339 
VAL CB  HB   sing N N 340 
VAL CG1 HG11 sing N N 341 
VAL CG1 HG12 sing N N 342 
VAL CG1 HG13 sing N N 343 
VAL CG2 HG21 sing N N 344 
VAL CG2 HG22 sing N N 345 
VAL CG2 HG23 sing N N 346 
VAL OXT HXT  sing N N 347 
# 
_pdbx_audit_support.funding_organization   'National Natural Science Foundation of China (NSFC)' 
_pdbx_audit_support.country                China 
_pdbx_audit_support.grant_number           ? 
_pdbx_audit_support.ordinal                1 
# 
_pdbx_initial_refinement_model.id               1 
_pdbx_initial_refinement_model.entity_id_list   ? 
_pdbx_initial_refinement_model.type             'in silico model' 
_pdbx_initial_refinement_model.source_name      AlphaFold 
_pdbx_initial_refinement_model.accession_code   ? 
_pdbx_initial_refinement_model.details          ? 
# 
_space_group.name_H-M_alt     'P 65' 
_space_group.name_Hall        'P 65' 
_space_group.IT_number        170 
_space_group.crystal_system   hexagonal 
_space_group.id               1 
# 
_atom_sites.entry_id                    8ILZ 
_atom_sites.Cartn_transf_matrix[1][1]   ? 
_atom_sites.Cartn_transf_matrix[1][2]   ? 
_atom_sites.Cartn_transf_matrix[1][3]   ? 
_atom_sites.Cartn_transf_matrix[2][1]   ? 
_atom_sites.Cartn_transf_matrix[2][2]   ? 
_atom_sites.Cartn_transf_matrix[2][3]   ? 
_atom_sites.Cartn_transf_matrix[3][1]   ? 
_atom_sites.Cartn_transf_matrix[3][2]   ? 
_atom_sites.Cartn_transf_matrix[3][3]   ? 
_atom_sites.Cartn_transf_vector[1]      ? 
_atom_sites.Cartn_transf_vector[2]      ? 
_atom_sites.Cartn_transf_vector[3]      ? 
_atom_sites.fract_transf_matrix[1][1]   -0.00383764 
_atom_sites.fract_transf_matrix[1][2]   0.00827835 
_atom_sites.fract_transf_matrix[1][3]   -0.01358053 
_atom_sites.fract_transf_matrix[2][1]   0.01152948 
_atom_sites.fract_transf_matrix[2][2]   0.00321498 
_atom_sites.fract_transf_matrix[2][3]   -0.01115425 
_atom_sites.fract_transf_matrix[3][1]   -0.00558864 
_atom_sites.fract_transf_matrix[3][2]   -0.02289098 
_atom_sites.fract_transf_matrix[3][3]   -0.01237450 
_atom_sites.fract_transf_vector[1]      -0.206793 
_atom_sites.fract_transf_vector[2]      0.214642 
_atom_sites.fract_transf_vector[3]      0.026521 
_atom_sites.solution_primary            ? 
_atom_sites.solution_secondary          ? 
_atom_sites.solution_hydrogens          ? 
_atom_sites.special_details             ? 
# 
loop_
_atom_type.symbol 
_atom_type.scat_dispersion_real 
_atom_type.scat_dispersion_imag 
_atom_type.scat_Cromer_Mann_a1 
_atom_type.scat_Cromer_Mann_a2 
_atom_type.scat_Cromer_Mann_a3 
_atom_type.scat_Cromer_Mann_a4 
_atom_type.scat_Cromer_Mann_b1 
_atom_type.scat_Cromer_Mann_b2 
_atom_type.scat_Cromer_Mann_b3 
_atom_type.scat_Cromer_Mann_b4 
_atom_type.scat_Cromer_Mann_c 
_atom_type.scat_source 
_atom_type.scat_dispersion_source 
C ? ? 3.54356 2.42580 ? ? 25.62398 1.50364  ? ? 0.0 
;2-Gaussian fit: Grosse-Kunstleve RW, Sauter NK, Adams PD: Newsletter of the IUCr Commission on Crystallographic Computing 2004, 3, 22-31.
;
? 
N ? ? 4.01032 2.96436 ? ? 19.97189 1.75589  ? ? 0.0 
;2-Gaussian fit: Grosse-Kunstleve RW, Sauter NK, Adams PD: Newsletter of the IUCr Commission on Crystallographic Computing 2004, 3, 22-31.
;
? 
O ? ? 4.49882 3.47563 ? ? 15.80542 1.70748  ? ? 0.0 
;2-Gaussian fit: Grosse-Kunstleve RW, Sauter NK, Adams PD: Newsletter of the IUCr Commission on Crystallographic Computing 2004, 3, 22-31.
;
? 
S ? ? 9.55732 6.39887 ? ? 1.23737  29.19336 ? ? 0.0 
;2-Gaussian fit: Grosse-Kunstleve RW, Sauter NK, Adams PD: Newsletter of the IUCr Commission on Crystallographic Computing 2004, 3, 22-31.
;
? 
# 
loop_
_atom_site.group_PDB 
_atom_site.id 
_atom_site.type_symbol 
_atom_site.label_atom_id 
_atom_site.label_alt_id 
_atom_site.label_comp_id 
_atom_site.label_asym_id 
_atom_site.label_entity_id 
_atom_site.label_seq_id 
_atom_site.pdbx_PDB_ins_code 
_atom_site.Cartn_x 
_atom_site.Cartn_y 
_atom_site.Cartn_z 
_atom_site.occupancy 
_atom_site.B_iso_or_equiv 
_atom_site.pdbx_formal_charge 
_atom_site.auth_seq_id 
_atom_site.auth_comp_id 
_atom_site.auth_asym_id 
_atom_site.auth_atom_id 
_atom_site.pdbx_PDB_model_num 
ATOM   1   N N   . PRO A 1 1   ? 8.82695   13.61380  -1.57179  1.000 31.65302 ? 102 PRO A N   1 
ATOM   2   C CA  . PRO A 1 1   ? 8.54107   12.20257  -1.28214  1.000 24.83848 ? 102 PRO A CA  1 
ATOM   3   C C   . PRO A 1 1   ? 7.51458   12.02551  -0.16414  1.000 23.41016 ? 102 PRO A C   1 
ATOM   4   O O   . PRO A 1 1   ? 7.84744   11.62194  0.94865   1.000 21.02122 ? 102 PRO A O   1 
ATOM   5   C CB  . PRO A 1 1   ? 9.91024   11.66381  -0.86768  1.000 26.12680 ? 102 PRO A CB  1 
ATOM   6   C CG  . PRO A 1 1   ? 10.59848  12.86902  -0.23272  1.000 24.98618 ? 102 PRO A CG  1 
ATOM   7   C CD  . PRO A 1 1   ? 9.92074   14.12177  -0.72744  1.000 26.71984 ? 102 PRO A CD  1 
ATOM   8   N N   . LYS A 1 2   ? 6.25754   12.34272  -0.46723  1.000 18.67096 ? 103 LYS A N   1 
ATOM   9   C CA  . LYS A 1 2   ? 5.17164   12.18998  0.49109   1.000 16.98451 ? 103 LYS A CA  1 
ATOM   10  C C   . LYS A 1 2   ? 4.30495   10.97847  0.19062   1.000 17.11310 ? 103 LYS A C   1 
ATOM   11  O O   . LYS A 1 2   ? 3.37175   10.70468  0.94863   1.000 17.47534 ? 103 LYS A O   1 
ATOM   12  C CB  . LYS A 1 2   ? 4.28910   13.43830  0.50346   1.000 17.80598 ? 103 LYS A CB  1 
ATOM   13  C CG  . LYS A 1 2   ? 4.97370   14.69157  1.03256   1.000 20.14302 ? 103 LYS A CG  1 
ATOM   14  C CD  . LYS A 1 2   ? 4.08349   15.89343  0.78678   1.000 20.66496 ? 103 LYS A CD  1 
ATOM   15  C CE  . LYS A 1 2   ? 4.68525   17.15518  1.40111   1.000 19.17147 ? 103 LYS A CE  1 
ATOM   16  N NZ  . LYS A 1 2   ? 3.81296   18.30629  1.11627   1.000 22.94277 ? 103 LYS A NZ  1 
ATOM   17  N N   . GLN A 1 3   ? 4.59015   10.26107  -0.89197  1.000 18.12459 ? 104 GLN A N   1 
ATOM   18  C CA  . GLN A 1 3   ? 3.74923   9.16453   -1.35173  1.000 14.17823 ? 104 GLN A CA  1 
ATOM   19  C C   . GLN A 1 3   ? 4.38423   7.83879   -0.95445  1.000 16.41871 ? 104 GLN A C   1 
ATOM   20  O O   . GLN A 1 3   ? 5.59964   7.65597   -1.06280  1.000 17.85299 ? 104 GLN A O   1 
ATOM   21  C CB  . GLN A 1 3   ? 3.54302   9.22926   -2.86676  1.000 16.68615 ? 104 GLN A CB  1 
ATOM   22  C CG  . GLN A 1 3   ? 2.70529   8.07085   -3.40555  1.000 16.98763 ? 104 GLN A CG  1 
ATOM   23  C CD  . GLN A 1 3   ? 2.43853   8.15157   -4.89458  1.000 19.98192 ? 104 GLN A CD  1 
ATOM   24  O OE1 . GLN A 1 3   ? 2.21554   7.12996   -5.53879  1.000 21.46426 ? 104 GLN A OE1 1 
ATOM   25  N NE2 . GLN A 1 3   ? 2.48159   9.35433   -5.45367  1.000 21.88707 ? 104 GLN A NE2 1 
ATOM   26  N N   . VAL A 1 4   ? 3.55021   6.91930   -0.49075  1.000 16.15753 ? 105 VAL A N   1 
ATOM   27  C CA  . VAL A 1 4   ? 3.98959   5.65366   0.06690   1.000 13.87092 ? 105 VAL A CA  1 
ATOM   28  C C   . VAL A 1 4   ? 3.19625   4.57422   -0.64694  1.000 15.76089 ? 105 VAL A C   1 
ATOM   29  O O   . VAL A 1 4   ? 2.00875   4.75975   -0.93363  1.000 15.97934 ? 105 VAL A O   1 
ATOM   30  C CB  . VAL A 1 4   ? 3.76346   5.62196   1.59661   1.000 14.33644 ? 105 VAL A CB  1 
ATOM   31  C CG1 . VAL A 1 4   ? 3.99585   4.24157   2.18425   1.000 18.34235 ? 105 VAL A CG1 1 
ATOM   32  C CG2 . VAL A 1 4   ? 4.66279   6.64919   2.29456   1.000 14.78448 ? 105 VAL A CG2 1 
ATOM   33  N N   . THR A 1 5   ? 3.84864   3.46848   -0.97022  1.000 14.01220 ? 106 THR A N   1 
ATOM   34  C CA  . THR A 1 5   ? 3.16086   2.32936   -1.55590  1.000 13.36904 ? 106 THR A CA  1 
ATOM   35  C C   . THR A 1 5   ? 3.15785   1.18897   -0.55058  1.000 15.08992 ? 106 THR A C   1 
ATOM   36  O O   . THR A 1 5   ? 4.19003   0.88541   0.06106   1.000 14.19276 ? 106 THR A O   1 
ATOM   37  C CB  . THR A 1 5   ? 3.82829   1.91586   -2.86735  1.000 15.76081 ? 106 THR A CB  1 
ATOM   38  O OG1 . THR A 1 5   ? 3.48674   2.88455   -3.86294  1.000 17.01897 ? 106 THR A OG1 1 
ATOM   39  C CG2 . THR A 1 5   ? 3.37473   0.49448   -3.31598  1.000 18.39622 ? 106 THR A CG2 1 
ATOM   40  N N   . PHE A 1 6   ? 1.99015   0.59827   -0.35352  1.000 15.66875 ? 107 PHE A N   1 
ATOM   41  C CA  . PHE A 1 6   ? 1.82009   -0.59625  0.45507   1.000 13.10236 ? 107 PHE A CA  1 
ATOM   42  C C   . PHE A 1 6   ? 1.64235   -1.79404  -0.46545  1.000 15.80384 ? 107 PHE A C   1 
ATOM   43  O O   . PHE A 1 6   ? 1.02053   -1.68687  -1.52526  1.000 13.84611 ? 107 PHE A O   1 
ATOM   44  C CB  . PHE A 1 6   ? 0.59237   -0.47032  1.34884   1.000 12.71171 ? 107 PHE A CB  1 
ATOM   45  C CG  . PHE A 1 6   ? 0.76410   0.47754   2.48741   1.000 12.84397 ? 107 PHE A CG  1 
ATOM   46  C CD1 . PHE A 1 6   ? 0.67317   1.84422   2.28899   1.000 17.33505 ? 107 PHE A CD1 1 
ATOM   47  C CD2 . PHE A 1 6   ? 1.01342   -0.00383  3.76487   1.000 16.28643 ? 107 PHE A CD2 1 
ATOM   48  C CE1 . PHE A 1 6   ? 0.84560   2.72328   3.34894   1.000 16.69582 ? 107 PHE A CE1 1 
ATOM   49  C CE2 . PHE A 1 6   ? 1.17811   0.86023   4.82193   1.000 14.20710 ? 107 PHE A CE2 1 
ATOM   50  C CZ  . PHE A 1 6   ? 1.08645   2.22502   4.61427   1.000 16.27839 ? 107 PHE A CZ  1 
ATOM   51  N N   . ALA A 1 7   ? 2.17040   -2.93988  -0.04593  1.000 15.99488 ? 108 ALA A N   1 
ATOM   52  C CA  . ALA A 1 7   ? 1.98521   -4.17285  -0.79592  1.000 13.64997 ? 108 ALA A CA  1 
ATOM   53  C C   . ALA A 1 7   ? 1.80733   -5.34682  0.15996   1.000 13.96135 ? 108 ALA A C   1 
ATOM   54  O O   . ALA A 1 7   ? 2.25989   -5.32012  1.31010   1.000 16.05788 ? 108 ALA A O   1 
ATOM   55  C CB  . ALA A 1 7   ? 3.16198   -4.43051  -1.74859  1.000 15.30039 ? 108 ALA A CB  1 
ATOM   56  N N   . LYS A 1 8   ? 1.14949   -6.38803  -0.35702  1.000 14.94103 ? 109 LYS A N   1 
ATOM   57  C CA  . LYS A 1 8   ? 0.77413   -7.59501  0.38844   1.000 17.05473 ? 109 LYS A CA  1 
ATOM   58  C C   . LYS A 1 8   ? -0.20566  -7.29844  1.52197   1.000 17.95609 ? 109 LYS A C   1 
ATOM   59  O O   . LYS A 1 8   ? -0.21227  -7.97703  2.54942   1.000 17.91864 ? 109 LYS A O   1 
ATOM   60  C CB  . LYS A 1 8   ? 2.00803   -8.34723  0.89444   1.000 19.43210 ? 109 LYS A CB  1 
ATOM   61  C CG  . LYS A 1 8   ? 2.84062   -8.88314  -0.27506  1.000 21.32147 ? 109 LYS A CG  1 
ATOM   62  C CD  . LYS A 1 8   ? 4.27065   -9.17135  0.09641   1.000 26.45829 ? 109 LYS A CD  1 
ATOM   63  C CE  . LYS A 1 8   ? 4.42337   -10.61711 0.55152   1.000 33.55606 ? 109 LYS A CE  1 
ATOM   64  N NZ  . LYS A 1 8   ? 5.85508   -11.01141 0.77432   1.000 36.09299 ? 109 LYS A NZ  1 
ATOM   65  N N   . LEU A 1 9   ? -1.04765  -6.28567  1.33422   1.000 16.30692 ? 110 LEU A N   1 
ATOM   66  C CA  . LEU A 1 9   ? -2.10509  -5.98941  2.29139   1.000 14.73185 ? 110 LEU A CA  1 
ATOM   67  C C   . LEU A 1 9   ? -3.17926  -7.06208  2.23079   1.000 19.26853 ? 110 LEU A C   1 
ATOM   68  O O   . LEU A 1 9   ? -3.61124  -7.46002  1.14379   1.000 17.54854 ? 110 LEU A O   1 
ATOM   69  C CB  . LEU A 1 9   ? -2.75678  -4.65612  1.96302   1.000 14.91183 ? 110 LEU A CB  1 
ATOM   70  C CG  . LEU A 1 9   ? -1.93523  -3.40605  2.15204   1.000 13.50978 ? 110 LEU A CG  1 
ATOM   71  C CD1 . LEU A 1 9   ? -2.77363  -2.24105  1.66194   1.000 14.81453 ? 110 LEU A CD1 1 
ATOM   72  C CD2 . LEU A 1 9   ? -1.49645  -3.25813  3.61498   1.000 16.64737 ? 110 LEU A CD2 1 
ATOM   73  N N   . ASN A 1 10  ? -3.63147  -7.50864  3.40350   1.000 17.19912 ? 111 ASN A N   1 
ATOM   74  C CA  . ASN A 1 10  ? -4.74907  -8.44912  3.47386   1.000 17.21115 ? 111 ASN A CA  1 
ATOM   75  C C   . ASN A 1 10  ? -6.00310  -7.86308  2.82573   1.000 18.98786 ? 111 ASN A C   1 
ATOM   76  O O   . ASN A 1 10  ? -6.26794  -6.66087  2.92293   1.000 17.71051 ? 111 ASN A O   1 
ATOM   77  C CB  . ASN A 1 10  ? -4.99759  -8.80576  4.94319   1.000 18.77303 ? 111 ASN A CB  1 
ATOM   78  C CG  . ASN A 1 10  ? -6.17694  -9.73574  5.14109   1.000 22.52308 ? 111 ASN A CG  1 
ATOM   79  O OD1 . ASN A 1 10  ? -7.31093  -9.28687  5.27848   1.000 21.16324 ? 111 ASN A OD1 1 
ATOM   80  N ND2 . ASN A 1 10  ? -5.91527  -11.03571 5.13657   1.000 21.45856 ? 111 ASN A ND2 1 
ATOM   81  N N   . ASP A 1 11  ? -6.79147  -8.71924  2.16193   1.000 18.85011 ? 112 ASP A N   1 
ATOM   82  C CA  . ASP A 1 11  ? -7.92782  -8.19884  1.40351   1.000 18.87397 ? 112 ASP A CA  1 
ATOM   83  C C   . ASP A 1 11  ? -9.05882  -7.66594  2.27854   1.000 18.78210 ? 112 ASP A C   1 
ATOM   84  O O   . ASP A 1 11  ? -10.02991 -7.13731  1.72704   1.000 20.22411 ? 112 ASP A O   1 
ATOM   85  C CB  . ASP A 1 11  ? -8.44871  -9.26142  0.42097   1.000 18.67996 ? 112 ASP A CB  1 
ATOM   86  C CG  . ASP A 1 11  ? -9.05443  -10.48957 1.10445   1.000 24.51403 ? 112 ASP A CG  1 
ATOM   87  O OD1 . ASP A 1 11  ? -9.08012  -10.58098 2.35278   1.000 23.85109 ? 112 ASP A OD1 1 
ATOM   88  O OD2 . ASP A 1 11  ? -9.50448  -11.39380 0.35611   1.000 28.22681 ? 112 ASP A OD2 1 
ATOM   89  N N   . ASN A 1 12  ? -8.94395  -7.74945  3.60598   1.000 19.05637 ? 113 ASN A N   1 
ATOM   90  C CA  . ASN A 1 12  ? -9.85554  -7.08166  4.53044   1.000 19.28886 ? 113 ASN A CA  1 
ATOM   91  C C   . ASN A 1 12  ? -9.38671  -5.68755  4.92082   1.000 19.59082 ? 113 ASN A C   1 
ATOM   92  O O   . ASN A 1 12  ? -9.97663  -5.06878  5.81458   1.000 18.82310 ? 113 ASN A O   1 
ATOM   93  C CB  . ASN A 1 12  ? -10.03116 -7.93198  5.78065   1.000 18.59776 ? 113 ASN A CB  1 
ATOM   94  C CG  . ASN A 1 12  ? -10.70380 -9.25384  5.48103   1.000 18.81600 ? 113 ASN A CG  1 
ATOM   95  O OD1 . ASN A 1 12  ? -11.87182 -9.29125  5.08014   1.000 21.27910 ? 113 ASN A OD1 1 
ATOM   96  N ND2 . ASN A 1 12  ? -9.96781  -10.34496 5.64678   1.000 22.99941 ? 113 ASN A ND2 1 
ATOM   97  N N   . ILE A 1 13  ? -8.35021  -5.17923  4.27440   1.000 18.16567 ? 114 ILE A N   1 
ATOM   98  C CA  . ILE A 1 13  ? -7.84692  -3.83492  4.51872   1.000 18.92169 ? 114 ILE A CA  1 
ATOM   99  C C   . ILE A 1 13  ? -8.29336  -2.96030  3.35432   1.000 19.31163 ? 114 ILE A C   1 
ATOM   100 O O   . ILE A 1 13  ? -7.78952  -3.10376  2.23675   1.000 19.06673 ? 114 ILE A O   1 
ATOM   101 C CB  . ILE A 1 13  ? -6.32017  -3.82702  4.67973   1.000 17.85172 ? 114 ILE A CB  1 
ATOM   102 C CG1 . ILE A 1 13  ? -5.91371  -4.60252  5.93508   1.000 16.90231 ? 114 ILE A CG1 1 
ATOM   103 C CG2 . ILE A 1 13  ? -5.79091  -2.39461  4.72678   1.000 17.17582 ? 114 ILE A CG2 1 
ATOM   104 C CD1 . ILE A 1 13  ? -4.45061  -4.95145  5.99729   1.000 17.59752 ? 114 ILE A CD1 1 
ATOM   105 N N   . ARG A 1 14  ? -9.25540  -2.06768  3.60147   1.000 17.32213 ? 115 ARG A N   1 
ATOM   106 C CA  . ARG A 1 14  ? -9.64971  -1.09345  2.59253   1.000 16.72732 ? 115 ARG A CA  1 
ATOM   107 C C   . ARG A 1 14  ? -9.32807  0.30695   3.09663   1.000 18.70824 ? 115 ARG A C   1 
ATOM   108 O O   . ARG A 1 14  ? -8.42184  0.46065   3.91886   1.000 17.72741 ? 115 ARG A O   1 
ATOM   109 C CB  . ARG A 1 14  ? -11.12578 -1.25563  2.25657   1.000 21.01792 ? 115 ARG A CB  1 
ATOM   110 C CG  . ARG A 1 14  ? -11.39729 -2.62905  1.66715   1.000 18.57215 ? 115 ARG A CG  1 
ATOM   111 C CD  . ARG A 1 14  ? -12.50962 -2.63257  0.64293   1.000 25.44701 ? 115 ARG A CD  1 
ATOM   112 N NE  . ARG A 1 14  ? -12.64886 -3.98113  0.10522   1.000 21.78832 ? 115 ARG A NE  1 
ATOM   113 C CZ  . ARG A 1 14  ? -13.33176 -4.28818  -0.98830  1.000 26.15170 ? 115 ARG A CZ  1 
ATOM   114 N NH1 . ARG A 1 14  ? -14.01391 -3.37484  -1.66187  1.000 25.56369 ? 115 ARG A NH1 1 
ATOM   115 N NH2 . ARG A 1 14  ? -13.30530 -5.53726  -1.43310  1.000 22.31538 ? 115 ARG A NH2 1 
ATOM   116 N N   . GLU A 1 15  ? -10.04762 1.32934   2.61616   1.000 19.90020 ? 116 GLU A N   1 
ATOM   117 C CA  . GLU A 1 15  ? -9.61286  2.70948   2.86069   1.000 20.99335 ? 116 GLU A CA  1 
ATOM   118 C C   . GLU A 1 15  ? -9.67106  3.07753   4.33596   1.000 19.12529 ? 116 GLU A C   1 
ATOM   119 O O   . GLU A 1 15  ? -8.75898  3.73959   4.85045   1.000 19.40900 ? 116 GLU A O   1 
ATOM   120 C CB  . GLU A 1 15  ? -10.45774 3.68689   2.04276   1.000 23.92338 ? 116 GLU A CB  1 
ATOM   121 C CG  . GLU A 1 15  ? -10.05780 3.74192   0.57950   1.000 24.64992 ? 116 GLU A CG  1 
ATOM   122 C CD  . GLU A 1 15  ? -10.64580 4.93913   -0.15738  1.000 30.67473 ? 116 GLU A CD  1 
ATOM   123 O OE1 . GLU A 1 15  ? -11.15262 5.87021   0.51266   1.000 33.51753 ? 116 GLU A OE1 1 
ATOM   124 O OE2 . GLU A 1 15  ? -10.61037 4.93660   -1.41024  1.000 32.89744 ? 116 GLU A OE2 1 
ATOM   125 N N   . ASN A 1 16  ? -10.74128 2.68938   5.03368   1.000 19.03048 ? 117 ASN A N   1 
ATOM   126 C CA  . ASN A 1 16  ? -10.86733 3.12412   6.42270   1.000 20.56630 ? 117 ASN A CA  1 
ATOM   127 C C   . ASN A 1 16  ? -9.77498  2.51469   7.28257   1.000 21.20464 ? 117 ASN A C   1 
ATOM   128 O O   . ASN A 1 16  ? -9.21667  3.18870   8.15110   1.000 21.54616 ? 117 ASN A O   1 
ATOM   129 C CB  . ASN A 1 16  ? -12.24555 2.77671   6.98693   1.000 21.35471 ? 117 ASN A CB  1 
ATOM   130 C CG  . ASN A 1 16  ? -13.36119 3.54710   6.31635   1.000 27.99886 ? 117 ASN A CG  1 
ATOM   131 O OD1 . ASN A 1 16  ? -13.17585 4.68815   5.89772   1.000 31.54125 ? 117 ASN A OD1 1 
ATOM   132 N ND2 . ASN A 1 16  ? -14.53721 2.93860   6.23768   1.000 31.96860 ? 117 ASN A ND2 1 
ATOM   133 N N   . PHE A 1 17  ? -9.45810  1.24046   7.05307   1.000 18.17627 ? 118 PHE A N   1 
ATOM   134 C CA  . PHE A 1 17  ? -8.39813  0.57967   7.80598   1.000 17.02790 ? 118 PHE A CA  1 
ATOM   135 C C   . PHE A 1 17  ? -7.05651  1.25227   7.55508   1.000 18.56096 ? 118 PHE A C   1 
ATOM   136 O O   . PHE A 1 17  ? -6.31513  1.57505   8.49056   1.000 17.71328 ? 118 PHE A O   1 
ATOM   137 C CB  . PHE A 1 17  ? -8.34422  -0.89660  7.39527   1.000 17.92255 ? 118 PHE A CB  1 
ATOM   138 C CG  . PHE A 1 17  ? -7.36971  -1.72968  8.18996   1.000 17.20187 ? 118 PHE A CG  1 
ATOM   139 C CD1 . PHE A 1 17  ? -5.99818  -1.52792  8.09521   1.000 20.57203 ? 118 PHE A CD1 1 
ATOM   140 C CD2 . PHE A 1 17  ? -7.82930  -2.73538  9.01424   1.000 19.38854 ? 118 PHE A CD2 1 
ATOM   141 C CE1 . PHE A 1 17  ? -5.11688  -2.30509  8.82066   1.000 21.95447 ? 118 PHE A CE1 1 
ATOM   142 C CE2 . PHE A 1 17  ? -6.95141  -3.51424  9.73614   1.000 20.14810 ? 118 PHE A CE2 1 
ATOM   143 C CZ  . PHE A 1 17  ? -5.59775  -3.29327  9.63982   1.000 20.93995 ? 118 PHE A CZ  1 
ATOM   144 N N   . LEU A 1 18  ? -6.71084  1.43431   6.28213   1.000 17.78123 ? 119 LEU A N   1 
ATOM   145 C CA  . LEU A 1 18  ? -5.39927  1.96424   5.94137   1.000 17.54953 ? 119 LEU A CA  1 
ATOM   146 C C   . LEU A 1 18  ? -5.26251  3.42001   6.38351   1.000 20.17541 ? 119 LEU A C   1 
ATOM   147 O O   . LEU A 1 18  ? -4.21167  3.81777   6.90824   1.000 19.41538 ? 119 LEU A O   1 
ATOM   148 C CB  . LEU A 1 18  ? -5.17846  1.81712   4.43794   1.000 19.90046 ? 119 LEU A CB  1 
ATOM   149 C CG  . LEU A 1 18  ? -3.76283  2.02470   3.91370   1.000 23.07800 ? 119 LEU A CG  1 
ATOM   150 C CD1 . LEU A 1 18  ? -2.76779  1.11505   4.61455   1.000 19.37439 ? 119 LEU A CD1 1 
ATOM   151 C CD2 . LEU A 1 18  ? -3.71300  1.86220   2.41733   1.000 19.13267 ? 119 LEU A CD2 1 
ATOM   152 N N   . ARG A 1 19  ? -6.30897  4.23201   6.18361   1.000 19.50199 ? 120 ARG A N   1 
ATOM   153 C CA  . ARG A 1 19  ? -6.28612  5.60310   6.69901   1.000 21.40813 ? 120 ARG A CA  1 
ATOM   154 C C   . ARG A 1 19  ? -6.02227  5.62430   8.20138   1.000 22.46705 ? 120 ARG A C   1 
ATOM   155 O O   . ARG A 1 19  ? -5.14554  6.35337   8.68027   1.000 22.47767 ? 120 ARG A O   1 
ATOM   156 C CB  . ARG A 1 19  ? -7.60326  6.31355   6.38158   1.000 22.22445 ? 120 ARG A CB  1 
ATOM   157 C CG  . ARG A 1 19  ? -7.51617  7.83507   6.44133   1.000 25.82513 ? 120 ARG A CG  1 
ATOM   158 C CD  . ARG A 1 19  ? -8.84419  8.46460   6.04446   1.000 28.13206 ? 120 ARG A CD  1 
ATOM   159 N NE  . ARG A 1 19  ? -9.03709  8.49603   4.59880   1.000 30.35397 ? 120 ARG A NE  1 
ATOM   160 C CZ  . ARG A 1 19  ? -8.49165  9.38955   3.78193   1.000 33.42812 ? 120 ARG A CZ  1 
ATOM   161 N NH1 . ARG A 1 19  ? -7.75691  10.39091  4.23960   1.000 33.81292 ? 120 ARG A NH1 1 
ATOM   162 N NH2 . ARG A 1 19  ? -8.69715  9.28067   2.47073   1.000 39.60491 ? 120 ARG A NH2 1 
ATOM   163 N N   . ASP A 1 20  ? -6.77633  4.82399   8.95956   1.000 20.81719 ? 121 ASP A N   1 
ATOM   164 C CA  . ASP A 1 20  ? -6.59171  4.76030   10.40739  1.000 23.68247 ? 121 ASP A CA  1 
ATOM   165 C C   . ASP A 1 20  ? -5.16882  4.38030   10.78796  1.000 25.74164 ? 121 ASP A C   1 
ATOM   166 O O   . ASP A 1 20  ? -4.58289  4.97138   11.70633  1.000 23.22962 ? 121 ASP A O   1 
ATOM   167 C CB  . ASP A 1 20  ? -7.58315  3.77556   11.01121  1.000 23.94949 ? 121 ASP A CB  1 
ATOM   168 C CG  . ASP A 1 20  ? -7.63022  3.85386   12.51551  1.000 30.90617 ? 121 ASP A CG  1 
ATOM   169 O OD1 . ASP A 1 20  ? -8.31952  4.74580   13.06130  1.000 29.36161 ? 121 ASP A OD1 1 
ATOM   170 O OD2 . ASP A 1 20  ? -6.97022  2.99394   13.14419  1.000 34.84865 ? 121 ASP A OD2 1 
ATOM   171 N N   . MET A 1 21  ? -4.59531  3.39729   10.09953  1.000 20.35394 ? 122 MET A N   1 
ATOM   172 C CA  . MET A 1 21  ? -3.24169  2.97795   10.42658  1.000 23.21173 ? 122 MET A CA  1 
ATOM   173 C C   . MET A 1 21  ? -2.21977  4.04446   10.04246  1.000 23.33286 ? 122 MET A C   1 
ATOM   174 O O   . MET A 1 21  ? -1.24673  4.25962   10.77548  1.000 24.79490 ? 122 MET A O   1 
ATOM   175 C CB  . MET A 1 21  ? -2.93427  1.64133   9.75155   1.000 21.35896 ? 122 MET A CB  1 
ATOM   176 C CG  . MET A 1 21  ? -1.59495  1.03918   10.12752  1.000 25.04689 ? 122 MET A CG  1 
ATOM   177 S SD  . MET A 1 21  ? -1.40322  -0.59193  9.35980   1.000 31.08724 ? 122 MET A SD  1 
ATOM   178 C CE  . MET A 1 21  ? -1.56741  -0.15411  7.64636   1.000 26.31492 ? 122 MET A CE  1 
ATOM   179 N N   . CYS A 1 22  ? -2.42730  4.74954   8.92172   1.000 19.74973 ? 123 CYS A N   1 
ATOM   180 C CA  . CYS A 1 22  ? -1.43572  5.75047   8.51996   1.000 20.84079 ? 123 CYS A CA  1 
ATOM   181 C C   . CYS A 1 22  ? -1.53818  7.05895   9.30215   1.000 21.94959 ? 123 CYS A C   1 
ATOM   182 O O   . CYS A 1 22  ? -0.51580  7.73014   9.49102   1.000 21.58396 ? 123 CYS A O   1 
ATOM   183 C CB  . CYS A 1 22  ? -1.52962  6.04565   7.02920   1.000 21.23232 ? 123 CYS A CB  1 
ATOM   184 S SG  . CYS A 1 22  ? -1.03870  4.65882   6.02471   1.000 20.25464 ? 123 CYS A SG  1 
ATOM   185 N N   . LYS A 1 23  ? -2.73923  7.44911   9.74529   1.000 20.60613 ? 124 LYS A N   1 
ATOM   186 C CA  . LYS A 1 23  ? -2.87824  8.69083   10.51063  1.000 23.09814 ? 124 LYS A CA  1 
ATOM   187 C C   . LYS A 1 23  ? -2.09547  8.69419   11.81283  1.000 23.90388 ? 124 LYS A C   1 
ATOM   188 O O   . LYS A 1 23  ? -1.85860  9.77575   12.37068  1.000 25.22252 ? 124 LYS A O   1 
ATOM   189 C CB  . LYS A 1 23  ? -4.33491  8.98735   10.85490  1.000 28.45350 ? 124 LYS A CB  1 
ATOM   190 C CG  . LYS A 1 23  ? -5.27270  9.29939   9.71647   1.000 31.70347 ? 124 LYS A CG  1 
ATOM   191 C CD  . LYS A 1 23  ? -6.70851  9.01959   10.17693  1.000 33.20922 ? 124 LYS A CD  1 
ATOM   192 C CE  . LYS A 1 23  ? -6.86532  9.18257   11.70018  1.000 35.84838 ? 124 LYS A CE  1 
ATOM   193 N NZ  . LYS A 1 23  ? -8.28721  9.31441   12.13613  1.000 41.33021 ? 124 LYS A NZ  1 
ATOM   194 N N   . LYS A 1 24  ? -1.71564  7.52858   12.33586  1.000 23.09275 ? 125 LYS A N   1 
ATOM   195 C CA  . LYS A 1 24  ? -0.89059  7.51385   13.54151  1.000 24.05313 ? 125 LYS A CA  1 
ATOM   196 C C   . LYS A 1 24  ? 0.45087   8.19641   13.32578  1.000 25.44579 ? 125 LYS A C   1 
ATOM   197 O O   . LYS A 1 24  ? 1.09199   8.60929   14.30001  1.000 27.79507 ? 125 LYS A O   1 
ATOM   198 C CB  . LYS A 1 24  ? -0.65564  6.08508   14.01659  1.000 25.26640 ? 125 LYS A CB  1 
ATOM   199 C CG  . LYS A 1 24  ? -1.83954  5.16545   13.83349  1.000 33.14959 ? 125 LYS A CG  1 
ATOM   200 C CD  . LYS A 1 24  ? -2.03268  4.27896   15.05514  1.000 32.48016 ? 125 LYS A CD  1 
ATOM   201 C CE  . LYS A 1 24  ? -3.05342  3.19547   14.78064  1.000 36.25974 ? 125 LYS A CE  1 
ATOM   202 N NZ  . LYS A 1 24  ? -2.41683  1.84554   14.77220  1.000 45.23089 ? 125 LYS A NZ  1 
ATOM   203 N N   . TYR A 1 25  ? 0.88243   8.33918   12.07275  1.000 24.11888 ? 126 TYR A N   1 
ATOM   204 C CA  . TYR A 1 25  ? 2.18790   8.88926   11.75583  1.000 23.30473 ? 126 TYR A CA  1 
ATOM   205 C C   . TYR A 1 25  ? 2.13042   10.29363  11.17544  1.000 24.48738 ? 126 TYR A C   1 
ATOM   206 O O   . TYR A 1 25  ? 3.17558   10.94396  11.07990  1.000 24.36441 ? 126 TYR A O   1 
ATOM   207 C CB  . TYR A 1 25  ? 2.91852   7.94611   10.78530  1.000 22.66125 ? 126 TYR A CB  1 
ATOM   208 C CG  . TYR A 1 25  ? 3.00409   6.55717   11.35778  1.000 23.80407 ? 126 TYR A CG  1 
ATOM   209 C CD1 . TYR A 1 25  ? 3.99341   6.23457   12.26782  1.000 26.24750 ? 126 TYR A CD1 1 
ATOM   210 C CD2 . TYR A 1 25  ? 2.06704   5.58262   11.03461  1.000 25.10217 ? 126 TYR A CD2 1 
ATOM   211 C CE1 . TYR A 1 25  ? 4.06686   4.98148   12.82697  1.000 24.44355 ? 126 TYR A CE1 1 
ATOM   212 C CE2 . TYR A 1 25  ? 2.13826   4.31865   11.59039  1.000 23.51171 ? 126 TYR A CE2 1 
ATOM   213 C CZ  . TYR A 1 25  ? 3.14010   4.03279   12.48937  1.000 25.38809 ? 126 TYR A CZ  1 
ATOM   214 O OH  . TYR A 1 25  ? 3.24023   2.79015   13.05781  1.000 32.05146 ? 126 TYR A OH  1 
ATOM   215 N N   . GLY A 1 26  ? 0.95476   10.77485  10.79963  1.000 23.72872 ? 127 GLY A N   1 
ATOM   216 C CA  . GLY A 1 26  ? 0.79903   12.12218  10.28873  1.000 24.35805 ? 127 GLY A CA  1 
ATOM   217 C C   . GLY A 1 26  ? -0.48542  12.25677  9.50664   1.000 23.22566 ? 127 GLY A C   1 
ATOM   218 O O   . GLY A 1 26  ? -1.14033  11.27465  9.16103   1.000 26.60327 ? 127 GLY A O   1 
ATOM   219 N N   . GLU A 1 27  ? -0.83709  13.50553  9.21098   1.000 22.99989 ? 128 GLU A N   1 
ATOM   220 C CA  . GLU A 1 27  ? -2.04178  13.75162  8.43057   1.000 26.38936 ? 128 GLU A CA  1 
ATOM   221 C C   . GLU A 1 27  ? -1.94347  13.06200  7.07659   1.000 23.28831 ? 128 GLU A C   1 
ATOM   222 O O   . GLU A 1 27  ? -0.87598  13.00671  6.45754   1.000 21.30891 ? 128 GLU A O   1 
ATOM   223 C CB  . GLU A 1 27  ? -2.26861  15.25060  8.23722   1.000 25.38183 ? 128 GLU A CB  1 
ATOM   224 N N   . VAL A 1 28  ? -3.07241  12.54682  6.61213   1.000 21.14269 ? 129 VAL A N   1 
ATOM   225 C CA  . VAL A 1 28  ? -3.13616  11.73591  5.40470   1.000 23.22475 ? 129 VAL A CA  1 
ATOM   226 C C   . VAL A 1 28  ? -4.01592  12.46631  4.40190   1.000 24.88658 ? 129 VAL A C   1 
ATOM   227 O O   . VAL A 1 28  ? -5.11097  12.91969  4.75173   1.000 26.66951 ? 129 VAL A O   1 
ATOM   228 C CB  . VAL A 1 28  ? -3.68859  10.33472  5.71930   1.000 22.66322 ? 129 VAL A CB  1 
ATOM   229 C CG1 . VAL A 1 28  ? -4.03119  9.61142   4.44609   1.000 27.53395 ? 129 VAL A CG1 1 
ATOM   230 C CG2 . VAL A 1 28  ? -2.69664  9.54793   6.56414   1.000 25.46704 ? 129 VAL A CG2 1 
ATOM   231 N N   . GLU A 1 29  ? -3.54149  12.58634  3.16248   1.000 23.15056 ? 130 GLU A N   1 
ATOM   232 C CA  . GLU A 1 29  ? -4.24787  13.35676  2.14719   1.000 25.32929 ? 130 GLU A CA  1 
ATOM   233 C C   . GLU A 1 29  ? -5.00521  12.50676  1.13293   1.000 28.41596 ? 130 GLU A C   1 
ATOM   234 O O   . GLU A 1 29  ? -6.07175  12.92747  0.66842   1.000 29.47311 ? 130 GLU A O   1 
ATOM   235 C CB  . GLU A 1 29  ? -3.26319  14.25716  1.40132   1.000 28.37439 ? 130 GLU A CB  1 
ATOM   236 C CG  . GLU A 1 29  ? -3.04818  15.61055  2.06624   1.000 31.11443 ? 130 GLU A CG  1 
ATOM   237 C CD  . GLU A 1 29  ? -2.00413  16.44094  1.33912   1.000 38.91540 ? 130 GLU A CD  1 
ATOM   238 O OE1 . GLU A 1 29  ? -1.73685  16.14115  0.15072   1.000 40.22049 ? 130 GLU A OE1 1 
ATOM   239 O OE2 . GLU A 1 29  ? -1.45574  17.38852  1.95018   1.000 39.45892 ? 130 GLU A OE2 1 
ATOM   240 N N   . GLU A 1 30  ? -4.47761  11.34739  0.74747   1.000 22.16535 ? 131 GLU A N   1 
ATOM   241 C CA  . GLU A 1 30  ? -5.17030  10.46654  -0.18541  1.000 21.95546 ? 131 GLU A CA  1 
ATOM   242 C C   . GLU A 1 30  ? -4.85534  9.02171   0.18564   1.000 22.53311 ? 131 GLU A C   1 
ATOM   243 O O   . GLU A 1 30  ? -3.72997  8.71275   0.58221   1.000 21.98933 ? 131 GLU A O   1 
ATOM   244 C CB  . GLU A 1 30  ? -4.77936  10.80046  -1.64024  1.000 25.54416 ? 131 GLU A CB  1 
ATOM   245 C CG  . GLU A 1 30  ? -4.89825  9.66847   -2.66174  1.000 30.62194 ? 131 GLU A CG  1 
ATOM   246 C CD  . GLU A 1 30  ? -4.46441  10.08694  -4.07386  1.000 34.30773 ? 131 GLU A CD  1 
ATOM   247 O OE1 . GLU A 1 30  ? -5.14475  9.67398   -5.04339  1.000 39.90606 ? 131 GLU A OE1 1 
ATOM   248 O OE2 . GLU A 1 30  ? -3.48479  10.85973  -4.21282  1.000 39.57602 ? 131 GLU A OE2 1 
ATOM   249 N N   . VAL A 1 31  ? -5.87089  8.15842   0.11307   1.000 17.70100 ? 132 VAL A N   1 
ATOM   250 C CA  . VAL A 1 31  ? -5.72071  6.72011   0.32748   1.000 18.11497 ? 132 VAL A CA  1 
ATOM   251 C C   . VAL A 1 31  ? -6.50203  6.02659   -0.77955  1.000 20.02518 ? 132 VAL A C   1 
ATOM   252 O O   . VAL A 1 31  ? -7.67045  6.35436   -1.00772  1.000 19.84989 ? 132 VAL A O   1 
ATOM   253 C CB  . VAL A 1 31  ? -6.24429  6.27513   1.71042   1.000 20.09933 ? 132 VAL A CB  1 
ATOM   254 C CG1 . VAL A 1 31  ? -6.15752  4.75808   1.86411   1.000 22.32242 ? 132 VAL A CG1 1 
ATOM   255 C CG2 . VAL A 1 31  ? -5.50663  6.96074   2.82159   1.000 23.70301 ? 132 VAL A CG2 1 
ATOM   256 N N   . GLU A 1 32  ? -5.86389  5.09283   -1.48416  1.000 17.17247 ? 133 GLU A N   1 
ATOM   257 C CA  . GLU A 1 32  ? -6.52954  4.36976   -2.56462  1.000 17.61693 ? 133 GLU A CA  1 
ATOM   258 C C   . GLU A 1 32  ? -6.03551  2.93428   -2.58359  1.000 16.84457 ? 133 GLU A C   1 
ATOM   259 O O   . GLU A 1 32  ? -4.82883  2.69940   -2.68903  1.000 16.73998 ? 133 GLU A O   1 
ATOM   260 C CB  . GLU A 1 32  ? -6.28047  5.04376   -3.92434  1.000 18.66228 ? 133 GLU A CB  1 
ATOM   261 C CG  . GLU A 1 32  ? -6.80146  4.22516   -5.11750  1.000 22.28797 ? 133 GLU A CG  1 
ATOM   262 C CD  . GLU A 1 32  ? -6.85525  5.01996   -6.42383  1.000 27.40916 ? 133 GLU A CD  1 
ATOM   263 O OE1 . GLU A 1 32  ? -6.46152  6.20467   -6.42136  1.000 36.64791 ? 133 GLU A OE1 1 
ATOM   264 O OE2 . GLU A 1 32  ? -7.27270  4.44999   -7.45807  1.000 27.95229 ? 133 GLU A OE2 1 
ATOM   265 N N   . ILE A 1 33  ? -6.96829  1.97825   -2.44077  1.000 15.49236 ? 134 ILE A N   1 
ATOM   266 C CA  . ILE A 1 33  ? -6.67860  0.56515   -2.65502  1.000 16.59456 ? 134 ILE A CA  1 
ATOM   267 C C   . ILE A 1 33  ? -6.81753  0.28890   -4.14052  1.000 17.50440 ? 134 ILE A C   1 
ATOM   268 O O   . ILE A 1 33  ? -7.74549  0.79193   -4.78609  1.000 16.53227 ? 134 ILE A O   1 
ATOM   269 C CB  . ILE A 1 33  ? -7.64561  -0.33141  -1.84569  1.000 16.97645 ? 134 ILE A CB  1 
ATOM   270 C CG1 . ILE A 1 33  ? -7.72105  0.09849   -0.38128  1.000 23.24056 ? 134 ILE A CG1 1 
ATOM   271 C CG2 . ILE A 1 33  ? -7.25122  -1.81729  -1.98133  1.000 19.13395 ? 134 ILE A CG2 1 
ATOM   272 C CD1 . ILE A 1 33  ? -6.44776  -0.09169  0.38420   1.000 21.46143 ? 134 ILE A CD1 1 
ATOM   273 N N   . LEU A 1 34  ? -5.91933  -0.51667  -4.69516  1.000 16.16829 ? 135 LEU A N   1 
ATOM   274 C CA  . LEU A 1 34  ? -6.01865  -0.89381  -6.09855  1.000 15.71994 ? 135 LEU A CA  1 
ATOM   275 C C   . LEU A 1 34  ? -6.72722  -2.23385  -6.25980  1.000 15.17552 ? 135 LEU A C   1 
ATOM   276 O O   . LEU A 1 34  ? -6.46433  -3.19010  -5.52076  1.000 15.17221 ? 135 LEU A O   1 
ATOM   277 C CB  . LEU A 1 34  ? -4.63828  -0.93968  -6.75999  1.000 14.24280 ? 135 LEU A CB  1 
ATOM   278 C CG  . LEU A 1 34  ? -3.86044  0.37630   -6.66634  1.000 17.17056 ? 135 LEU A CG  1 
ATOM   279 C CD1 . LEU A 1 34  ? -2.61427  0.26189   -7.50971  1.000 20.68117 ? 135 LEU A CD1 1 
ATOM   280 C CD2 . LEU A 1 34  ? -4.72411  1.50934   -7.15185  1.000 20.08085 ? 135 LEU A CD2 1 
ATOM   281 N N   . TYR A 1 35  ? -7.62178  -2.29689  -7.25033  1.000 15.35647 ? 136 TYR A N   1 
ATOM   282 C CA  . TYR A 1 35  ? -8.41513  -3.48843  -7.53913  1.000 15.26155 ? 136 TYR A CA  1 
ATOM   283 C C   . TYR A 1 35  ? -8.23915  -3.87178  -8.99978  1.000 16.58055 ? 136 TYR A C   1 
ATOM   284 O O   . TYR A 1 35  ? -7.78746  -3.07100  -9.81490  1.000 17.28052 ? 136 TYR A O   1 
ATOM   285 C CB  . TYR A 1 35  ? -9.90798  -3.25253  -7.27160  1.000 17.90537 ? 136 TYR A CB  1 
ATOM   286 C CG  . TYR A 1 35  ? -10.20218 -2.85694  -5.85014  1.000 17.75169 ? 136 TYR A CG  1 
ATOM   287 C CD1 . TYR A 1 35  ? -10.12786 -1.52657  -5.45546  1.000 19.42029 ? 136 TYR A CD1 1 
ATOM   288 C CD2 . TYR A 1 35  ? -10.53139 -3.80840  -4.89863  1.000 19.41396 ? 136 TYR A CD2 1 
ATOM   289 C CE1 . TYR A 1 35  ? -10.38393 -1.16049  -4.15849  1.000 18.60517 ? 136 TYR A CE1 1 
ATOM   290 C CE2 . TYR A 1 35  ? -10.78114 -3.44402  -3.58604  1.000 19.62585 ? 136 TYR A CE2 1 
ATOM   291 C CZ  . TYR A 1 35  ? -10.69844 -2.12137  -3.23098  1.000 19.66852 ? 136 TYR A CZ  1 
ATOM   292 O OH  . TYR A 1 35  ? -10.95031 -1.73684  -1.93644  1.000 23.71465 ? 136 TYR A OH  1 
ATOM   293 N N   . ASN A 1 36  ? -8.57499  -5.10285  -9.32558  1.000 17.93845 ? 137 ASN A N   1 
ATOM   294 C CA  . ASN A 1 36  ? -8.82826  -5.43203  -10.73423 1.000 16.72976 ? 137 ASN A CA  1 
ATOM   295 C C   . ASN A 1 36  ? -10.09847 -4.68111  -11.11772 1.000 18.66949 ? 137 ASN A C   1 
ATOM   296 O O   . ASN A 1 36  ? -11.14698 -4.90705  -10.49868 1.000 19.83321 ? 137 ASN A O   1 
ATOM   297 C CB  . ASN A 1 36  ? -8.97615  -6.95301  -10.91571 1.000 19.29354 ? 137 ASN A CB  1 
ATOM   298 C CG  . ASN A 1 36  ? -9.26206  -7.35886  -12.35987 1.000 24.00444 ? 137 ASN A CG  1 
ATOM   299 O OD1 . ASN A 1 36  ? -10.17968 -6.83463  -12.99213 1.000 21.99442 ? 137 ASN A OD1 1 
ATOM   300 N ND2 . ASN A 1 36  ? -8.50204  -8.33902  -12.86933 1.000 24.84822 ? 137 ASN A ND2 1 
ATOM   301 N N   . PRO A 1 37  ? -10.05426 -3.74338  -12.07029 1.000 20.78922 ? 138 PRO A N   1 
ATOM   302 C CA  . PRO A 1 37  ? -11.21668 -2.85593  -12.27397 1.000 20.96828 ? 138 PRO A CA  1 
ATOM   303 C C   . PRO A 1 37  ? -12.42081 -3.54121  -12.89888 1.000 25.19932 ? 138 PRO A C   1 
ATOM   304 O O   . PRO A 1 37  ? -13.50756 -2.94726  -12.91979 1.000 27.59790 ? 138 PRO A O   1 
ATOM   305 C CB  . PRO A 1 37  ? -10.67459 -1.74257  -13.18343 1.000 21.88592 ? 138 PRO A CB  1 
ATOM   306 C CG  . PRO A 1 37  ? -9.22265  -2.07055  -13.44562 1.000 26.08403 ? 138 PRO A CG  1 
ATOM   307 C CD  . PRO A 1 37  ? -8.95769  -3.47254  -13.01142 1.000 23.09316 ? 138 PRO A CD  1 
ATOM   308 N N   . LYS A 1 38  ? -12.27096 -4.76726  -13.38241 1.000 24.42775 ? 139 LYS A N   1 
ATOM   309 C CA  . LYS A 1 38  ? -13.37820 -5.53488  -13.93027 1.000 26.69110 ? 139 LYS A CA  1 
ATOM   310 C C   . LYS A 1 38  ? -13.98739 -6.48488  -12.90728 1.000 28.08557 ? 139 LYS A C   1 
ATOM   311 O O   . LYS A 1 38  ? -15.20061 -6.45366  -12.67349 1.000 28.36133 ? 139 LYS A O   1 
ATOM   312 C CB  . LYS A 1 38  ? -12.89853 -6.32338  -15.14974 1.000 26.42372 ? 139 LYS A CB  1 
ATOM   313 C CG  . LYS A 1 38  ? -14.01012 -6.68210  -16.13703 1.000 30.12718 ? 139 LYS A CG  1 
ATOM   314 C CD  . LYS A 1 38  ? -13.57094 -7.80959  -17.05628 1.000 34.36152 ? 139 LYS A CD  1 
ATOM   315 C CE  . LYS A 1 38  ? -14.75351 -8.59949  -17.58960 1.000 37.62267 ? 139 LYS A CE  1 
ATOM   316 N NZ  . LYS A 1 38  ? -14.52986 -9.02112  -19.00979 1.000 43.49012 ? 139 LYS A NZ  1 
ATOM   317 N N   . THR A 1 39  ? -13.15767 -7.32535  -12.29255 1.000 21.46995 ? 140 THR A N   1 
ATOM   318 C CA  . THR A 1 39  ? -13.60980 -8.32160  -11.33220 1.000 23.05399 ? 140 THR A CA  1 
ATOM   319 C C   . THR A 1 39  ? -13.73499 -7.76698  -9.92273  1.000 25.90893 ? 140 THR A C   1 
ATOM   320 O O   . THR A 1 39  ? -14.35155 -8.42362  -9.07462  1.000 22.07277 ? 140 THR A O   1 
ATOM   321 C CB  . THR A 1 39  ? -12.64743 -9.50361  -11.29097 1.000 22.68603 ? 140 THR A CB  1 
ATOM   322 O OG1 . THR A 1 39  ? -11.40740 -9.08033  -10.70391 1.000 23.36170 ? 140 THR A OG1 1 
ATOM   323 C CG2 . THR A 1 39  ? -12.38709 -10.03293 -12.70031 1.000 26.55193 ? 140 THR A CG2 1 
ATOM   324 N N   . LYS A 1 40  ? -13.15710 -6.59122  -9.66024  1.000 21.46325 ? 141 LYS A N   1 
ATOM   325 C CA  . LYS A 1 40  ? -13.15499 -5.93112  -8.35773  1.000 22.79716 ? 141 LYS A CA  1 
ATOM   326 C C   . LYS A 1 40  ? -12.31090 -6.66368  -7.31582  1.000 21.06696 ? 141 LYS A C   1 
ATOM   327 O O   . LYS A 1 40  ? -12.44068 -6.39382  -6.11132  1.000 21.59359 ? 141 LYS A O   1 
ATOM   328 C CB  . LYS A 1 40  ? -14.58221 -5.71282  -7.83418  1.000 22.95643 ? 141 LYS A CB  1 
ATOM   329 C CG  . LYS A 1 40  ? -15.54796 -5.18473  -8.88746  1.000 24.85156 ? 141 LYS A CG  1 
ATOM   330 C CD  . LYS A 1 40  ? -15.14542 -3.78569  -9.33610  1.000 28.61365 ? 141 LYS A CD  1 
ATOM   331 C CE  . LYS A 1 40  ? -16.30544 -3.06050  -10.00420 1.000 36.80309 ? 141 LYS A CE  1 
ATOM   332 N NZ  . LYS A 1 40  ? -15.93986 -2.52838  -11.34625 1.000 38.88334 ? 141 LYS A NZ  1 
ATOM   333 N N   . LYS A 1 41  ? -11.41663 -7.55335  -7.73724  1.000 19.16944 ? 142 LYS A N   1 
ATOM   334 C CA  . LYS A 1 41  ? -10.55735 -8.23823  -6.77625  1.000 19.77045 ? 142 LYS A CA  1 
ATOM   335 C C   . LYS A 1 41  ? -9.56573  -7.26632  -6.14478  1.000 19.81926 ? 142 LYS A C   1 
ATOM   336 O O   . LYS A 1 41  ? -8.90549  -6.49226  -6.84310  1.000 17.88015 ? 142 LYS A O   1 
ATOM   337 C CB  . LYS A 1 41  ? -9.77499  -9.37225  -7.42968  1.000 22.42667 ? 142 LYS A CB  1 
ATOM   338 C CG  . LYS A 1 41  ? -9.35930  -10.43619 -6.42153  1.000 24.55937 ? 142 LYS A CG  1 
ATOM   339 C CD  . LYS A 1 41  ? -8.51995  -11.51592 -7.06035  1.000 34.33234 ? 142 LYS A CD  1 
ATOM   340 C CE  . LYS A 1 41  ? -7.12633  -10.95352 -7.34325  1.000 36.44459 ? 142 LYS A CE  1 
ATOM   341 N NZ  . LYS A 1 41  ? -6.57805  -11.32939 -8.67532  1.000 39.70926 ? 142 LYS A NZ  1 
ATOM   342 N N   . HIS A 1 42  ? -9.45331  -7.33084  -4.82023  1.000 18.09618 ? 143 HIS A N   1 
ATOM   343 C CA  . HIS A 1 42  ? -8.45113  -6.57481  -4.07424  1.000 15.56099 ? 143 HIS A CA  1 
ATOM   344 C C   . HIS A 1 42  ? -7.05317  -7.06441  -4.45143  1.000 16.22942 ? 143 HIS A C   1 
ATOM   345 O O   . HIS A 1 42  ? -6.77326  -8.26539  -4.40806  1.000 17.02025 ? 143 HIS A O   1 
ATOM   346 C CB  . HIS A 1 42  ? -8.76407  -6.78826  -2.58445  1.000 17.49585 ? 143 HIS A CB  1 
ATOM   347 C CG  . HIS A 1 42  ? -7.97272  -5.96274  -1.61480  1.000 17.80307 ? 143 HIS A CG  1 
ATOM   348 N ND1 . HIS A 1 42  ? -6.60933  -6.07405  -1.47298  1.000 18.95572 ? 143 HIS A ND1 1 
ATOM   349 C CD2 . HIS A 1 42  ? -8.37996  -5.10150  -0.64917  1.000 18.37070 ? 143 HIS A CD2 1 
ATOM   350 C CE1 . HIS A 1 42  ? -6.20067  -5.27598  -0.49948  1.000 19.55805 ? 143 HIS A CE1 1 
ATOM   351 N NE2 . HIS A 1 42  ? -7.25690  -4.68147  0.02416   1.000 16.05343 ? 143 HIS A NE2 1 
ATOM   352 N N   . LEU A 1 43  ? -6.16430  -6.14878  -4.85555  1.000 15.39708 ? 144 LEU A N   1 
ATOM   353 C CA  . LEU A 1 43  ? -4.84514  -6.58746  -5.30119  1.000 14.83645 ? 144 LEU A CA  1 
ATOM   354 C C   . LEU A 1 43  ? -3.76414  -6.50432  -4.22073  1.000 14.68411 ? 144 LEU A C   1 
ATOM   355 O O   . LEU A 1 43  ? -2.60668  -6.82114  -4.49981  1.000 15.45021 ? 144 LEU A O   1 
ATOM   356 C CB  . LEU A 1 43  ? -4.40830  -5.79886  -6.54165  1.000 15.84325 ? 144 LEU A CB  1 
ATOM   357 C CG  . LEU A 1 43  ? -5.28479  -6.00452  -7.78479  1.000 14.78456 ? 144 LEU A CG  1 
ATOM   358 C CD1 . LEU A 1 43  ? -4.73656  -5.12098  -8.90248  1.000 19.64594 ? 144 LEU A CD1 1 
ATOM   359 C CD2 . LEU A 1 43  ? -5.36866  -7.48918  -8.21793  1.000 18.85731 ? 144 LEU A CD2 1 
ATOM   360 N N   . GLY A 1 44  ? -4.10429  -6.10167  -2.99942  1.000 17.50306 ? 145 GLY A N   1 
ATOM   361 C CA  . GLY A 1 44  ? -3.11821  -6.05461  -1.93584  1.000 14.32374 ? 145 GLY A CA  1 
ATOM   362 C C   . GLY A 1 44  ? -2.17944  -4.85810  -1.95835  1.000 15.86443 ? 145 GLY A C   1 
ATOM   363 O O   . GLY A 1 44  ? -1.31857  -4.74874  -1.06477  1.000 15.59898 ? 145 GLY A O   1 
ATOM   364 N N   . ILE A 1 45  ? -2.32746  -3.94708  -2.91771  1.000 14.46342 ? 146 ILE A N   1 
ATOM   365 C CA  . ILE A 1 45  ? -1.44954  -2.78642  -3.03442  1.000 13.99752 ? 146 ILE A CA  1 
ATOM   366 C C   . ILE A 1 45  ? -2.27255  -1.51123  -2.89234  1.000 14.46121 ? 146 ILE A C   1 
ATOM   367 O O   . ILE A 1 45  ? -3.48262  -1.48771  -3.14865  1.000 15.36593 ? 146 ILE A O   1 
ATOM   368 C CB  . ILE A 1 45  ? -0.65798  -2.80922  -4.36341  1.000 14.31544 ? 146 ILE A CB  1 
ATOM   369 C CG1 . ILE A 1 45  ? -1.61535  -2.95543  -5.54920  1.000 15.54492 ? 146 ILE A CG1 1 
ATOM   370 C CG2 . ILE A 1 45  ? 0.37253   -3.94747  -4.36030  1.000 16.64475 ? 146 ILE A CG2 1 
ATOM   371 C CD1 . ILE A 1 45  ? -0.92739  -2.78891  -6.90853  1.000 17.05123 ? 146 ILE A CD1 1 
ATOM   372 N N   . ALA A 1 46  ? -1.61079  -0.44074  -2.45473  1.000 13.08889 ? 147 ALA A N   1 
ATOM   373 C CA  . ALA A 1 46  ? -2.33516  0.78665   -2.17750  1.000 12.80652 ? 147 ALA A CA  1 
ATOM   374 C C   . ALA A 1 46  ? -1.38555  1.96758   -2.26521  1.000 15.37625 ? 147 ALA A C   1 
ATOM   375 O O   . ALA A 1 46  ? -0.16642  1.82493   -2.12102  1.000 14.27858 ? 147 ALA A O   1 
ATOM   376 C CB  . ALA A 1 46  ? -3.00556  0.73258   -0.80864  1.000 14.97343 ? 147 ALA A CB  1 
ATOM   377 N N   . LYS A 1 47  ? -1.98040  3.13136   -2.52044  1.000 15.02048 ? 148 LYS A N   1 
ATOM   378 C CA  . LYS A 1 47  ? -1.31340  4.42655   -2.53469  1.000 17.27078 ? 148 LYS A CA  1 
ATOM   379 C C   . LYS A 1 47  ? -1.76840  5.22012   -1.31516  1.000 16.72706 ? 148 LYS A C   1 
ATOM   380 O O   . LYS A 1 47  ? -2.97217  5.30302   -1.03613  1.000 15.73060 ? 148 LYS A O   1 
ATOM   381 C CB  . LYS A 1 47  ? -1.65848  5.17977   -3.82638  1.000 17.33584 ? 148 LYS A CB  1 
ATOM   382 C CG  . LYS A 1 47  ? -1.13432  6.60239   -3.93115  1.000 17.89737 ? 148 LYS A CG  1 
ATOM   383 C CD  . LYS A 1 47  ? -1.85216  7.35561   -5.05159  1.000 23.07915 ? 148 LYS A CD  1 
ATOM   384 C CE  . LYS A 1 47  ? -1.25714  8.74684   -5.27418  1.000 27.32554 ? 148 LYS A CE  1 
ATOM   385 N NZ  . LYS A 1 47  ? -1.83463  9.41896   -6.48623  1.000 28.12852 ? 148 LYS A NZ  1 
ATOM   386 N N   . VAL A 1 48  ? -0.81301  5.79593   -0.58717  1.000 17.60842 ? 149 VAL A N   1 
ATOM   387 C CA  . VAL A 1 48  ? -1.10841  6.74361   0.48129   1.000 15.93560 ? 149 VAL A CA  1 
ATOM   388 C C   . VAL A 1 48  ? -0.21546  7.95131   0.28708   1.000 17.07205 ? 149 VAL A C   1 
ATOM   389 O O   . VAL A 1 48  ? 1.00583   7.80857   0.16166   1.000 17.41484 ? 149 VAL A O   1 
ATOM   390 C CB  . VAL A 1 48  ? -0.90187  6.15549   1.89026   1.000 14.62748 ? 149 VAL A CB  1 
ATOM   391 C CG1 . VAL A 1 48  ? -1.20532  7.22040   2.95406   1.000 18.62177 ? 149 VAL A CG1 1 
ATOM   392 C CG2 . VAL A 1 48  ? -1.78691  4.92469   2.10024   1.000 17.82515 ? 149 VAL A CG2 1 
ATOM   393 N N   . VAL A 1 49  ? -0.82059  9.13217   0.25874   1.000 19.15081 ? 150 VAL A N   1 
ATOM   394 C CA  . VAL A 1 49  ? -0.08369  10.38986  0.21035   1.000 15.92517 ? 150 VAL A CA  1 
ATOM   395 C C   . VAL A 1 49  ? -0.26552  11.08354  1.54735   1.000 18.97208 ? 150 VAL A C   1 
ATOM   396 O O   . VAL A 1 49  ? -1.40120  11.30734  1.99176   1.000 18.90319 ? 150 VAL A O   1 
ATOM   397 C CB  . VAL A 1 49  ? -0.54804  11.29139  -0.94457  1.000 20.22331 ? 150 VAL A CB  1 
ATOM   398 C CG1 . VAL A 1 49  ? 0.32451   12.54078  -0.98104  1.000 20.80332 ? 150 VAL A CG1 1 
ATOM   399 C CG2 . VAL A 1 49  ? -0.46478  10.56044  -2.26745  1.000 18.83777 ? 150 VAL A CG2 1 
ATOM   400 N N   . PHE A 1 50  ? 0.85198   11.41610  2.18812   1.000 18.08036 ? 151 PHE A N   1 
ATOM   401 C CA  . PHE A 1 50  ? 0.84215   12.09163  3.47610   1.000 17.28397 ? 151 PHE A CA  1 
ATOM   402 C C   . PHE A 1 50  ? 0.93268   13.59563  3.28258   1.000 20.32103 ? 151 PHE A C   1 
ATOM   403 O O   . PHE A 1 50  ? 1.41245   14.08287  2.25943   1.000 18.84966 ? 151 PHE A O   1 
ATOM   404 C CB  . PHE A 1 50  ? 2.00687   11.63324  4.34239   1.000 17.31825 ? 151 PHE A CB  1 
ATOM   405 C CG  . PHE A 1 50  ? 1.85415   10.25019  4.86666   1.000 19.53900 ? 151 PHE A CG  1 
ATOM   406 C CD1 . PHE A 1 50  ? 2.14747   9.15899   4.06781   1.000 18.23673 ? 151 PHE A CD1 1 
ATOM   407 C CD2 . PHE A 1 50  ? 1.38081   10.03922  6.14855   1.000 19.91850 ? 151 PHE A CD2 1 
ATOM   408 C CE1 . PHE A 1 50  ? 1.99234   7.86775   4.55276   1.000 19.56334 ? 151 PHE A CE1 1 
ATOM   409 C CE2 . PHE A 1 50  ? 1.21641   8.75939   6.63912   1.000 19.54664 ? 151 PHE A CE2 1 
ATOM   410 C CZ  . PHE A 1 50  ? 1.53024   7.66911   5.83471   1.000 19.50308 ? 151 PHE A CZ  1 
ATOM   411 N N   . ALA A 1 51  ? 0.47633   14.33033  4.29809   1.000 19.50388 ? 152 ALA A N   1 
ATOM   412 C CA  . ALA A 1 51  ? 0.58978   15.78626  4.26671   1.000 22.90145 ? 152 ALA A CA  1 
ATOM   413 C C   . ALA A 1 51  ? 2.03985   16.24440  4.31977   1.000 21.79745 ? 152 ALA A C   1 
ATOM   414 O O   . ALA A 1 51  ? 2.38374   17.27333  3.72554   1.000 19.62527 ? 152 ALA A O   1 
ATOM   415 C CB  . ALA A 1 51  ? -0.18417  16.40255  5.42776   1.000 23.12171 ? 152 ALA A CB  1 
ATOM   416 N N   . THR A 1 52  ? 2.90300   15.50531  5.00965   1.000 18.79204 ? 153 THR A N   1 
ATOM   417 C CA  . THR A 1 52  ? 4.29107   15.90959  5.17143   1.000 22.29878 ? 153 THR A CA  1 
ATOM   418 C C   . THR A 1 52  ? 5.23624   14.77133  4.83116   1.000 21.52776 ? 153 THR A C   1 
ATOM   419 O O   . THR A 1 52  ? 4.88224   13.59342  4.89221   1.000 20.29546 ? 153 THR A O   1 
ATOM   420 C CB  . THR A 1 52  ? 4.60332   16.38620  6.59936   1.000 22.39485 ? 153 THR A CB  1 
ATOM   421 O OG1 . THR A 1 52  ? 4.58804   15.26543  7.48809   1.000 25.40802 ? 153 THR A OG1 1 
ATOM   422 C CG2 . THR A 1 52  ? 3.60662   17.43972  7.07055   1.000 24.71518 ? 153 THR A CG2 1 
ATOM   423 N N   . VAL A 1 53  ? 6.45749   15.17243  4.46752   1.000 19.15399 ? 154 VAL A N   1 
ATOM   424 C CA  . VAL A 1 53  ? 7.57431   14.24913  4.28822   1.000 19.92238 ? 154 VAL A CA  1 
ATOM   425 C C   . VAL A 1 53  ? 7.77733   13.38805  5.52769   1.000 20.37560 ? 154 VAL A C   1 
ATOM   426 O O   . VAL A 1 53  ? 8.04336   12.17843  5.43736   1.000 18.73790 ? 154 VAL A O   1 
ATOM   427 C CB  . VAL A 1 53  ? 8.84162   15.05440  3.93866   1.000 21.79550 ? 154 VAL A CB  1 
ATOM   428 C CG1 . VAL A 1 53  ? 10.09608  14.20826  4.08943   1.000 25.51325 ? 154 VAL A CG1 1 
ATOM   429 C CG2 . VAL A 1 53  ? 8.72167   15.61741  2.54443   1.000 22.28819 ? 154 VAL A CG2 1 
ATOM   430 N N   . ARG A 1 54  ? 7.66800   13.99979  6.70534   1.000 19.81266 ? 155 ARG A N   1 
ATOM   431 C CA  . ARG A 1 54  ? 7.90464   13.28177  7.94789   1.000 22.05968 ? 155 ARG A CA  1 
ATOM   432 C C   . ARG A 1 54  ? 6.87498   12.17656  8.15963   1.000 23.29377 ? 155 ARG A C   1 
ATOM   433 O O   . ARG A 1 54  ? 7.21938   11.07876  8.61141   1.000 22.66413 ? 155 ARG A O   1 
ATOM   434 C CB  . ARG A 1 54  ? 7.89438   14.27408  9.11221   1.000 25.96027 ? 155 ARG A CB  1 
ATOM   435 C CG  . ARG A 1 54  ? 8.14931   13.64380  10.45409  1.000 27.80657 ? 155 ARG A CG  1 
ATOM   436 C CD  . ARG A 1 54  ? 9.59821   13.25407  10.54698  1.000 26.45482 ? 155 ARG A CD  1 
ATOM   437 N NE  . ARG A 1 54  ? 9.86511   12.52752  11.77730  1.000 27.99513 ? 155 ARG A NE  1 
ATOM   438 C CZ  . ARG A 1 54  ? 11.00970  12.59393  12.43887  1.000 32.19000 ? 155 ARG A CZ  1 
ATOM   439 N NH1 . ARG A 1 54  ? 12.02351  13.31362  11.98805  1.000 30.27370 ? 155 ARG A NH1 1 
ATOM   440 N NH2 . ARG A 1 54  ? 11.14288  11.91435  13.57563  1.000 35.42344 ? 155 ARG A NH2 1 
ATOM   441 N N   . GLY A 1 55  ? 5.60893   12.44566  7.83608   1.000 20.58484 ? 156 GLY A N   1 
ATOM   442 C CA  . GLY A 1 55  ? 4.59352   11.41577  7.97491   1.000 20.28711 ? 156 GLY A CA  1 
ATOM   443 C C   . GLY A 1 55  ? 4.89517   10.19265  7.13441   1.000 20.22287 ? 156 GLY A C   1 
ATOM   444 O O   . GLY A 1 55  ? 4.80331   9.05741   7.60836   1.000 18.73451 ? 156 GLY A O   1 
ATOM   445 N N   . ALA A 1 56  ? 5.26270   10.40773  5.87061   1.000 19.66448 ? 157 ALA A N   1 
ATOM   446 C CA  . ALA A 1 56  ? 5.57756   9.28069   5.00142   1.000 18.29110 ? 157 ALA A CA  1 
ATOM   447 C C   . ALA A 1 56  ? 6.80442   8.52796   5.50145   1.000 18.97051 ? 157 ALA A C   1 
ATOM   448 O O   . ALA A 1 56  ? 6.82650   7.29088   5.50986   1.000 19.35362 ? 157 ALA A O   1 
ATOM   449 C CB  . ALA A 1 56  ? 5.78600   9.77519   3.57054   1.000 19.34966 ? 157 ALA A CB  1 
ATOM   450 N N   . LYS A 1 57  ? 7.83969   9.25894   5.92234   1.000 18.09854 ? 158 LYS A N   1 
ATOM   451 C CA  . LYS A 1 57  ? 9.06155   8.61727   6.40274   1.000 20.52173 ? 158 LYS A CA  1 
ATOM   452 C C   . LYS A 1 57  ? 8.80292   7.77952   7.64904   1.000 21.44689 ? 158 LYS A C   1 
ATOM   453 O O   . LYS A 1 57  ? 9.27310   6.63958   7.75225   1.000 20.36865 ? 158 LYS A O   1 
ATOM   454 C CB  . LYS A 1 57  ? 10.13374  9.67516   6.69453   1.000 24.19554 ? 158 LYS A CB  1 
ATOM   455 C CG  . LYS A 1 57  ? 11.46608  9.06424   7.13482   1.000 32.32321 ? 158 LYS A CG  1 
ATOM   456 C CD  . LYS A 1 57  ? 12.28130  8.51598   5.96492   1.000 35.07574 ? 158 LYS A CD  1 
ATOM   457 C CE  . LYS A 1 57  ? 13.59131  7.88274   6.45736   1.000 36.63703 ? 158 LYS A CE  1 
ATOM   458 N NZ  . LYS A 1 57  ? 14.43718  8.83358   7.24696   1.000 38.24676 ? 158 LYS A NZ  1 
ATOM   459 N N   . ASP A 1 58  ? 8.09775   8.35002   8.62839   1.000 21.72753 ? 159 ASP A N   1 
ATOM   460 C CA  . ASP A 1 58  ? 7.79955   7.61793   9.85339   1.000 21.67353 ? 159 ASP A CA  1 
ATOM   461 C C   . ASP A 1 58  ? 6.90932   6.41841   9.57435   1.000 22.43171 ? 159 ASP A C   1 
ATOM   462 O O   . ASP A 1 58  ? 7.06979   5.35809   10.19263  1.000 20.96839 ? 159 ASP A O   1 
ATOM   463 C CB  . ASP A 1 58  ? 7.13100   8.53378   10.87729  1.000 23.34431 ? 159 ASP A CB  1 
ATOM   464 C CG  . ASP A 1 58  ? 8.09880   9.51452   11.50348  1.000 26.44724 ? 159 ASP A CG  1 
ATOM   465 O OD1 . ASP A 1 58  ? 9.32143   9.36375   11.29054  1.000 27.52566 ? 159 ASP A OD1 1 
ATOM   466 O OD2 . ASP A 1 58  ? 7.63502   10.42061  12.22678  1.000 25.13213 ? 159 ASP A OD2 1 
ATOM   467 N N   . ALA A 1 59  ? 5.95390   6.56906   8.65810   1.000 19.99306 ? 160 ALA A N   1 
ATOM   468 C CA  . ALA A 1 59  ? 5.07142   5.45063   8.34874   1.000 19.58922 ? 160 ALA A CA  1 
ATOM   469 C C   . ALA A 1 59  ? 5.85077   4.29935   7.73884   1.000 19.45999 ? 160 ALA A C   1 
ATOM   470 O O   . ALA A 1 59  ? 5.63365   3.13711   8.09178   1.000 20.57881 ? 160 ALA A O   1 
ATOM   471 C CB  . ALA A 1 59  ? 3.95566   5.90143   7.40754   1.000 20.90648 ? 160 ALA A CB  1 
ATOM   472 N N   . VAL A 1 60  ? 6.75298   4.60068   6.80853   1.000 19.04062 ? 161 VAL A N   1 
ATOM   473 C CA  . VAL A 1 60  ? 7.57517   3.55099   6.21448   1.000 17.63040 ? 161 VAL A CA  1 
ATOM   474 C C   . VAL A 1 60  ? 8.47571   2.93325   7.27968   1.000 19.78428 ? 161 VAL A C   1 
ATOM   475 O O   . VAL A 1 60  ? 8.60306   1.70548   7.39106   1.000 18.52419 ? 161 VAL A O   1 
ATOM   476 C CB  . VAL A 1 60  ? 8.39296   4.12266   5.04546   1.000 14.95368 ? 161 VAL A CB  1 
ATOM   477 C CG1 . VAL A 1 60  ? 9.47147   3.13195   4.60668   1.000 18.02001 ? 161 VAL A CG1 1 
ATOM   478 C CG2 . VAL A 1 60  ? 7.48500   4.53845   3.89621   1.000 15.37589 ? 161 VAL A CG2 1 
ATOM   479 N N   . GLN A 1 61  ? 9.10449   3.78470   8.09007   1.000 20.90292 ? 162 GLN A N   1 
ATOM   480 C CA  . GLN A 1 61  ? 10.01124  3.29770   9.12345   1.000 20.98363 ? 162 GLN A CA  1 
ATOM   481 C C   . GLN A 1 61  ? 9.31940   2.31604   10.05765  1.000 21.50736 ? 162 GLN A C   1 
ATOM   482 O O   . GLN A 1 61  ? 9.89104   1.28334   10.41792  1.000 25.46494 ? 162 GLN A O   1 
ATOM   483 C CB  . GLN A 1 61  ? 10.56278  4.47019   9.93132   1.000 24.10173 ? 162 GLN A CB  1 
ATOM   484 C CG  . GLN A 1 61  ? 11.40248  4.02781   11.11453  1.000 28.30731 ? 162 GLN A CG  1 
ATOM   485 C CD  . GLN A 1 61  ? 12.74278  3.46069   10.68648  1.000 33.92845 ? 162 GLN A CD  1 
ATOM   486 O OE1 . GLN A 1 61  ? 13.11275  2.33514   11.05465  1.000 35.78310 ? 162 GLN A OE1 1 
ATOM   487 N NE2 . GLN A 1 61  ? 13.49162  4.24616   9.91515   1.000 31.11183 ? 162 GLN A NE2 1 
ATOM   488 N N   . HIS A 1 62  ? 8.08851   2.60727   10.46164  1.000 21.26892 ? 163 HIS A N   1 
ATOM   489 C CA  . HIS A 1 62  ? 7.47237   1.80223   11.50923  1.000 23.09765 ? 163 HIS A CA  1 
ATOM   490 C C   . HIS A 1 62  ? 6.51167   0.73291   10.99820  1.000 24.64696 ? 163 HIS A C   1 
ATOM   491 O O   . HIS A 1 62  ? 6.17691   -0.18004  11.76145  1.000 24.66211 ? 163 HIS A O   1 
ATOM   492 C CB  . HIS A 1 62  ? 6.77099   2.71185   12.52696  1.000 24.98278 ? 163 HIS A CB  1 
ATOM   493 C CG  . HIS A 1 62  ? 7.71396   3.63440   13.24652  1.000 32.49600 ? 163 HIS A CG  1 
ATOM   494 N ND1 . HIS A 1 62  ? 8.65350   3.17877   14.15102  1.000 34.76536 ? 163 HIS A ND1 1 
ATOM   495 C CD2 . HIS A 1 62  ? 7.88901   4.97676   13.16906  1.000 31.53116 ? 163 HIS A CD2 1 
ATOM   496 C CE1 . HIS A 1 62  ? 9.35370   4.20097   14.61145  1.000 31.18813 ? 163 HIS A CE1 1 
ATOM   497 N NE2 . HIS A 1 62  ? 8.90814   5.30395   14.03417  1.000 32.07336 ? 163 HIS A NE2 1 
ATOM   498 N N   . LEU A 1 63  ? 6.08542   0.78970   9.73571   1.000 19.78916 ? 164 LEU A N   1 
ATOM   499 C CA  . LEU A 1 63  ? 5.15034   -0.20186  9.22120   1.000 17.47902 ? 164 LEU A CA  1 
ATOM   500 C C   . LEU A 1 63  ? 5.78311   -1.20836  8.27783   1.000 19.64419 ? 164 LEU A C   1 
ATOM   501 O O   . LEU A 1 63  ? 5.26038   -2.32050  8.14549   1.000 16.89276 ? 164 LEU A O   1 
ATOM   502 C CB  . LEU A 1 63  ? 3.99100   0.48182   8.48526   1.000 16.24228 ? 164 LEU A CB  1 
ATOM   503 C CG  . LEU A 1 63  ? 3.07794   1.33192   9.37427   1.000 19.54754 ? 164 LEU A CG  1 
ATOM   504 C CD1 . LEU A 1 63  ? 2.06192   2.08842   8.51727   1.000 21.99252 ? 164 LEU A CD1 1 
ATOM   505 C CD2 . LEU A 1 63  ? 2.38991   0.45770   10.39687  1.000 19.92768 ? 164 LEU A CD2 1 
ATOM   506 N N   . HIS A 1 64  ? 6.87175   -0.84856  7.59730   1.000 18.10071 ? 165 HIS A N   1 
ATOM   507 C CA  . HIS A 1 64  ? 7.46552   -1.79349  6.66138   1.000 19.32875 ? 165 HIS A CA  1 
ATOM   508 C C   . HIS A 1 64  ? 7.83476   -3.08392  7.38434   1.000 19.46293 ? 165 HIS A C   1 
ATOM   509 O O   . HIS A 1 64  ? 8.37628   -3.05935  8.49402   1.000 19.30339 ? 165 HIS A O   1 
ATOM   510 C CB  . HIS A 1 64  ? 8.70787   -1.20338  5.99864   1.000 19.60048 ? 165 HIS A CB  1 
ATOM   511 C CG  . HIS A 1 64  ? 9.41284   -2.16680  5.09903   1.000 18.17517 ? 165 HIS A CG  1 
ATOM   512 N ND1 . HIS A 1 64  ? 8.78325   -2.79906  4.05144   1.000 18.74425 ? 165 HIS A ND1 1 
ATOM   513 C CD2 . HIS A 1 64  ? 10.68211  -2.63837  5.11600   1.000 19.77687 ? 165 HIS A CD2 1 
ATOM   514 C CE1 . HIS A 1 64  ? 9.63508   -3.61298  3.45315   1.000 22.82826 ? 165 HIS A CE1 1 
ATOM   515 N NE2 . HIS A 1 64  ? 10.79756  -3.53023  4.07671   1.000 22.62541 ? 165 HIS A NE2 1 
ATOM   516 N N   . SER A 1 65  ? 7.52250   -4.21255  6.75663   1.000 16.83855 ? 166 SER A N   1 
ATOM   517 C CA  . SER A 1 65  ? 7.92508   -5.52101  7.25925   1.000 19.65732 ? 166 SER A CA  1 
ATOM   518 C C   . SER A 1 65  ? 7.29724   -5.83709  8.61700   1.000 21.28649 ? 166 SER A C   1 
ATOM   519 O O   . SER A 1 65  ? 7.85188   -6.61133  9.40311   1.000 26.98542 ? 166 SER A O   1 
ATOM   520 C CB  . SER A 1 65  ? 9.45283   -5.62275  7.33124   1.000 23.78502 ? 166 SER A CB  1 
ATOM   521 O OG  . SER A 1 65  ? 9.86327   -6.95765  7.52006   1.000 28.19829 ? 166 SER A OG  1 
ATOM   522 N N   . THR A 1 66  ? 6.13985   -5.25255  8.91046   1.000 18.90101 ? 167 THR A N   1 
ATOM   523 C CA  . THR A 1 66  ? 5.40124   -5.57534  10.11971  1.000 17.38523 ? 167 THR A CA  1 
ATOM   524 C C   . THR A 1 66  ? 4.27972   -6.56947  9.81723   1.000 20.52041 ? 167 THR A C   1 
ATOM   525 O O   . THR A 1 66  ? 3.83053   -6.72397  8.67964   1.000 18.09477 ? 167 THR A O   1 
ATOM   526 C CB  . THR A 1 66  ? 4.84143   -4.30474  10.77057  1.000 20.92967 ? 167 THR A CB  1 
ATOM   527 O OG1 . THR A 1 66  ? 3.92464   -3.65907  9.88646   1.000 20.40214 ? 167 THR A OG1 1 
ATOM   528 C CG2 . THR A 1 66  ? 5.96920   -3.33946  11.08939  1.000 24.01601 ? 167 THR A CG2 1 
ATOM   529 N N   . SER A 1 67  ? 3.86366   -7.28537  10.85282  1.000 19.15785 ? 168 SER A N   1 
ATOM   530 C CA  . SER A 1 67  ? 2.78789   -8.26038  10.73414  1.000 19.15476 ? 168 SER A CA  1 
ATOM   531 C C   . SER A 1 67  ? 1.46229   -7.52587  10.91423  1.000 21.87495 ? 168 SER A C   1 
ATOM   532 O O   . SER A 1 67  ? 1.17755   -6.99847  11.99299  1.000 21.13319 ? 168 SER A O   1 
ATOM   533 C CB  . SER A 1 67  ? 2.96744   -9.36449  11.77312  1.000 23.14156 ? 168 SER A CB  1 
ATOM   534 O OG  . SER A 1 67  ? 1.82246   -10.18876 11.84747  1.000 27.69112 ? 168 SER A OG  1 
ATOM   535 N N   . VAL A 1 68  ? 0.67288   -7.44027  9.84817   1.000 18.12839 ? 169 VAL A N   1 
ATOM   536 C CA  . VAL A 1 68  ? -0.64505  -6.81398  9.89605   1.000 18.71366 ? 169 VAL A CA  1 
ATOM   537 C C   . VAL A 1 68  ? -1.64577  -7.77695  9.28265   1.000 21.42333 ? 169 VAL A C   1 
ATOM   538 O O   . VAL A 1 68  ? -1.43061  -8.27055  8.17064   1.000 20.18981 ? 169 VAL A O   1 
ATOM   539 C CB  . VAL A 1 68  ? -0.67477  -5.46077  9.16302   1.000 18.68871 ? 169 VAL A CB  1 
ATOM   540 C CG1 . VAL A 1 68  ? -2.07787  -4.85973  9.22109   1.000 19.59669 ? 169 VAL A CG1 1 
ATOM   541 C CG2 . VAL A 1 68  ? 0.31925   -4.50760  9.80200   1.000 21.17422 ? 169 VAL A CG2 1 
ATOM   542 N N   . MET A 1 69  ? -2.72678  -8.05866  10.01512  1.000 20.95841 ? 170 MET A N   1 
ATOM   543 C CA  . MET A 1 69  ? -3.79761  -8.92455  9.52063   1.000 19.90372 ? 170 MET A CA  1 
ATOM   544 C C   . MET A 1 69  ? -3.24756  -10.27926 9.07721   1.000 23.07830 ? 170 MET A C   1 
ATOM   545 O O   . MET A 1 69  ? -3.74109  -10.88666 8.12158   1.000 25.14474 ? 170 MET A O   1 
ATOM   546 C CB  . MET A 1 69  ? -4.56169  -8.23978  8.38081   1.000 18.98581 ? 170 MET A CB  1 
ATOM   547 C CG  . MET A 1 69  ? -5.56504  -7.18651  8.83894   1.000 18.73273 ? 170 MET A CG  1 
ATOM   548 S SD  . MET A 1 69  ? -6.86001  -7.82381  9.93273   1.000 25.36814 ? 170 MET A SD  1 
ATOM   549 C CE  . MET A 1 69  ? -7.48256  -9.16356  8.89875   1.000 22.37296 ? 170 MET A CE  1 
ATOM   550 N N   . GLY A 1 70  ? -2.19053  -10.74710 9.74238   1.000 21.98262 ? 171 GLY A N   1 
ATOM   551 C CA  . GLY A 1 70  ? -1.73176  -12.11070 9.55579   1.000 28.39796 ? 171 GLY A CA  1 
ATOM   552 C C   . GLY A 1 70  ? -0.72546  -12.34337 8.45229   1.000 26.43383 ? 171 GLY A C   1 
ATOM   553 O O   . GLY A 1 70  ? -0.51282  -13.50070 8.07203   1.000 24.87881 ? 171 GLY A O   1 
ATOM   554 N N   . ASN A 1 71  ? -0.10515  -11.29690 7.91201   1.000 19.16881 ? 172 ASN A N   1 
ATOM   555 C CA  . ASN A 1 71  ? 1.04106   -11.50025 7.03937   1.000 20.16124 ? 172 ASN A CA  1 
ATOM   556 C C   . ASN A 1 71  ? 1.93643   -10.27790 7.12070   1.000 21.29647 ? 172 ASN A C   1 
ATOM   557 O O   . ASN A 1 71  ? 1.53877   -9.23025  7.62964   1.000 20.41689 ? 172 ASN A O   1 
ATOM   558 C CB  . ASN A 1 71  ? 0.62745   -11.77522 5.59211   1.000 23.92671 ? 172 ASN A CB  1 
ATOM   559 C CG  . ASN A 1 71  ? 0.08230   -10.55693 4.91244   1.000 22.76758 ? 172 ASN A CG  1 
ATOM   560 O OD1 . ASN A 1 71  ? -1.10855  -10.26625 4.99591   1.000 21.77836 ? 172 ASN A OD1 1 
ATOM   561 N ND2 . ASN A 1 71  ? 0.96423   -9.80558  4.25287   1.000 23.40745 ? 172 ASN A ND2 1 
ATOM   562 N N   . ILE A 1 72  ? 3.16093   -10.42984 6.62349   1.000 19.70499 ? 173 ILE A N   1 
ATOM   563 C CA  . ILE A 1 72  ? 4.15321   -9.35952  6.66329   1.000 19.78022 ? 173 ILE A CA  1 
ATOM   564 C C   . ILE A 1 72  ? 3.94409   -8.45110  5.45733   1.000 18.63106 ? 173 ILE A C   1 
ATOM   565 O O   . ILE A 1 72  ? 3.96720   -8.91431  4.30944   1.000 18.90728 ? 173 ILE A O   1 
ATOM   566 C CB  . ILE A 1 72  ? 5.58018   -9.92583  6.68668   1.000 22.75560 ? 173 ILE A CB  1 
ATOM   567 C CG1 . ILE A 1 72  ? 5.74515   -10.87859 7.87957   1.000 24.59940 ? 173 ILE A CG1 1 
ATOM   568 C CG2 . ILE A 1 72  ? 6.60935   -8.79277  6.68891   1.000 22.18941 ? 173 ILE A CG2 1 
ATOM   569 C CD1 . ILE A 1 72  ? 6.09975   -10.15945 9.17318   1.000 25.40743 ? 173 ILE A CD1 1 
ATOM   570 N N   . ILE A 1 73  ? 3.74320   -7.16049  5.71876   1.000 17.57497 ? 174 ILE A N   1 
ATOM   571 C CA  . ILE A 1 73  ? 3.43531   -6.19734  4.67478   1.000 17.50233 ? 174 ILE A CA  1 
ATOM   572 C C   . ILE A 1 73  ? 4.70883   -5.49599  4.22084   1.000 17.60489 ? 174 ILE A C   1 
ATOM   573 O O   . ILE A 1 73  ? 5.73937   -5.48052  4.90566   1.000 17.19022 ? 174 ILE A O   1 
ATOM   574 C CB  . ILE A 1 73  ? 2.36294   -5.17588  5.13218   1.000 15.65589 ? 174 ILE A CB  1 
ATOM   575 C CG1 . ILE A 1 73  ? 2.83311   -4.39020  6.35193   1.000 17.64871 ? 174 ILE A CG1 1 
ATOM   576 C CG2 . ILE A 1 73  ? 1.01473   -5.85653  5.40375   1.000 16.05802 ? 174 ILE A CG2 1 
ATOM   577 C CD1 . ILE A 1 73  ? 1.96117   -3.17444  6.65177   1.000 17.62221 ? 174 ILE A CD1 1 
ATOM   578 N N   . HIS A 1 74  ? 4.63205   -4.92543  3.02304   1.000 15.44907 ? 175 HIS A N   1 
ATOM   579 C CA  . HIS A 1 74  ? 5.72339   -4.22634  2.36637   1.000 15.81887 ? 175 HIS A CA  1 
ATOM   580 C C   . HIS A 1 74  ? 5.33197   -2.76577  2.22183   1.000 15.56420 ? 175 HIS A C   1 
ATOM   581 O O   . HIS A 1 74  ? 4.25149   -2.46324  1.71137   1.000 15.77696 ? 175 HIS A O   1 
ATOM   582 C CB  . HIS A 1 74  ? 5.99873   -4.84137  0.99066   1.000 17.14008 ? 175 HIS A CB  1 
ATOM   583 C CG  . HIS A 1 74  ? 7.04465   -4.11316  0.20545   1.000 17.86056 ? 175 HIS A CG  1 
ATOM   584 N ND1 . HIS A 1 74  ? 8.38768   -4.41589  0.28948   1.000 20.26158 ? 175 HIS A ND1 1 
ATOM   585 C CD2 . HIS A 1 74  ? 6.94405   -3.08521  -0.66992  1.000 19.43004 ? 175 HIS A CD2 1 
ATOM   586 C CE1 . HIS A 1 74  ? 9.06898   -3.60959  -0.50579  1.000 20.43782 ? 175 HIS A CE1 1 
ATOM   587 N NE2 . HIS A 1 74  ? 8.21919   -2.78438  -1.09067  1.000 20.80961 ? 175 HIS A NE2 1 
ATOM   588 N N   . VAL A 1 75  ? 6.17984   -1.86024  2.70810   1.000 16.59036 ? 176 VAL A N   1 
ATOM   589 C CA  . VAL A 1 75  ? 5.85842   -0.43371  2.72869   1.000 16.17225 ? 176 VAL A CA  1 
ATOM   590 C C   . VAL A 1 75  ? 7.10110   0.33003   2.30754   1.000 17.52786 ? 176 VAL A C   1 
ATOM   591 O O   . VAL A 1 75  ? 8.17631   0.10956   2.87054   1.000 16.89719 ? 176 VAL A O   1 
ATOM   592 C CB  . VAL A 1 75  ? 5.38385   0.02743   4.12148   1.000 14.90220 ? 176 VAL A CB  1 
ATOM   593 C CG1 . VAL A 1 75  ? 4.85089   1.44163   4.05071   1.000 16.07643 ? 176 VAL A CG1 1 
ATOM   594 C CG2 . VAL A 1 75  ? 4.31301   -0.91794  4.66295   1.000 15.77138 ? 176 VAL A CG2 1 
ATOM   595 N N   . GLU A 1 76  ? 6.96982   1.19973   1.30190   1.000 16.77940 ? 177 GLU A N   1 
ATOM   596 C CA  . GLU A 1 76  ? 8.14128   1.89392   0.77174   1.000 17.34200 ? 177 GLU A CA  1 
ATOM   597 C C   . GLU A 1 76  ? 7.75219   3.23472   0.16821   1.000 17.25773 ? 177 GLU A C   1 
ATOM   598 O O   . GLU A 1 76  ? 6.64454   3.40652   -0.34026  1.000 15.02361 ? 177 GLU A O   1 
ATOM   599 C CB  . GLU A 1 76  ? 8.87964   1.00281   -0.24313  1.000 22.06837 ? 177 GLU A CB  1 
ATOM   600 C CG  . GLU A 1 76  ? 8.38885   1.03408   -1.66531  1.000 24.33748 ? 177 GLU A CG  1 
ATOM   601 C CD  . GLU A 1 76  ? 9.32025   0.24746   -2.59402  1.000 26.85126 ? 177 GLU A CD  1 
ATOM   602 O OE1 . GLU A 1 76  ? 10.38026  0.77567   -2.98525  1.000 32.33616 ? 177 GLU A OE1 1 
ATOM   603 O OE2 . GLU A 1 76  ? 9.01413   -0.92079  -2.89284  1.000 26.04517 ? 177 GLU A OE2 1 
ATOM   604 N N   . LEU A 1 77  ? 8.66597   4.20231   0.28345   1.000 15.82591 ? 178 LEU A N   1 
ATOM   605 C CA  . LEU A 1 77  ? 8.48651   5.49204   -0.37773  1.000 14.72565 ? 178 LEU A CA  1 
ATOM   606 C C   . LEU A 1 77  ? 8.40689   5.27984   -1.88796  1.000 18.19607 ? 178 LEU A C   1 
ATOM   607 O O   . LEU A 1 77  ? 9.20989   4.54261   -2.45779  1.000 20.23157 ? 178 LEU A O   1 
ATOM   608 C CB  . LEU A 1 77  ? 9.65849   6.40437   -0.04181  1.000 16.35872 ? 178 LEU A CB  1 
ATOM   609 C CG  . LEU A 1 77  ? 9.78769   6.85635   1.40826   1.000 17.14835 ? 178 LEU A CG  1 
ATOM   610 C CD1 . LEU A 1 77  ? 11.06425  7.68237   1.52686   1.000 20.10358 ? 178 LEU A CD1 1 
ATOM   611 C CD2 . LEU A 1 77  ? 8.56958   7.64225   1.85209   1.000 19.59719 ? 178 LEU A CD2 1 
ATOM   612 N N   . ASP A 1 78  ? 7.42090   5.91124   -2.53903  1.000 16.86952 ? 179 ASP A N   1 
ATOM   613 C CA  . ASP A 1 78  ? 7.15829   5.70288   -3.97014  1.000 17.08086 ? 179 ASP A CA  1 
ATOM   614 C C   . ASP A 1 78  ? 6.74649   7.05720   -4.54128  1.000 19.62053 ? 179 ASP A C   1 
ATOM   615 O O   . ASP A 1 78  ? 5.56552   7.33310   -4.74596  1.000 19.37886 ? 179 ASP A O   1 
ATOM   616 C CB  . ASP A 1 78  ? 6.07866   4.63709   -4.18926  1.000 17.26658 ? 179 ASP A CB  1 
ATOM   617 C CG  . ASP A 1 78  ? 6.13510   3.99574   -5.57475  1.000 21.64467 ? 179 ASP A CG  1 
ATOM   618 O OD1 . ASP A 1 78  ? 7.03764   4.31836   -6.38190  1.000 22.01032 ? 179 ASP A OD1 1 
ATOM   619 O OD2 . ASP A 1 78  ? 5.23325   3.18053   -5.87543  1.000 19.29258 ? 179 ASP A OD2 1 
ATOM   620 N N   . THR A 1 79  ? 7.74646   7.90349   -4.80763  1.000 21.06246 ? 180 THR A N   1 
ATOM   621 C CA  . THR A 1 79  ? 7.49077   9.32487   -5.02856  1.000 19.30504 ? 180 THR A CA  1 
ATOM   622 C C   . THR A 1 79  ? 6.47477   9.57483   -6.13501  1.000 23.07874 ? 180 THR A C   1 
ATOM   623 O O   . THR A 1 79  ? 5.57799   10.41319  -5.97652  1.000 24.47701 ? 180 THR A O   1 
ATOM   624 C CB  . THR A 1 79  ? 8.80604   10.03792  -5.33314  1.000 25.63875 ? 180 THR A CB  1 
ATOM   625 O OG1 . THR A 1 79  ? 9.73444   9.71892   -4.29750  1.000 23.36624 ? 180 THR A OG1 1 
ATOM   626 C CG2 . THR A 1 79  ? 8.60939   11.54387  -5.36540  1.000 25.68562 ? 180 THR A CG2 1 
ATOM   627 N N   . LYS A 1 80  ? 6.59824   8.86762   -7.26261  1.000 18.98690 ? 181 LYS A N   1 
ATOM   628 C CA  . LYS A 1 80  ? 5.65564   9.02329   -8.36526  1.000 21.80453 ? 181 LYS A CA  1 
ATOM   629 C C   . LYS A 1 80  ? 4.86749   7.74301   -8.63696  1.000 25.77237 ? 181 LYS A C   1 
ATOM   630 O O   . LYS A 1 80  ? 4.28767   7.59353   -9.71843  1.000 25.71649 ? 181 LYS A O   1 
ATOM   631 C CB  . LYS A 1 80  ? 6.36441   9.49285   -9.63918  1.000 26.05875 ? 181 LYS A CB  1 
ATOM   632 C CG  . LYS A 1 80  ? 7.12561   10.81762  -9.51742  1.000 29.94690 ? 181 LYS A CG  1 
ATOM   633 C CD  . LYS A 1 80  ? 8.05027   11.03909  -10.73240 1.000 36.10418 ? 181 LYS A CD  1 
ATOM   634 C CE  . LYS A 1 80  ? 9.51027   11.29088  -10.34611 1.000 46.19513 ? 181 LYS A CE  1 
ATOM   635 N NZ  . LYS A 1 80  ? 10.10397  10.25096  -9.44325  1.000 43.99962 ? 181 LYS A NZ  1 
ATOM   636 N N   . GLY A 1 81  ? 4.82800   6.81867   -7.67754  1.000 18.55014 ? 182 GLY A N   1 
ATOM   637 C CA  . GLY A 1 81  ? 4.03542   5.61659   -7.84773  1.000 21.48674 ? 182 GLY A CA  1 
ATOM   638 C C   . GLY A 1 81  ? 4.57829   4.63508   -8.85310  1.000 21.51247 ? 182 GLY A C   1 
ATOM   639 O O   . GLY A 1 81  ? 3.86203   3.70528   -9.24415  1.000 20.19657 ? 182 GLY A O   1 
ATOM   640 N N   . GLU A 1 82  ? 5.82381   4.80907   -9.28619  1.000 20.68896 ? 183 GLU A N   1 
ATOM   641 C CA  . GLU A 1 82  ? 6.36617   3.95023   -10.32699 1.000 22.49584 ? 183 GLU A CA  1 
ATOM   642 C C   . GLU A 1 82  ? 6.50679   2.51316   -9.84117  1.000 19.97422 ? 183 GLU A C   1 
ATOM   643 O O   . GLU A 1 82  ? 6.25675   1.56888   -10.59802 1.000 20.69017 ? 183 GLU A O   1 
ATOM   644 C CB  . GLU A 1 82  ? 7.70662   4.50600   -10.79510 1.000 23.12971 ? 183 GLU A CB  1 
ATOM   645 C CG  . GLU A 1 82  ? 7.55702   5.79070   -11.58411 1.000 28.40912 ? 183 GLU A CG  1 
ATOM   646 C CD  . GLU A 1 82  ? 8.88387   6.31912   -12.08008 1.000 42.21091 ? 183 GLU A CD  1 
ATOM   647 O OE1 . GLU A 1 82  ? 8.88021   7.09559   -13.06049 1.000 47.55638 ? 183 GLU A OE1 1 
ATOM   648 O OE2 . GLU A 1 82  ? 9.92781   5.94006   -11.50234 1.000 44.29233 ? 183 GLU A OE2 1 
ATOM   649 N N   . THR A 1 83  ? 6.89489   2.32342   -8.57658  1.000 19.51110 ? 184 THR A N   1 
ATOM   650 C CA  . THR A 1 83  ? 7.01264   0.96641   -8.05590  1.000 20.07610 ? 184 THR A CA  1 
ATOM   651 C C   . THR A 1 83  ? 5.65224   0.28765   -8.01746  1.000 19.62727 ? 184 THR A C   1 
ATOM   652 O O   . THR A 1 83  ? 5.50722   -0.86089  -8.45249  1.000 20.32707 ? 184 THR A O   1 
ATOM   653 C CB  . THR A 1 83  ? 7.65456   0.99079   -6.67033  1.000 20.39943 ? 184 THR A CB  1 
ATOM   654 O OG1 . THR A 1 83  ? 8.96013   1.57789   -6.77454  1.000 21.23101 ? 184 THR A OG1 1 
ATOM   655 C CG2 . THR A 1 83  ? 7.76258   -0.40982  -6.09678  1.000 22.53168 ? 184 THR A CG2 1 
ATOM   656 N N   . ARG A 1 84  ? 4.63559   1.00585   -7.54452  1.000 17.87908 ? 185 ARG A N   1 
ATOM   657 C CA  . ARG A 1 84  ? 3.28636   0.45802   -7.50045  1.000 19.51420 ? 185 ARG A CA  1 
ATOM   658 C C   . ARG A 1 84  ? 2.74322   0.18844   -8.89766  1.000 20.52654 ? 185 ARG A C   1 
ATOM   659 O O   . ARG A 1 84  ? 1.93132   -0.72878  -9.08347  1.000 17.91597 ? 185 ARG A O   1 
ATOM   660 C CB  . ARG A 1 84  ? 2.37452   1.42474   -6.74718  1.000 17.45501 ? 185 ARG A CB  1 
ATOM   661 C CG  . ARG A 1 84  ? 0.98641   0.86640   -6.44613  1.000 17.40231 ? 185 ARG A CG  1 
ATOM   662 C CD  . ARG A 1 84  ? 0.16305   1.88404   -5.67804  1.000 18.87926 ? 185 ARG A CD  1 
ATOM   663 N NE  . ARG A 1 84  ? -0.00879  3.14291   -6.40628  1.000 17.16577 ? 185 ARG A NE  1 
ATOM   664 C CZ  . ARG A 1 84  ? 0.64075   4.26765   -6.11530  1.000 20.79156 ? 185 ARG A CZ  1 
ATOM   665 N NH1 . ARG A 1 84  ? 1.52215   4.32034   -5.13069  1.000 16.57683 ? 185 ARG A NH1 1 
ATOM   666 N NH2 . ARG A 1 84  ? 0.39358   5.36738   -6.82506  1.000 16.80123 ? 185 ARG A NH2 1 
ATOM   667 N N   . MET A 1 85  ? 3.16213   0.97877   -9.88995  1.000 20.61815 ? 186 MET A N   1 
ATOM   668 C CA  . MET A 1 85  ? 2.73547   0.72136   -11.26216 1.000 19.92130 ? 186 MET A CA  1 
ATOM   669 C C   . MET A 1 85  ? 3.18209   -0.66381  -11.71290 1.000 19.84326 ? 186 MET A C   1 
ATOM   670 O O   . MET A 1 85  ? 2.40976   -1.41235  -12.32468 1.000 19.19143 ? 186 MET A O   1 
ATOM   671 C CB  . MET A 1 85  ? 3.31112   1.79061   -12.19032 1.000 21.84365 ? 186 MET A CB  1 
ATOM   672 C CG  . MET A 1 85  ? 3.12008   1.51429   -13.65571 1.000 27.09081 ? 186 MET A CG  1 
ATOM   673 S SD  . MET A 1 85  ? 1.37332   1.68614   -14.05300 1.000 35.89905 ? 186 MET A SD  1 
ATOM   674 C CE  . MET A 1 85  ? 1.35683   3.43757   -14.46007 1.000 34.52505 ? 186 MET A CE  1 
ATOM   675 N N   . ARG A 1 86  ? 4.44160   -1.01583  -11.42819 1.000 17.40009 ? 187 ARG A N   1 
ATOM   676 C CA  . ARG A 1 86  ? 4.93678   -2.34135  -11.78947 1.000 21.08130 ? 187 ARG A CA  1 
ATOM   677 C C   . ARG A 1 86  ? 4.21627   -3.42851  -11.00278 1.000 17.85639 ? 187 ARG A C   1 
ATOM   678 O O   . ARG A 1 86  ? 3.87410   -4.47775  -11.55697 1.000 20.25729 ? 187 ARG A O   1 
ATOM   679 C CB  . ARG A 1 86  ? 6.45107   -2.41313  -11.57325 1.000 23.99512 ? 187 ARG A CB  1 
ATOM   680 C CG  . ARG A 1 86  ? 7.06918   -3.77792  -11.89706 1.000 28.47788 ? 187 ARG A CG  1 
ATOM   681 C CD  . ARG A 1 86  ? 6.78011   -4.21919  -13.33083 1.000 32.78769 ? 187 ARG A CD  1 
ATOM   682 N NE  . ARG A 1 86  ? 7.49753   -5.43539  -13.72396 1.000 34.45202 ? 187 ARG A NE  1 
ATOM   683 C CZ  . ARG A 1 86  ? 7.15194   -6.21338  -14.74463 1.000 35.08197 ? 187 ARG A CZ  1 
ATOM   684 N NH1 . ARG A 1 86  ? 6.07799   -5.95635  -15.47912 1.000 34.63868 ? 187 ARG A NH1 1 
ATOM   685 N NH2 . ARG A 1 86  ? 7.90154   -7.27582  -15.03758 1.000 31.49868 ? 187 ARG A NH2 1 
ATOM   686 N N   . PHE A 1 87  ? 3.98614   -3.20016  -9.70624  1.000 17.42363 ? 188 PHE A N   1 
ATOM   687 C CA  . PHE A 1 87  ? 3.17816   -4.12258  -8.90919  1.000 15.09737 ? 188 PHE A CA  1 
ATOM   688 C C   . PHE A 1 87  ? 1.80337   -4.32308  -9.53632  1.000 15.86669 ? 188 PHE A C   1 
ATOM   689 O O   . PHE A 1 87  ? 1.33007   -5.45649  -9.68194  1.000 15.44210 ? 188 PHE A O   1 
ATOM   690 C CB  . PHE A 1 87  ? 3.00636   -3.57446  -7.49225  1.000 17.30980 ? 188 PHE A CB  1 
ATOM   691 C CG  . PHE A 1 87  ? 4.25370   -3.60168  -6.66453  1.000 15.76356 ? 188 PHE A CG  1 
ATOM   692 C CD1 . PHE A 1 87  ? 5.39115   -4.26311  -7.10103  1.000 16.68566 ? 188 PHE A CD1 1 
ATOM   693 C CD2 . PHE A 1 87  ? 4.27521   -2.96210  -5.42667  1.000 18.62682 ? 188 PHE A CD2 1 
ATOM   694 C CE1 . PHE A 1 87  ? 6.53398   -4.28254  -6.31006  1.000 21.43615 ? 188 PHE A CE1 1 
ATOM   695 C CE2 . PHE A 1 87  ? 5.41704   -2.97779  -4.63410  1.000 20.43170 ? 188 PHE A CE2 1 
ATOM   696 C CZ  . PHE A 1 87  ? 6.53676   -3.64179  -5.07500  1.000 17.52332 ? 188 PHE A CZ  1 
ATOM   697 N N   . TYR A 1 88  ? 1.14785   -3.22381  -9.90918  1.000 14.80748 ? 189 TYR A N   1 
ATOM   698 C CA  . TYR A 1 88  ? -0.17422  -3.31414  -10.52383 1.000 15.76851 ? 189 TYR A CA  1 
ATOM   699 C C   . TYR A 1 88  ? -0.14089  -4.17041  -11.78357 1.000 16.22959 ? 189 TYR A C   1 
ATOM   700 O O   . TYR A 1 88  ? -0.96491  -5.08119  -11.95742 1.000 16.06490 ? 189 TYR A O   1 
ATOM   701 C CB  . TYR A 1 88  ? -0.69743  -1.91513  -10.85360 1.000 15.95044 ? 189 TYR A CB  1 
ATOM   702 C CG  . TYR A 1 88  ? -2.11081  -1.90103  -11.41294 1.000 15.47410 ? 189 TYR A CG  1 
ATOM   703 C CD1 . TYR A 1 88  ? -3.21725  -2.06096  -10.58036 1.000 17.32326 ? 189 TYR A CD1 1 
ATOM   704 C CD2 . TYR A 1 88  ? -2.33279  -1.74915  -12.78084 1.000 18.74934 ? 189 TYR A CD2 1 
ATOM   705 C CE1 . TYR A 1 88  ? -4.52034  -2.05056  -11.10344 1.000 19.47158 ? 189 TYR A CE1 1 
ATOM   706 C CE2 . TYR A 1 88  ? -3.61470  -1.75702  -13.30856 1.000 16.40768 ? 189 TYR A CE2 1 
ATOM   707 C CZ  . TYR A 1 88  ? -4.70243  -1.90176  -12.46860 1.000 20.02027 ? 189 TYR A CZ  1 
ATOM   708 O OH  . TYR A 1 88  ? -5.98030  -1.88010  -12.99841 1.000 17.39348 ? 189 TYR A OH  1 
ATOM   709 N N   . GLU A 1 89  ? 0.78944   -3.86949  -12.69099 1.000 16.31488 ? 190 GLU A N   1 
ATOM   710 C CA  . GLU A 1 89  ? 0.89203   -4.64971  -13.92124 1.000 16.09352 ? 190 GLU A CA  1 
ATOM   711 C C   . GLU A 1 89  ? 0.97047   -6.13918  -13.62406 1.000 19.83769 ? 190 GLU A C   1 
ATOM   712 O O   . GLU A 1 89  ? 0.25532   -6.94750  -14.23193 1.000 19.51780 ? 190 GLU A O   1 
ATOM   713 C CB  . GLU A 1 89  ? 2.12121   -4.22660  -14.72394 1.000 18.59334 ? 190 GLU A CB  1 
ATOM   714 C CG  . GLU A 1 89  ? 2.12702   -4.85389  -16.11435 1.000 22.47602 ? 190 GLU A CG  1 
ATOM   715 C CD  . GLU A 1 89  ? 3.24727   -4.35953  -16.98335 1.000 26.75102 ? 190 GLU A CD  1 
ATOM   716 O OE1 . GLU A 1 89  ? 4.09110   -3.57566  -16.50123 1.000 24.65275 ? 190 GLU A OE1 1 
ATOM   717 O OE2 . GLU A 1 89  ? 3.28081   -4.77160  -18.15820 1.000 33.84374 ? 190 GLU A OE2 1 
ATOM   718 N N   . LEU A 1 90  ? 1.84067   -6.52163  -12.68680 1.000 16.57544 ? 191 LEU A N   1 
ATOM   719 C CA  . LEU A 1 90  ? 2.04066   -7.94010  -12.39811 1.000 19.23934 ? 191 LEU A CA  1 
ATOM   720 C C   . LEU A 1 90  ? 0.80118   -8.56715  -11.77487 1.000 19.36040 ? 191 LEU A C   1 
ATOM   721 O O   . LEU A 1 90  ? 0.47927   -9.72886  -12.05345 1.000 21.26259 ? 191 LEU A O   1 
ATOM   722 C CB  . LEU A 1 90  ? 3.24027   -8.12305  -11.47548 1.000 17.31016 ? 191 LEU A CB  1 
ATOM   723 C CG  . LEU A 1 90  ? 4.58660   -7.72804  -12.07298 1.000 21.38088 ? 191 LEU A CG  1 
ATOM   724 C CD1 . LEU A 1 90  ? 5.61217   -7.59966  -10.97569 1.000 22.49321 ? 191 LEU A CD1 1 
ATOM   725 C CD2 . LEU A 1 90  ? 5.02369   -8.76407  -13.11933 1.000 23.31925 ? 191 LEU A CD2 1 
ATOM   726 N N   . LEU A 1 91  ? 0.09619   -7.81557  -10.93309 1.000 14.31828 ? 192 LEU A N   1 
ATOM   727 C CA  . LEU A 1 91  ? -1.02840  -8.36585  -10.19012 1.000 14.96678 ? 192 LEU A CA  1 
ATOM   728 C C   . LEU A 1 91  ? -2.30474  -8.37570  -11.01568 1.000 18.32576 ? 192 LEU A C   1 
ATOM   729 O O   . LEU A 1 91  ? -3.04740  -9.36582  -10.99555 1.000 18.50662 ? 192 LEU A O   1 
ATOM   730 C CB  . LEU A 1 91  ? -1.24021  -7.56567  -8.90674  1.000 16.26188 ? 192 LEU A CB  1 
ATOM   731 C CG  . LEU A 1 91  ? -0.13221  -7.82120  -7.88767  1.000 14.50348 ? 192 LEU A CG  1 
ATOM   732 C CD1 . LEU A 1 91  ? -0.20730  -6.81881  -6.74353  1.000 15.96549 ? 192 LEU A CD1 1 
ATOM   733 C CD2 . LEU A 1 91  ? -0.20218  -9.25545  -7.36725  1.000 17.28342 ? 192 LEU A CD2 1 
ATOM   734 N N   . VAL A 1 92  ? -2.59354  -7.28162  -11.72697 1.000 15.29346 ? 193 VAL A N   1 
ATOM   735 C CA  . VAL A 1 92  ? -3.87656  -7.20483  -12.41517 1.000 18.19488 ? 193 VAL A CA  1 
ATOM   736 C C   . VAL A 1 92  ? -3.91885  -8.14240  -13.61260 1.000 19.86814 ? 193 VAL A C   1 
ATOM   737 O O   . VAL A 1 92  ? -5.00853  -8.54190  -14.04758 1.000 21.16623 ? 193 VAL A O   1 
ATOM   738 C CB  . VAL A 1 92  ? -4.18711  -5.75505  -12.82607 1.000 17.03210 ? 193 VAL A CB  1 
ATOM   739 C CG1 . VAL A 1 92  ? -3.39578  -5.36762  -14.06228 1.000 18.81289 ? 193 VAL A CG1 1 
ATOM   740 C CG2 . VAL A 1 92  ? -5.69138  -5.57391  -13.02777 1.000 19.02380 ? 193 VAL A CG2 1 
ATOM   741 N N   . THR A 1 93  ? -2.76272  -8.51146  -14.15076 1.000 19.21513 ? 194 THR A N   1 
ATOM   742 C CA  . THR A 1 93  ? -2.66753  -9.50653  -15.21216 1.000 21.59993 ? 194 THR A CA  1 
ATOM   743 C C   . THR A 1 93  ? -2.53007  -10.93752 -14.68590 1.000 23.82565 ? 194 THR A C   1 
ATOM   744 O O   . THR A 1 93  ? -2.44653  -11.87796 -15.49112 1.000 24.80531 ? 194 THR A O   1 
ATOM   745 C CB  . THR A 1 93  ? -1.49054  -9.17563  -16.14054 1.000 21.78810 ? 194 THR A CB  1 
ATOM   746 O OG1 . THR A 1 93  ? -0.24180  -9.36592  -15.45390 1.000 22.24431 ? 194 THR A OG1 1 
ATOM   747 C CG2 . THR A 1 93  ? -1.58702  -7.72767  -16.64650 1.000 23.58247 ? 194 THR A CG2 1 
ATOM   748 N N   . GLY A 1 94  ? -2.50556  -11.12599 -13.36622 1.000 21.02036 ? 195 GLY A N   1 
ATOM   749 C CA  . GLY A 1 94  ? -2.43293  -12.45864 -12.79421 1.000 20.04883 ? 195 GLY A CA  1 
ATOM   750 C C   . GLY A 1 94  ? -1.09189  -13.14303 -12.93019 1.000 24.05075 ? 195 GLY A C   1 
ATOM   751 O O   . GLY A 1 94  ? -1.01675  -14.37354 -12.84441 1.000 22.63060 ? 195 GLY A O   1 
ATOM   752 N N   . ARG A 1 95  ? -0.02252  -12.38360 -13.15623 1.000 20.38703 ? 196 ARG A N   1 
ATOM   753 C CA  . ARG A 1 95  ? 1.30910   -12.98052 -13.17272 1.000 20.49398 ? 196 ARG A CA  1 
ATOM   754 C C   . ARG A 1 95  ? 1.72588   -13.42926 -11.77694 1.000 25.21796 ? 196 ARG A C   1 
ATOM   755 O O   . ARG A 1 95  ? 2.46141   -14.41351 -11.63205 1.000 23.53449 ? 196 ARG A O   1 
ATOM   756 C CB  . ARG A 1 95  ? 2.30628   -11.97825 -13.75668 1.000 24.09514 ? 196 ARG A CB  1 
ATOM   757 C CG  . ARG A 1 95  ? 3.74420   -12.47609 -13.83855 1.000 25.67428 ? 196 ARG A CG  1 
ATOM   758 C CD  . ARG A 1 95  ? 3.87264   -13.64162 -14.79474 1.000 30.29911 ? 196 ARG A CD  1 
ATOM   759 N NE  . ARG A 1 95  ? 5.20297   -14.23801 -14.73106 1.000 30.35209 ? 196 ARG A NE  1 
ATOM   760 C CZ  . ARG A 1 95  ? 5.60837   -15.08229 -13.79184 1.000 29.60916 ? 196 ARG A CZ  1 
ATOM   761 N NH1 . ARG A 1 95  ? 4.81919   -15.43623 -12.79382 1.000 29.15672 ? 196 ARG A NH1 1 
ATOM   762 N NH2 . ARG A 1 95  ? 6.84728   -15.57150 -13.84703 1.000 31.32582 ? 196 ARG A NH2 1 
ATOM   763 N N   . TYR A 1 96  ? 1.26402   -12.71851 -10.74853 1.000 20.86424 ? 197 TYR A N   1 
ATOM   764 C CA  . TYR A 1 96  ? 1.40856   -13.08980 -9.35202  1.000 21.29151 ? 197 TYR A CA  1 
ATOM   765 C C   . TYR A 1 96  ? 0.06444   -12.90019 -8.66686  1.000 21.51736 ? 197 TYR A C   1 
ATOM   766 O O   . TYR A 1 96  ? -0.88655  -12.37549 -9.25578  1.000 22.12251 ? 197 TYR A O   1 
ATOM   767 C CB  . TYR A 1 96  ? 2.50349   -12.24826 -8.67204  1.000 22.54852 ? 197 TYR A CB  1 
ATOM   768 C CG  . TYR A 1 96  ? 3.86711   -12.59785 -9.20198  1.000 26.52098 ? 197 TYR A CG  1 
ATOM   769 C CD1 . TYR A 1 96  ? 4.51894   -13.74076 -8.76273  1.000 25.60817 ? 197 TYR A CD1 1 
ATOM   770 C CD2 . TYR A 1 96  ? 4.47647   -11.82865 -10.18855 1.000 23.34517 ? 197 TYR A CD2 1 
ATOM   771 C CE1 . TYR A 1 96  ? 5.74777   -14.08986 -9.25594  1.000 25.50900 ? 197 TYR A CE1 1 
ATOM   772 C CE2 . TYR A 1 96  ? 5.71074   -12.17904 -10.69721 1.000 24.93899 ? 197 TYR A CE2 1 
ATOM   773 C CZ  . TYR A 1 96  ? 6.33597   -13.32085 -10.22576 1.000 26.54159 ? 197 TYR A CZ  1 
ATOM   774 O OH  . TYR A 1 96  ? 7.56472   -13.69463 -10.70343 1.000 27.53215 ? 197 TYR A OH  1 
ATOM   775 N N   . THR A 1 97  ? -0.01958  -13.33618 -7.41770  1.000 19.40481 ? 198 THR A N   1 
ATOM   776 C CA  . THR A 1 97  ? -1.16440  -13.05410 -6.56642  1.000 20.41786 ? 198 THR A CA  1 
ATOM   777 C C   . THR A 1 97  ? -0.77035  -12.02754 -5.50702  1.000 19.21763 ? 198 THR A C   1 
ATOM   778 O O   . THR A 1 97  ? 0.41980   -11.78796 -5.28622  1.000 19.35605 ? 198 THR A O   1 
ATOM   779 C CB  . THR A 1 97  ? -1.68052  -14.32243 -5.87352  1.000 23.15480 ? 198 THR A CB  1 
ATOM   780 O OG1 . THR A 1 97  ? -0.67247  -14.83840 -5.00233  1.000 23.75168 ? 198 THR A OG1 1 
ATOM   781 C CG2 . THR A 1 97  ? -2.03244  -15.37517 -6.91342  1.000 23.06696 ? 198 THR A CG2 1 
ATOM   782 N N   . PRO A 1 98  ? -1.74100  -11.40078 -4.82941  1.000 16.86666 ? 199 PRO A N   1 
ATOM   783 C CA  . PRO A 1 98  ? -1.38065  -10.35843 -3.84822  1.000 19.57233 ? 199 PRO A CA  1 
ATOM   784 C C   . PRO A 1 98  ? -0.36766  -10.80394 -2.81003  1.000 21.25442 ? 199 PRO A C   1 
ATOM   785 O O   . PRO A 1 98  ? 0.50057   -10.01126 -2.42892  1.000 23.39704 ? 199 PRO A O   1 
ATOM   786 C CB  . PRO A 1 98  ? -2.73388  -10.01026 -3.21730  1.000 21.53831 ? 199 PRO A CB  1 
ATOM   787 C CG  . PRO A 1 98  ? -3.68647  -10.18339 -4.35133  1.000 18.47047 ? 199 PRO A CG  1 
ATOM   788 C CD  . PRO A 1 98  ? -3.20188  -11.46085 -5.02613  1.000 20.41322 ? 199 PRO A CD  1 
ATOM   789 N N   . GLN A 1 99  ? -0.43619  -12.05643 -2.35833  1.000 22.95379 ? 200 GLN A N   1 
ATOM   790 C CA  . GLN A 1 99  ? 0.45628   -12.53116 -1.31258  1.000 24.06393 ? 200 GLN A CA  1 
ATOM   791 C C   . GLN A 1 99  ? 1.74890   -13.13424 -1.84909  1.000 22.68367 ? 200 GLN A C   1 
ATOM   792 O O   . GLN A 1 99  ? 2.68076   -13.33793 -1.06924  1.000 27.82583 ? 200 GLN A O   1 
ATOM   793 C CB  . GLN A 1 99  ? -0.28398  -13.54278 -0.42577  1.000 24.59631 ? 200 GLN A CB  1 
ATOM   794 C CG  . GLN A 1 99  ? -1.34599  -12.88162 0.45288   1.000 22.87336 ? 200 GLN A CG  1 
ATOM   795 C CD  . GLN A 1 99  ? -0.73916  -11.84826 1.39415   1.000 28.28335 ? 200 GLN A CD  1 
ATOM   796 O OE1 . GLN A 1 99  ? 0.32004   -12.08505 1.98744   1.000 29.68280 ? 200 GLN A OE1 1 
ATOM   797 N NE2 . GLN A 1 99  ? -1.39349  -10.68980 1.52199   1.000 22.11320 ? 200 GLN A NE2 1 
ATOM   798 N N   . THR A 1 100 ? 1.84471   -13.39020 -3.15361  1.000 21.68855 ? 201 THR A N   1 
ATOM   799 C CA  . THR A 1 100 ? 3.04718   -13.93901 -3.76863  1.000 22.55332 ? 201 THR A CA  1 
ATOM   800 C C   . THR A 1 100 ? 3.79488   -12.91968 -4.61932  1.000 22.98222 ? 201 THR A C   1 
ATOM   801 O O   . THR A 1 100 ? 4.77011   -13.27845 -5.28186  1.000 20.93118 ? 201 THR A O   1 
ATOM   802 C CB  . THR A 1 100 ? 2.69977   -15.18237 -4.59880  1.000 23.65629 ? 201 THR A CB  1 
ATOM   803 O OG1 . THR A 1 100 ? 1.89091   -14.81284 -5.72776  1.000 24.87672 ? 201 THR A OG1 1 
ATOM   804 C CG2 . THR A 1 100 ? 1.94057   -16.18623 -3.74201  1.000 26.93777 ? 201 THR A CG2 1 
ATOM   805 N N   . LEU A 1 101 ? 3.38470   -11.65124 -4.58616  1.000 20.73275 ? 202 LEU A N   1 
ATOM   806 C CA  . LEU A 1 101 ? 4.10234   -10.61361 -5.30846  1.000 20.86214 ? 202 LEU A CA  1 
ATOM   807 C C   . LEU A 1 101 ? 5.55134   -10.56146 -4.83074  1.000 20.05353 ? 202 LEU A C   1 
ATOM   808 O O   . LEU A 1 101 ? 5.78881   -10.43990 -3.62482  1.000 23.61971 ? 202 LEU A O   1 
ATOM   809 C CB  . LEU A 1 101 ? 3.43897   -9.26274  -5.06248  1.000 21.49174 ? 202 LEU A CB  1 
ATOM   810 C CG  . LEU A 1 101 ? 4.10193   -8.03210  -5.66530  1.000 18.88151 ? 202 LEU A CG  1 
ATOM   811 C CD1 . LEU A 1 101 ? 3.94649   -7.96711  -7.17847  1.000 20.49860 ? 202 LEU A CD1 1 
ATOM   812 C CD2 . LEU A 1 101 ? 3.56888   -6.77749  -5.00008  1.000 18.80466 ? 202 LEU A CD2 1 
ATOM   813 N N   . PRO A 1 102 ? 6.53705   -10.64522 -5.72763  1.000 21.10050 ? 203 PRO A N   1 
ATOM   814 C CA  . PRO A 1 102 ? 7.93374   -10.46662 -5.30059  1.000 25.09803 ? 203 PRO A CA  1 
ATOM   815 C C   . PRO A 1 102 ? 8.16797   -9.02406  -4.87747  1.000 24.29849 ? 203 PRO A C   1 
ATOM   816 O O   . PRO A 1 102 ? 7.88390   -8.09430  -5.63200  1.000 25.43181 ? 203 PRO A O   1 
ATOM   817 C CB  . PRO A 1 102 ? 8.74766   -10.82330 -6.55291  1.000 25.66953 ? 203 PRO A CB  1 
ATOM   818 C CG  . PRO A 1 102 ? 7.77653   -11.48619 -7.51012  1.000 26.77677 ? 203 PRO A CG  1 
ATOM   819 C CD  . PRO A 1 102 ? 6.42311   -10.94987 -7.16646  1.000 25.96207 ? 203 PRO A CD  1 
ATOM   820 N N   . VAL A 1 103 ? 8.68449   -8.83627  -3.66864  1.000 26.60310 ? 204 VAL A N   1 
ATOM   821 C CA  . VAL A 1 103 ? 8.88567   -7.47298  -3.17604  1.000 27.78160 ? 204 VAL A CA  1 
ATOM   822 C C   . VAL A 1 103 ? 10.30112  -7.29952  -2.62597  1.000 32.68639 ? 204 VAL A C   1 
ATOM   823 O O   . VAL A 1 103 ? 11.01116  -8.28301  -2.41022  1.000 35.54625 ? 204 VAL A O   1 
ATOM   824 C CB  . VAL A 1 103 ? 7.83570   -7.10859  -2.10624  1.000 23.77754 ? 204 VAL A CB  1 
ATOM   825 C CG1 . VAL A 1 103 ? 6.45364   -6.98000  -2.75213  1.000 21.19556 ? 204 VAL A CG1 1 
ATOM   826 C CG2 . VAL A 1 103 ? 7.82811   -8.11554  -0.97459  1.000 26.88382 ? 204 VAL A CG2 1 
HETATM 827 O O   . HOH B 2 .   ? -6.47138  -12.02282 -10.77977 1.000 35.14872 ? 301 HOH A O   1 
HETATM 828 O O   . HOH B 2 .   ? 14.80490  10.98111  7.74491   1.000 39.35076 ? 302 HOH A O   1 
HETATM 829 O O   . HOH B 2 .   ? -2.63393  18.58187  3.44289   1.000 35.55712 ? 303 HOH A O   1 
HETATM 830 O O   . HOH B 2 .   ? 6.89469   -1.21583  13.65417  1.000 35.51484 ? 304 HOH A O   1 
HETATM 831 O O   . HOH B 2 .   ? 8.24044   -17.27459 -13.26763 1.000 31.05470 ? 305 HOH A O   1 
HETATM 832 O O   . HOH B 2 .   ? 0.67638   15.88413  0.08454   1.000 31.50070 ? 306 HOH A O   1 
HETATM 833 O O   . HOH B 2 .   ? -9.88141  -11.03265 -10.62319 1.000 28.32342 ? 307 HOH A O   1 
HETATM 834 O O   . HOH B 2 .   ? -15.26059 -7.33170  -20.68926 1.000 30.17542 ? 308 HOH A O   1 
HETATM 835 O O   . HOH B 2 .   ? -2.97743  -11.85911 5.45866   1.000 24.67982 ? 309 HOH A O   1 
HETATM 836 O O   . HOH B 2 .   ? 9.63628   2.87521   -4.67241  1.000 30.30866 ? 310 HOH A O   1 
HETATM 837 O O   . HOH B 2 .   ? -6.19336  2.21239   15.46488  1.000 31.64038 ? 311 HOH A O   1 
HETATM 838 O O   . HOH B 2 .   ? -3.51515  -10.10031 0.19548   1.000 30.04878 ? 312 HOH A O   1 
HETATM 839 O O   . HOH B 2 .   ? 10.98741  -6.81684  9.83420   1.000 30.95135 ? 313 HOH A O   1 
HETATM 840 O O   . HOH B 2 .   ? 6.10667   -8.76122  2.86941   1.000 28.84601 ? 314 HOH A O   1 
HETATM 841 O O   . HOH B 2 .   ? -9.80160  2.76045   -2.57389  1.000 21.92906 ? 315 HOH A O   1 
HETATM 842 O O   . HOH B 2 .   ? -7.55845  8.24032   -5.22109  1.000 39.10376 ? 316 HOH A O   1 
HETATM 843 O O   . HOH B 2 .   ? -5.59515  4.13816   -9.42648  1.000 26.17334 ? 317 HOH A O   1 
HETATM 844 O O   . HOH B 2 .   ? 3.52896   -11.33448 3.44403   1.000 32.61448 ? 318 HOH A O   1 
HETATM 845 O O   . HOH B 2 .   ? -1.94820  -7.63061  5.40167   1.000 18.54356 ? 319 HOH A O   1 
HETATM 846 O O   . HOH B 2 .   ? 6.81531   1.52579   -13.15625 1.000 32.96224 ? 320 HOH A O   1 
HETATM 847 O O   . HOH B 2 .   ? -12.29555 -5.65387  2.11195   1.000 25.40333 ? 321 HOH A O   1 
HETATM 848 O O   . HOH B 2 .   ? 9.95625   -3.20632  -3.83261  1.000 33.75992 ? 322 HOH A O   1 
HETATM 849 O O   . HOH B 2 .   ? -11.20562 0.82144   -1.22745  1.000 27.24187 ? 323 HOH A O   1 
HETATM 850 O O   . HOH B 2 .   ? -8.54879  2.13534   -7.07802  1.000 24.68623 ? 324 HOH A O   1 
HETATM 851 O O   . HOH B 2 .   ? -13.36983 -11.50641 5.04974   1.000 29.00989 ? 325 HOH A O   1 
HETATM 852 O O   . HOH B 2 .   ? 10.83119  0.46106   2.63888   1.000 25.19035 ? 326 HOH A O   1 
HETATM 853 O O   . HOH B 2 .   ? 6.73399   -15.11251 -5.20436  1.000 32.42274 ? 327 HOH A O   1 
HETATM 854 O O   . HOH B 2 .   ? 4.17151   13.44562  11.26893  1.000 32.38541 ? 328 HOH A O   1 
HETATM 855 O O   . HOH B 2 .   ? 4.98863   10.38384  13.03202  1.000 31.49812 ? 329 HOH A O   1 
HETATM 856 O O   . HOH B 2 .   ? -3.46492  -11.33056 -9.13717  1.000 23.00103 ? 330 HOH A O   1 
HETATM 857 O O   . HOH B 2 .   ? -7.36710  -10.68866 -3.28186  1.000 26.53787 ? 331 HOH A O   1 
HETATM 858 O O   . HOH B 2 .   ? -10.67572 5.16533   9.37974   1.000 27.95798 ? 332 HOH A O   1 
HETATM 859 O O   . HOH B 2 .   ? -11.21225 6.80957   4.77911   1.000 34.56692 ? 333 HOH A O   1 
HETATM 860 O O   . HOH B 2 .   ? -9.81179  -11.17610 -2.38591  1.000 27.04707 ? 334 HOH A O   1 
HETATM 861 O O   . HOH B 2 .   ? -11.66233 -7.58724  -0.55771  1.000 25.06544 ? 335 HOH A O   1 
HETATM 862 O O   . HOH B 2 .   ? 13.25326  6.99199   10.19611  1.000 36.33265 ? 336 HOH A O   1 
HETATM 863 O O   . HOH B 2 .   ? 0.02478   -7.31439  -2.91443  1.000 16.76099 ? 337 HOH A O   1 
HETATM 864 O O   . HOH B 2 .   ? 1.76373   13.57004  7.13644   1.000 20.15635 ? 338 HOH A O   1 
HETATM 865 O O   . HOH B 2 .   ? 2.92389   14.94926  9.69788   1.000 31.52375 ? 339 HOH A O   1 
HETATM 866 O O   . HOH B 2 .   ? -5.29186  12.98074  8.23654   1.000 32.48677 ? 340 HOH A O   1 
HETATM 867 O O   . HOH B 2 .   ? 1.74992   19.95899  4.26877   1.000 26.68164 ? 341 HOH A O   1 
HETATM 868 O O   . HOH B 2 .   ? -14.32179 -6.25865  -3.96490  1.000 32.68078 ? 342 HOH A O   1 
HETATM 869 O O   . HOH B 2 .   ? -0.95726  -9.71032  12.10980  1.000 26.63309 ? 343 HOH A O   1 
HETATM 870 O O   . HOH B 2 .   ? -9.62298  -5.87485  -15.60298 1.000 25.55919 ? 344 HOH A O   1 
HETATM 871 O O   . HOH B 2 .   ? -0.42953  11.88174  -6.23614  1.000 36.97640 ? 345 HOH A O   1 
HETATM 872 O O   . HOH B 2 .   ? 8.02131   6.54991   -8.10245  1.000 21.42515 ? 346 HOH A O   1 
HETATM 873 O O   . HOH B 2 .   ? -2.99316  12.37972  12.16773  1.000 31.93969 ? 347 HOH A O   1 
HETATM 874 O O   . HOH B 2 .   ? 3.82260   -12.97906 5.53413   1.000 28.50613 ? 348 HOH A O   1 
HETATM 875 O O   . HOH B 2 .   ? 11.98488  3.88130   -2.31570  1.000 30.20568 ? 349 HOH A O   1 
HETATM 876 O O   . HOH B 2 .   ? 11.15914  3.35261   1.39560   1.000 20.07560 ? 350 HOH A O   1 
HETATM 877 O O   . HOH B 2 .   ? 4.88392   -6.66845  13.45933  1.000 29.08535 ? 351 HOH A O   1 
HETATM 878 O O   . HOH B 2 .   ? -6.50604  -9.60049  -11.22267 1.000 26.42377 ? 352 HOH A O   1 
HETATM 879 O O   . HOH B 2 .   ? -8.19665  9.43896   -1.00369  1.000 31.03337 ? 353 HOH A O   1 
HETATM 880 O O   . HOH B 2 .   ? 9.39994   10.85656  3.26336   1.000 22.44292 ? 354 HOH A O   1 
HETATM 881 O O   . HOH B 2 .   ? 10.42373  -8.01971  4.89579   1.000 29.00052 ? 355 HOH A O   1 
HETATM 882 O O   . HOH B 2 .   ? -5.41796  6.63112   13.91724  1.000 31.36082 ? 356 HOH A O   1 
HETATM 883 O O   . HOH B 2 .   ? 1.62731   -6.93803  -19.11539 1.000 30.92274 ? 357 HOH A O   1 
HETATM 884 O O   . HOH B 2 .   ? 9.76412   -6.61544  1.62021   1.000 27.83900 ? 358 HOH A O   1 
HETATM 885 O O   . HOH B 2 .   ? -7.90640  -13.11612 5.68055   1.000 28.39156 ? 359 HOH A O   1 
HETATM 886 O O   . HOH B 2 .   ? -11.15960 -0.67612  5.63034   1.000 18.60751 ? 360 HOH A O   1 
HETATM 887 O O   . HOH B 2 .   ? -6.98567  0.39250   -11.42906 1.000 19.88217 ? 361 HOH A O   1 
HETATM 888 O O   . HOH B 2 .   ? -5.98028  15.38140  6.10786   1.000 38.27007 ? 362 HOH A O   1 
HETATM 889 O O   . HOH B 2 .   ? -5.77961  -11.45165 1.70127   1.000 22.49460 ? 363 HOH A O   1 
HETATM 890 O O   . HOH B 2 .   ? 2.71671   -12.30407 9.99148   1.000 23.28270 ? 364 HOH A O   1 
HETATM 891 O O   . HOH B 2 .   ? -8.32953  0.05305   -8.91398  1.000 20.36468 ? 365 HOH A O   1 
HETATM 892 O O   . HOH B 2 .   ? 5.71067   11.91202  -3.35931  1.000 23.86453 ? 366 HOH A O   1 
HETATM 893 O O   . HOH B 2 .   ? -5.16270  -8.66493  -1.23789  1.000 27.29708 ? 367 HOH A O   1 
HETATM 894 O O   . HOH B 2 .   ? 2.86058   -16.72728 -9.76905  1.000 28.74122 ? 368 HOH A O   1 
HETATM 895 O O   . HOH B 2 .   ? 2.14157   -2.80762  12.14247  1.000 31.88130 ? 369 HOH A O   1 
HETATM 896 O O   . HOH B 2 .   ? -11.41579 -8.78663  -3.05201  1.000 21.52512 ? 370 HOH A O   1 
HETATM 897 O O   . HOH B 2 .   ? -6.28456  0.43723   11.29684  1.000 25.69490 ? 371 HOH A O   1 
HETATM 898 O O   . HOH B 2 .   ? -14.72360 -0.42813  -1.44170  1.000 32.68331 ? 372 HOH A O   1 
HETATM 899 O O   . HOH B 2 .   ? -3.01822  -13.70180 -2.40373  1.000 23.48458 ? 373 HOH A O   1 
HETATM 900 O O   . HOH B 2 .   ? 0.90185   4.10064   -9.92771  1.000 30.03906 ? 374 HOH A O   1 
HETATM 901 O O   . HOH B 2 .   ? 12.95570  -9.34857  -4.52484  1.000 41.00483 ? 375 HOH A O   1 
HETATM 902 O O   . HOH B 2 .   ? -7.74915  -14.13124 -9.16223  1.000 32.73223 ? 376 HOH A O   1 
HETATM 903 O O   . HOH B 2 .   ? 10.57566  6.75269   -5.22357  1.000 27.93725 ? 377 HOH A O   1 
HETATM 904 O O   . HOH B 2 .   ? -9.57346  -10.03199 -15.23517 1.000 29.27193 ? 378 HOH A O   1 
HETATM 905 O O   . HOH B 2 .   ? 1.53599   9.66129   -8.41018  1.000 31.67095 ? 379 HOH A O   1 
HETATM 906 O O   . HOH B 2 .   ? -11.04280 -13.30149 5.40840   1.000 33.11996 ? 380 HOH A O   1 
HETATM 907 O O   . HOH B 2 .   ? 0.97378   16.05983  9.70932   1.000 34.70421 ? 381 HOH A O   1 
HETATM 908 O O   . HOH B 2 .   ? 1.87997   -4.46606  13.81857  1.000 34.54279 ? 382 HOH A O   1 
HETATM 909 O O   . HOH B 2 .   ? -1.11736  -5.13268  13.35271  1.000 31.95422 ? 383 HOH A O   1 
HETATM 910 O O   . HOH B 2 .   ? -15.58705 -0.14592  6.05127   1.000 25.96752 ? 384 HOH A O   1 
HETATM 911 O O   . HOH B 2 .   ? -13.21476 0.69539   4.24267   1.000 22.35361 ? 385 HOH A O   1 
HETATM 912 O O   . HOH B 2 .   ? 8.22866   -7.15643  3.44239   1.000 27.65472 ? 386 HOH A O   1 
HETATM 913 O O   . HOH B 2 .   ? -9.00596  -11.79534 -13.35504 1.000 33.71585 ? 387 HOH A O   1 
HETATM 914 O O   . HOH B 2 .   ? -15.25924 6.47079   8.32196   1.000 37.88038 ? 388 HOH A O   1 
HETATM 915 O O   . HOH B 2 .   ? -10.43507 -0.57855  10.09569  1.000 23.45319 ? 389 HOH A O   1 
HETATM 916 O O   . HOH B 2 .   ? -10.59099 3.08124   -5.45322  1.000 29.28650 ? 390 HOH A O   1 
HETATM 917 O O   . HOH B 2 .   ? 11.21772  -11.73363 -3.81591  1.000 42.60159 ? 391 HOH A O   1 
HETATM 918 O O   . HOH B 2 .   ? -13.05803 -9.45440  1.18282   1.000 30.88643 ? 392 HOH A O   1 
HETATM 919 O O   . HOH B 2 .   ? -4.47917  8.57857   15.37506  1.000 35.01356 ? 393 HOH A O   1 
HETATM 920 O O   . HOH B 2 .   ? -18.67487 3.30592   6.83629   1.000 32.75914 ? 394 HOH A O   1 
HETATM 921 O O   . HOH B 2 .   ? 12.99770  12.38504  5.48905   1.000 35.32970 ? 395 HOH A O   1 
HETATM 922 O O   . HOH B 2 .   ? -18.10320 0.74874   5.21644   1.000 31.89788 ? 396 HOH A O   1 
HETATM 923 O O   . HOH B 2 .   ? 12.17354  0.67019   5.09094   1.000 32.65712 ? 397 HOH A O   1 
HETATM 924 O O   . HOH B 2 .   ? -10.33699 -13.59403 -9.88674  1.000 37.58542 ? 398 HOH A O   1 
HETATM 925 O O   . HOH B 2 .   ? 4.19053   -2.98214  14.75622  1.000 33.41916 ? 399 HOH A O   1 
HETATM 926 O O   . HOH B 2 .   ? 1.96196   15.40904  -2.51094  1.000 36.68019 ? 400 HOH A O   1 
HETATM 927 O O   . HOH B 2 .   ? 11.56486  -10.33782 4.67671   1.000 31.29419 ? 401 HOH A O   1 
HETATM 928 O O   . HOH B 2 .   ? -18.61237 -3.69266  -7.37489  1.000 42.91295 ? 402 HOH A O   1 
HETATM 929 O O   . HOH B 2 .   ? 12.40161  -10.20416 2.12875   1.000 38.08175 ? 403 HOH A O   1 
HETATM 930 O O   . HOH B 2 .   ? -17.41249 -2.55396  -5.83188  1.000 44.13818 ? 404 HOH A O   1 
# 
